data_3R7G
# 
_entry.id   3R7G 
# 
_audit_conform.dict_name       mmcif_pdbx.dic 
_audit_conform.dict_version    5.387 
_audit_conform.dict_location   http://mmcif.pdb.org/dictionaries/ascii/mmcif_pdbx.dic 
# 
loop_
_database_2.database_id 
_database_2.database_code 
_database_2.pdbx_database_accession 
_database_2.pdbx_DOI 
PDB   3R7G         pdb_00003r7g 10.2210/pdb3r7g/pdb 
RCSB  RCSB064584   ?            ?                   
WWPDB D_1000064584 ?            ?                   
# 
loop_
_pdbx_audit_revision_history.ordinal 
_pdbx_audit_revision_history.data_content_type 
_pdbx_audit_revision_history.major_revision 
_pdbx_audit_revision_history.minor_revision 
_pdbx_audit_revision_history.revision_date 
1 'Structure model' 1 0 2011-07-06 
2 'Structure model' 1 1 2011-07-13 
3 'Structure model' 1 2 2024-02-21 
# 
_pdbx_audit_revision_details.ordinal             1 
_pdbx_audit_revision_details.revision_ordinal    1 
_pdbx_audit_revision_details.data_content_type   'Structure model' 
_pdbx_audit_revision_details.provider            repository 
_pdbx_audit_revision_details.type                'Initial release' 
_pdbx_audit_revision_details.description         ? 
_pdbx_audit_revision_details.details             ? 
# 
loop_
_pdbx_audit_revision_group.ordinal 
_pdbx_audit_revision_group.revision_ordinal 
_pdbx_audit_revision_group.data_content_type 
_pdbx_audit_revision_group.group 
1 2 'Structure model' 'Version format compliance' 
2 3 'Structure model' 'Data collection'           
3 3 'Structure model' 'Database references'       
# 
loop_
_pdbx_audit_revision_category.ordinal 
_pdbx_audit_revision_category.revision_ordinal 
_pdbx_audit_revision_category.data_content_type 
_pdbx_audit_revision_category.category 
1 3 'Structure model' chem_comp_atom     
2 3 'Structure model' chem_comp_bond     
3 3 'Structure model' database_2         
4 3 'Structure model' struct_ref_seq_dif 
# 
loop_
_pdbx_audit_revision_item.ordinal 
_pdbx_audit_revision_item.revision_ordinal 
_pdbx_audit_revision_item.data_content_type 
_pdbx_audit_revision_item.item 
1 3 'Structure model' '_database_2.pdbx_DOI'                
2 3 'Structure model' '_database_2.pdbx_database_accession' 
3 3 'Structure model' '_struct_ref_seq_dif.details'         
# 
_pdbx_database_status.status_code                     REL 
_pdbx_database_status.entry_id                        3R7G 
_pdbx_database_status.recvd_initial_deposition_date   2011-03-22 
_pdbx_database_status.deposit_site                    RCSB 
_pdbx_database_status.process_site                    RCSB 
_pdbx_database_status.status_code_sf                  REL 
_pdbx_database_status.status_code_mr                  ? 
_pdbx_database_status.SG_entry                        ? 
_pdbx_database_status.status_code_cs                  ? 
_pdbx_database_status.pdb_format_compatible           Y 
_pdbx_database_status.status_code_nmr_data            ? 
_pdbx_database_status.methods_development_category    ? 
# 
_pdbx_database_related.db_name        PDB 
_pdbx_database_related.db_id          3RBW 
_pdbx_database_related.details        . 
_pdbx_database_related.content_type   unspecified 
# 
loop_
_audit_author.name 
_audit_author.pdbx_ordinal 
'Kreutz, B.'     1 
'Vizcarra, C.L.' 2 
'Rodal, A.A.'    3 
'Toms, A.V.'     4 
'Lu, J.'         5 
'Quinlan, M.E.'  6 
'Eck, M.J.'      7 
# 
_citation.id                        primary 
_citation.title                     'Structure of the Spire KIND domain and insights into its interaction with Fmn-family formins' 
_citation.journal_abbrev            Proc.Natl.Acad.Sci.USA 
_citation.journal_volume            ? 
_citation.page_first                ? 
_citation.page_last                 ? 
_citation.year                      2011 
_citation.journal_id_ASTM           PNASA6 
_citation.country                   US 
_citation.journal_id_ISSN           1091-6490 
_citation.journal_id_CSD            0040 
_citation.book_publisher            ? 
_citation.pdbx_database_id_PubMed   ? 
_citation.pdbx_database_id_DOI      ? 
# 
loop_
_citation_author.citation_id 
_citation_author.name 
_citation_author.ordinal 
_citation_author.identifier_ORCID 
primary 'Vizcarra, C.' 1 ? 
primary 'Kreutz, B.'   2 ? 
primary 'Rodal, A.'    3 ? 
primary 'Toms, A.'     4 ? 
primary 'Lu, J.'       5 ? 
primary 'Zheng, W.'    6 ? 
primary 'Quinlan, M.'  7 ? 
primary 'Eck, M.'      8 ? 
# 
loop_
_entity.id 
_entity.type 
_entity.src_method 
_entity.pdbx_description 
_entity.formula_weight 
_entity.pdbx_number_of_molecules 
_entity.pdbx_ec 
_entity.pdbx_mutation 
_entity.pdbx_fragment 
_entity.details 
1 polymer man 'Protein spire homolog 1' 24027.785 1  ? ? 'KIND domain (UNP residues 20-237)'   ? 
2 polymer man Formin-2                  2538.105  1  ? ? 'FSI domain (UNP residues 1701-1722)' ? 
3 water   nat water                     18.015    85 ? ? ?                                     ? 
# 
_entity_name_com.entity_id   1 
_entity_name_com.name        Spir-1 
# 
loop_
_entity_poly.entity_id 
_entity_poly.type 
_entity_poly.nstd_linkage 
_entity_poly.nstd_monomer 
_entity_poly.pdbx_seq_one_letter_code 
_entity_poly.pdbx_seq_one_letter_code_can 
_entity_poly.pdbx_strand_id 
_entity_poly.pdbx_target_identifier 
1 'polypeptide(L)' no no 
;GSGEGPREPGAAGGAAGGSRDALSLEEILRLYNQPINEEQAWAVCYQCCGSLRAAARRRQPRHRVRSAAQIRVWRDGAVT
LAPAADDAGEPPPVAGKLGYSQCMETEVIESLGIIIYKALDYGLKENEERELSPPLEQLIDHMANTVEADGSNDEGYEAA
EEGLGDEDEKRKISAIRSYRDVMKLCAAHLPTESDAPNHYQAVCRALFAETMELHTFLTK
;
;GSGEGPREPGAAGGAAGGSRDALSLEEILRLYNQPINEEQAWAVCYQCCGSLRAAARRRQPRHRVRSAAQIRVWRDGAVT
LAPAADDAGEPPPVAGKLGYSQCMETEVIESLGIIIYKALDYGLKENEERELSPPLEQLIDHMANTVEADGSNDEGYEAA
EEGLGDEDEKRKISAIRSYRDVMKLCAAHLPTESDAPNHYQAVCRALFAETMELHTFLTK
;
A ? 
2 'polypeptide(L)' no no KSLYKIKPRHDSGIKAKISMKT KSLYKIKPRHDSGIKAKISMKT B ? 
# 
_pdbx_entity_nonpoly.entity_id   3 
_pdbx_entity_nonpoly.name        water 
_pdbx_entity_nonpoly.comp_id     HOH 
# 
loop_
_entity_poly_seq.entity_id 
_entity_poly_seq.num 
_entity_poly_seq.mon_id 
_entity_poly_seq.hetero 
1 1   GLY n 
1 2   SER n 
1 3   GLY n 
1 4   GLU n 
1 5   GLY n 
1 6   PRO n 
1 7   ARG n 
1 8   GLU n 
1 9   PRO n 
1 10  GLY n 
1 11  ALA n 
1 12  ALA n 
1 13  GLY n 
1 14  GLY n 
1 15  ALA n 
1 16  ALA n 
1 17  GLY n 
1 18  GLY n 
1 19  SER n 
1 20  ARG n 
1 21  ASP n 
1 22  ALA n 
1 23  LEU n 
1 24  SER n 
1 25  LEU n 
1 26  GLU n 
1 27  GLU n 
1 28  ILE n 
1 29  LEU n 
1 30  ARG n 
1 31  LEU n 
1 32  TYR n 
1 33  ASN n 
1 34  GLN n 
1 35  PRO n 
1 36  ILE n 
1 37  ASN n 
1 38  GLU n 
1 39  GLU n 
1 40  GLN n 
1 41  ALA n 
1 42  TRP n 
1 43  ALA n 
1 44  VAL n 
1 45  CYS n 
1 46  TYR n 
1 47  GLN n 
1 48  CYS n 
1 49  CYS n 
1 50  GLY n 
1 51  SER n 
1 52  LEU n 
1 53  ARG n 
1 54  ALA n 
1 55  ALA n 
1 56  ALA n 
1 57  ARG n 
1 58  ARG n 
1 59  ARG n 
1 60  GLN n 
1 61  PRO n 
1 62  ARG n 
1 63  HIS n 
1 64  ARG n 
1 65  VAL n 
1 66  ARG n 
1 67  SER n 
1 68  ALA n 
1 69  ALA n 
1 70  GLN n 
1 71  ILE n 
1 72  ARG n 
1 73  VAL n 
1 74  TRP n 
1 75  ARG n 
1 76  ASP n 
1 77  GLY n 
1 78  ALA n 
1 79  VAL n 
1 80  THR n 
1 81  LEU n 
1 82  ALA n 
1 83  PRO n 
1 84  ALA n 
1 85  ALA n 
1 86  ASP n 
1 87  ASP n 
1 88  ALA n 
1 89  GLY n 
1 90  GLU n 
1 91  PRO n 
1 92  PRO n 
1 93  PRO n 
1 94  VAL n 
1 95  ALA n 
1 96  GLY n 
1 97  LYS n 
1 98  LEU n 
1 99  GLY n 
1 100 TYR n 
1 101 SER n 
1 102 GLN n 
1 103 CYS n 
1 104 MET n 
1 105 GLU n 
1 106 THR n 
1 107 GLU n 
1 108 VAL n 
1 109 ILE n 
1 110 GLU n 
1 111 SER n 
1 112 LEU n 
1 113 GLY n 
1 114 ILE n 
1 115 ILE n 
1 116 ILE n 
1 117 TYR n 
1 118 LYS n 
1 119 ALA n 
1 120 LEU n 
1 121 ASP n 
1 122 TYR n 
1 123 GLY n 
1 124 LEU n 
1 125 LYS n 
1 126 GLU n 
1 127 ASN n 
1 128 GLU n 
1 129 GLU n 
1 130 ARG n 
1 131 GLU n 
1 132 LEU n 
1 133 SER n 
1 134 PRO n 
1 135 PRO n 
1 136 LEU n 
1 137 GLU n 
1 138 GLN n 
1 139 LEU n 
1 140 ILE n 
1 141 ASP n 
1 142 HIS n 
1 143 MET n 
1 144 ALA n 
1 145 ASN n 
1 146 THR n 
1 147 VAL n 
1 148 GLU n 
1 149 ALA n 
1 150 ASP n 
1 151 GLY n 
1 152 SER n 
1 153 ASN n 
1 154 ASP n 
1 155 GLU n 
1 156 GLY n 
1 157 TYR n 
1 158 GLU n 
1 159 ALA n 
1 160 ALA n 
1 161 GLU n 
1 162 GLU n 
1 163 GLY n 
1 164 LEU n 
1 165 GLY n 
1 166 ASP n 
1 167 GLU n 
1 168 ASP n 
1 169 GLU n 
1 170 LYS n 
1 171 ARG n 
1 172 LYS n 
1 173 ILE n 
1 174 SER n 
1 175 ALA n 
1 176 ILE n 
1 177 ARG n 
1 178 SER n 
1 179 TYR n 
1 180 ARG n 
1 181 ASP n 
1 182 VAL n 
1 183 MET n 
1 184 LYS n 
1 185 LEU n 
1 186 CYS n 
1 187 ALA n 
1 188 ALA n 
1 189 HIS n 
1 190 LEU n 
1 191 PRO n 
1 192 THR n 
1 193 GLU n 
1 194 SER n 
1 195 ASP n 
1 196 ALA n 
1 197 PRO n 
1 198 ASN n 
1 199 HIS n 
1 200 TYR n 
1 201 GLN n 
1 202 ALA n 
1 203 VAL n 
1 204 CYS n 
1 205 ARG n 
1 206 ALA n 
1 207 LEU n 
1 208 PHE n 
1 209 ALA n 
1 210 GLU n 
1 211 THR n 
1 212 MET n 
1 213 GLU n 
1 214 LEU n 
1 215 HIS n 
1 216 THR n 
1 217 PHE n 
1 218 LEU n 
1 219 THR n 
1 220 LYS n 
2 1   LYS n 
2 2   SER n 
2 3   LEU n 
2 4   TYR n 
2 5   LYS n 
2 6   ILE n 
2 7   LYS n 
2 8   PRO n 
2 9   ARG n 
2 10  HIS n 
2 11  ASP n 
2 12  SER n 
2 13  GLY n 
2 14  ILE n 
2 15  LYS n 
2 16  ALA n 
2 17  LYS n 
2 18  ILE n 
2 19  SER n 
2 20  MET n 
2 21  LYS n 
2 22  THR n 
# 
loop_
_entity_src_gen.entity_id 
_entity_src_gen.pdbx_src_id 
_entity_src_gen.pdbx_alt_source_flag 
_entity_src_gen.pdbx_seq_type 
_entity_src_gen.pdbx_beg_seq_num 
_entity_src_gen.pdbx_end_seq_num 
_entity_src_gen.gene_src_common_name 
_entity_src_gen.gene_src_genus 
_entity_src_gen.pdbx_gene_src_gene 
_entity_src_gen.gene_src_species 
_entity_src_gen.gene_src_strain 
_entity_src_gen.gene_src_tissue 
_entity_src_gen.gene_src_tissue_fraction 
_entity_src_gen.gene_src_details 
_entity_src_gen.pdbx_gene_src_fragment 
_entity_src_gen.pdbx_gene_src_scientific_name 
_entity_src_gen.pdbx_gene_src_ncbi_taxonomy_id 
_entity_src_gen.pdbx_gene_src_variant 
_entity_src_gen.pdbx_gene_src_cell_line 
_entity_src_gen.pdbx_gene_src_atcc 
_entity_src_gen.pdbx_gene_src_organ 
_entity_src_gen.pdbx_gene_src_organelle 
_entity_src_gen.pdbx_gene_src_cell 
_entity_src_gen.pdbx_gene_src_cellular_location 
_entity_src_gen.host_org_common_name 
_entity_src_gen.pdbx_host_org_scientific_name 
_entity_src_gen.pdbx_host_org_ncbi_taxonomy_id 
_entity_src_gen.host_org_genus 
_entity_src_gen.pdbx_host_org_gene 
_entity_src_gen.pdbx_host_org_organ 
_entity_src_gen.host_org_species 
_entity_src_gen.pdbx_host_org_tissue 
_entity_src_gen.pdbx_host_org_tissue_fraction 
_entity_src_gen.pdbx_host_org_strain 
_entity_src_gen.pdbx_host_org_variant 
_entity_src_gen.pdbx_host_org_cell_line 
_entity_src_gen.pdbx_host_org_atcc 
_entity_src_gen.pdbx_host_org_culture_collection 
_entity_src_gen.pdbx_host_org_cell 
_entity_src_gen.pdbx_host_org_organelle 
_entity_src_gen.pdbx_host_org_cellular_location 
_entity_src_gen.pdbx_host_org_vector_type 
_entity_src_gen.pdbx_host_org_vector 
_entity_src_gen.host_org_details 
_entity_src_gen.expression_system_id 
_entity_src_gen.plasmid_name 
_entity_src_gen.plasmid_details 
_entity_src_gen.pdbx_description 
1 1 sample ? ? ? human ? 'SPIRE1, KIAA1135, SPIR1' ? ? ? ? 'Spir1 KIND 20-237' ? 'Homo sapiens' 9606 ? ? ? ? ? ? ? ? 
'Escherichia coli' 562 ? ? ? ? ? ? BL21DE3 ? ? ? ? ? ? ? plasmid ? ? ? 'pET HisTT' ? ? 
2 1 sample ? ? ? human ? FMN2                      ? ? ? ? 'Fmn2 1700-1722'    ? 'Homo sapiens' 9606 ? ? ? ? ? ? ? ? 
'Escherichia coli' 562 ? ? ? ? ? ? BL21DE3 ? ? ? ? ? ? ? plasmid ? ? ? 'pET GST'   ? ? 
# 
loop_
_chem_comp.id 
_chem_comp.type 
_chem_comp.mon_nstd_flag 
_chem_comp.name 
_chem_comp.pdbx_synonyms 
_chem_comp.formula 
_chem_comp.formula_weight 
ALA 'L-peptide linking' y ALANINE         ? 'C3 H7 N O2'     89.093  
ARG 'L-peptide linking' y ARGININE        ? 'C6 H15 N4 O2 1' 175.209 
ASN 'L-peptide linking' y ASPARAGINE      ? 'C4 H8 N2 O3'    132.118 
ASP 'L-peptide linking' y 'ASPARTIC ACID' ? 'C4 H7 N O4'     133.103 
CYS 'L-peptide linking' y CYSTEINE        ? 'C3 H7 N O2 S'   121.158 
GLN 'L-peptide linking' y GLUTAMINE       ? 'C5 H10 N2 O3'   146.144 
GLU 'L-peptide linking' y 'GLUTAMIC ACID' ? 'C5 H9 N O4'     147.129 
GLY 'peptide linking'   y GLYCINE         ? 'C2 H5 N O2'     75.067  
HIS 'L-peptide linking' y HISTIDINE       ? 'C6 H10 N3 O2 1' 156.162 
HOH non-polymer         . WATER           ? 'H2 O'           18.015  
ILE 'L-peptide linking' y ISOLEUCINE      ? 'C6 H13 N O2'    131.173 
LEU 'L-peptide linking' y LEUCINE         ? 'C6 H13 N O2'    131.173 
LYS 'L-peptide linking' y LYSINE          ? 'C6 H15 N2 O2 1' 147.195 
MET 'L-peptide linking' y METHIONINE      ? 'C5 H11 N O2 S'  149.211 
PHE 'L-peptide linking' y PHENYLALANINE   ? 'C9 H11 N O2'    165.189 
PRO 'L-peptide linking' y PROLINE         ? 'C5 H9 N O2'     115.130 
SER 'L-peptide linking' y SERINE          ? 'C3 H7 N O3'     105.093 
THR 'L-peptide linking' y THREONINE       ? 'C4 H9 N O3'     119.119 
TRP 'L-peptide linking' y TRYPTOPHAN      ? 'C11 H12 N2 O2'  204.225 
TYR 'L-peptide linking' y TYROSINE        ? 'C9 H11 N O3'    181.189 
VAL 'L-peptide linking' y VALINE          ? 'C5 H11 N O2'    117.146 
# 
loop_
_pdbx_poly_seq_scheme.asym_id 
_pdbx_poly_seq_scheme.entity_id 
_pdbx_poly_seq_scheme.seq_id 
_pdbx_poly_seq_scheme.mon_id 
_pdbx_poly_seq_scheme.ndb_seq_num 
_pdbx_poly_seq_scheme.pdb_seq_num 
_pdbx_poly_seq_scheme.auth_seq_num 
_pdbx_poly_seq_scheme.pdb_mon_id 
_pdbx_poly_seq_scheme.auth_mon_id 
_pdbx_poly_seq_scheme.pdb_strand_id 
_pdbx_poly_seq_scheme.pdb_ins_code 
_pdbx_poly_seq_scheme.hetero 
A 1 1   GLY 1   18   ?    ?   ?   A . n 
A 1 2   SER 2   19   ?    ?   ?   A . n 
A 1 3   GLY 3   20   ?    ?   ?   A . n 
A 1 4   GLU 4   21   ?    ?   ?   A . n 
A 1 5   GLY 5   22   ?    ?   ?   A . n 
A 1 6   PRO 6   23   ?    ?   ?   A . n 
A 1 7   ARG 7   24   ?    ?   ?   A . n 
A 1 8   GLU 8   25   ?    ?   ?   A . n 
A 1 9   PRO 9   26   ?    ?   ?   A . n 
A 1 10  GLY 10  27   ?    ?   ?   A . n 
A 1 11  ALA 11  28   ?    ?   ?   A . n 
A 1 12  ALA 12  29   ?    ?   ?   A . n 
A 1 13  GLY 13  30   ?    ?   ?   A . n 
A 1 14  GLY 14  31   ?    ?   ?   A . n 
A 1 15  ALA 15  32   ?    ?   ?   A . n 
A 1 16  ALA 16  33   ?    ?   ?   A . n 
A 1 17  GLY 17  34   ?    ?   ?   A . n 
A 1 18  GLY 18  35   ?    ?   ?   A . n 
A 1 19  SER 19  36   ?    ?   ?   A . n 
A 1 20  ARG 20  37   37   ARG ARG A . n 
A 1 21  ASP 21  38   38   ASP ASP A . n 
A 1 22  ALA 22  39   39   ALA ALA A . n 
A 1 23  LEU 23  40   40   LEU LEU A . n 
A 1 24  SER 24  41   41   SER SER A . n 
A 1 25  LEU 25  42   42   LEU LEU A . n 
A 1 26  GLU 26  43   43   GLU GLU A . n 
A 1 27  GLU 27  44   44   GLU GLU A . n 
A 1 28  ILE 28  45   45   ILE ILE A . n 
A 1 29  LEU 29  46   46   LEU LEU A . n 
A 1 30  ARG 30  47   47   ARG ARG A . n 
A 1 31  LEU 31  48   48   LEU LEU A . n 
A 1 32  TYR 32  49   49   TYR TYR A . n 
A 1 33  ASN 33  50   50   ASN ASN A . n 
A 1 34  GLN 34  51   51   GLN GLN A . n 
A 1 35  PRO 35  52   52   PRO PRO A . n 
A 1 36  ILE 36  53   53   ILE ILE A . n 
A 1 37  ASN 37  54   54   ASN ASN A . n 
A 1 38  GLU 38  55   55   GLU GLU A . n 
A 1 39  GLU 39  56   56   GLU GLU A . n 
A 1 40  GLN 40  57   57   GLN GLN A . n 
A 1 41  ALA 41  58   58   ALA ALA A . n 
A 1 42  TRP 42  59   59   TRP TRP A . n 
A 1 43  ALA 43  60   60   ALA ALA A . n 
A 1 44  VAL 44  61   61   VAL VAL A . n 
A 1 45  CYS 45  62   62   CYS CYS A . n 
A 1 46  TYR 46  63   63   TYR TYR A . n 
A 1 47  GLN 47  64   64   GLN GLN A . n 
A 1 48  CYS 48  65   65   CYS CYS A . n 
A 1 49  CYS 49  66   66   CYS CYS A . n 
A 1 50  GLY 50  67   67   GLY GLY A . n 
A 1 51  SER 51  68   68   SER SER A . n 
A 1 52  LEU 52  69   69   LEU LEU A . n 
A 1 53  ARG 53  70   70   ARG ARG A . n 
A 1 54  ALA 54  71   71   ALA ALA A . n 
A 1 55  ALA 55  72   72   ALA ALA A . n 
A 1 56  ALA 56  73   73   ALA ALA A . n 
A 1 57  ARG 57  74   74   ARG ARG A . n 
A 1 58  ARG 58  75   75   ARG ARG A . n 
A 1 59  ARG 59  76   76   ARG ARG A . n 
A 1 60  GLN 60  77   77   GLN GLN A . n 
A 1 61  PRO 61  78   78   PRO PRO A . n 
A 1 62  ARG 62  79   79   ARG ARG A . n 
A 1 63  HIS 63  80   80   HIS HIS A . n 
A 1 64  ARG 64  81   81   ARG ARG A . n 
A 1 65  VAL 65  82   82   VAL VAL A . n 
A 1 66  ARG 66  83   83   ARG ARG A . n 
A 1 67  SER 67  84   84   SER SER A . n 
A 1 68  ALA 68  85   85   ALA ALA A . n 
A 1 69  ALA 69  86   86   ALA ALA A . n 
A 1 70  GLN 70  87   87   GLN GLN A . n 
A 1 71  ILE 71  88   88   ILE ILE A . n 
A 1 72  ARG 72  89   89   ARG ARG A . n 
A 1 73  VAL 73  90   90   VAL VAL A . n 
A 1 74  TRP 74  91   91   TRP TRP A . n 
A 1 75  ARG 75  92   92   ARG ARG A . n 
A 1 76  ASP 76  93   93   ASP ASP A . n 
A 1 77  GLY 77  94   94   GLY GLY A . n 
A 1 78  ALA 78  95   95   ALA ALA A . n 
A 1 79  VAL 79  96   96   VAL VAL A . n 
A 1 80  THR 80  97   97   THR THR A . n 
A 1 81  LEU 81  98   98   LEU LEU A . n 
A 1 82  ALA 82  99   99   ALA ALA A . n 
A 1 83  PRO 83  100  100  PRO PRO A . n 
A 1 84  ALA 84  101  101  ALA ALA A . n 
A 1 85  ALA 85  102  102  ALA ALA A . n 
A 1 86  ASP 86  103  103  ASP ASP A . n 
A 1 87  ASP 87  104  ?    ?   ?   A . n 
A 1 88  ALA 88  105  ?    ?   ?   A . n 
A 1 89  GLY 89  106  ?    ?   ?   A . n 
A 1 90  GLU 90  107  ?    ?   ?   A . n 
A 1 91  PRO 91  108  ?    ?   ?   A . n 
A 1 92  PRO 92  109  ?    ?   ?   A . n 
A 1 93  PRO 93  110  ?    ?   ?   A . n 
A 1 94  VAL 94  111  ?    ?   ?   A . n 
A 1 95  ALA 95  112  ?    ?   ?   A . n 
A 1 96  GLY 96  113  ?    ?   ?   A . n 
A 1 97  LYS 97  114  ?    ?   ?   A . n 
A 1 98  LEU 98  115  ?    ?   ?   A . n 
A 1 99  GLY 99  116  ?    ?   ?   A . n 
A 1 100 TYR 100 117  ?    ?   ?   A . n 
A 1 101 SER 101 118  ?    ?   ?   A . n 
A 1 102 GLN 102 119  119  GLN GLN A . n 
A 1 103 CYS 103 120  120  CYS CYS A . n 
A 1 104 MET 104 121  121  MET MET A . n 
A 1 105 GLU 105 122  122  GLU GLU A . n 
A 1 106 THR 106 123  123  THR THR A . n 
A 1 107 GLU 107 124  124  GLU GLU A . n 
A 1 108 VAL 108 125  125  VAL VAL A . n 
A 1 109 ILE 109 126  126  ILE ILE A . n 
A 1 110 GLU 110 127  127  GLU GLU A . n 
A 1 111 SER 111 128  128  SER SER A . n 
A 1 112 LEU 112 129  129  LEU LEU A . n 
A 1 113 GLY 113 130  130  GLY GLY A . n 
A 1 114 ILE 114 131  131  ILE ILE A . n 
A 1 115 ILE 115 132  132  ILE ILE A . n 
A 1 116 ILE 116 133  133  ILE ILE A . n 
A 1 117 TYR 117 134  134  TYR TYR A . n 
A 1 118 LYS 118 135  135  LYS LYS A . n 
A 1 119 ALA 119 136  136  ALA ALA A . n 
A 1 120 LEU 120 137  137  LEU LEU A . n 
A 1 121 ASP 121 138  138  ASP ASP A . n 
A 1 122 TYR 122 139  139  TYR TYR A . n 
A 1 123 GLY 123 140  140  GLY GLY A . n 
A 1 124 LEU 124 141  141  LEU LEU A . n 
A 1 125 LYS 125 142  142  LYS LYS A . n 
A 1 126 GLU 126 143  143  GLU GLU A . n 
A 1 127 ASN 127 144  144  ASN ASN A . n 
A 1 128 GLU 128 145  145  GLU GLU A . n 
A 1 129 GLU 129 146  146  GLU GLU A . n 
A 1 130 ARG 130 147  147  ARG ARG A . n 
A 1 131 GLU 131 148  148  GLU GLU A . n 
A 1 132 LEU 132 149  149  LEU LEU A . n 
A 1 133 SER 133 150  150  SER SER A . n 
A 1 134 PRO 134 151  151  PRO PRO A . n 
A 1 135 PRO 135 152  152  PRO PRO A . n 
A 1 136 LEU 136 153  153  LEU LEU A . n 
A 1 137 GLU 137 154  154  GLU GLU A . n 
A 1 138 GLN 138 155  155  GLN GLN A . n 
A 1 139 LEU 139 156  156  LEU LEU A . n 
A 1 140 ILE 140 157  157  ILE ILE A . n 
A 1 141 ASP 141 158  158  ASP ASP A . n 
A 1 142 HIS 142 159  159  HIS HIS A . n 
A 1 143 MET 143 160  160  MET MET A . n 
A 1 144 ALA 144 161  161  ALA ALA A . n 
A 1 145 ASN 145 162  162  ASN ASN A . n 
A 1 146 THR 146 163  163  THR THR A . n 
A 1 147 VAL 147 164  164  VAL VAL A . n 
A 1 148 GLU 148 165  165  GLU GLU A . n 
A 1 149 ALA 149 166  ?    ?   ?   A . n 
A 1 150 ASP 150 167  ?    ?   ?   A . n 
A 1 151 GLY 151 168  ?    ?   ?   A . n 
A 1 152 SER 152 169  ?    ?   ?   A . n 
A 1 153 ASN 153 170  ?    ?   ?   A . n 
A 1 154 ASP 154 171  ?    ?   ?   A . n 
A 1 155 GLU 155 172  ?    ?   ?   A . n 
A 1 156 GLY 156 173  ?    ?   ?   A . n 
A 1 157 TYR 157 174  ?    ?   ?   A . n 
A 1 158 GLU 158 175  ?    ?   ?   A . n 
A 1 159 ALA 159 176  ?    ?   ?   A . n 
A 1 160 ALA 160 177  ?    ?   ?   A . n 
A 1 161 GLU 161 178  ?    ?   ?   A . n 
A 1 162 GLU 162 179  ?    ?   ?   A . n 
A 1 163 GLY 163 180  ?    ?   ?   A . n 
A 1 164 LEU 164 181  ?    ?   ?   A . n 
A 1 165 GLY 165 182  ?    ?   ?   A . n 
A 1 166 ASP 166 183  ?    ?   ?   A . n 
A 1 167 GLU 167 184  ?    ?   ?   A . n 
A 1 168 ASP 168 185  ?    ?   ?   A . n 
A 1 169 GLU 169 186  ?    ?   ?   A . n 
A 1 170 LYS 170 187  ?    ?   ?   A . n 
A 1 171 ARG 171 188  ?    ?   ?   A . n 
A 1 172 LYS 172 189  ?    ?   ?   A . n 
A 1 173 ILE 173 190  ?    ?   ?   A . n 
A 1 174 SER 174 191  ?    ?   ?   A . n 
A 1 175 ALA 175 192  192  ALA ALA A . n 
A 1 176 ILE 176 193  193  ILE ILE A . n 
A 1 177 ARG 177 194  194  ARG ARG A . n 
A 1 178 SER 178 195  195  SER SER A . n 
A 1 179 TYR 179 196  196  TYR TYR A . n 
A 1 180 ARG 180 197  197  ARG ARG A . n 
A 1 181 ASP 181 198  198  ASP ASP A . n 
A 1 182 VAL 182 199  199  VAL VAL A . n 
A 1 183 MET 183 200  200  MET MET A . n 
A 1 184 LYS 184 201  201  LYS LYS A . n 
A 1 185 LEU 185 202  202  LEU LEU A . n 
A 1 186 CYS 186 203  203  CYS CYS A . n 
A 1 187 ALA 187 204  204  ALA ALA A . n 
A 1 188 ALA 188 205  205  ALA ALA A . n 
A 1 189 HIS 189 206  206  HIS HIS A . n 
A 1 190 LEU 190 207  207  LEU LEU A . n 
A 1 191 PRO 191 208  208  PRO PRO A . n 
A 1 192 THR 192 209  209  THR THR A . n 
A 1 193 GLU 193 210  210  GLU GLU A . n 
A 1 194 SER 194 211  211  SER SER A . n 
A 1 195 ASP 195 212  212  ASP ASP A . n 
A 1 196 ALA 196 213  213  ALA ALA A . n 
A 1 197 PRO 197 214  214  PRO PRO A . n 
A 1 198 ASN 198 215  215  ASN ASN A . n 
A 1 199 HIS 199 216  216  HIS HIS A . n 
A 1 200 TYR 200 217  217  TYR TYR A . n 
A 1 201 GLN 201 218  218  GLN GLN A . n 
A 1 202 ALA 202 219  219  ALA ALA A . n 
A 1 203 VAL 203 220  220  VAL VAL A . n 
A 1 204 CYS 204 221  221  CYS CYS A . n 
A 1 205 ARG 205 222  222  ARG ARG A . n 
A 1 206 ALA 206 223  223  ALA ALA A . n 
A 1 207 LEU 207 224  224  LEU LEU A . n 
A 1 208 PHE 208 225  225  PHE PHE A . n 
A 1 209 ALA 209 226  226  ALA ALA A . n 
A 1 210 GLU 210 227  227  GLU GLU A . n 
A 1 211 THR 211 228  228  THR THR A . n 
A 1 212 MET 212 229  229  MET MET A . n 
A 1 213 GLU 213 230  230  GLU GLU A . n 
A 1 214 LEU 214 231  231  LEU LEU A . n 
A 1 215 HIS 215 232  ?    ?   ?   A . n 
A 1 216 THR 216 233  ?    ?   ?   A . n 
A 1 217 PHE 217 234  ?    ?   ?   A . n 
A 1 218 LEU 218 235  ?    ?   ?   A . n 
A 1 219 THR 219 236  ?    ?   ?   A . n 
A 1 220 LYS 220 237  ?    ?   ?   A . n 
B 2 1   LYS 1   1701 ?    ?   ?   B . n 
B 2 2   SER 2   1702 ?    ?   ?   B . n 
B 2 3   LEU 3   1703 ?    ?   ?   B . n 
B 2 4   TYR 4   1704 1704 TYR TYR B . n 
B 2 5   LYS 5   1705 1705 LYS LYS B . n 
B 2 6   ILE 6   1706 1706 ILE ILE B . n 
B 2 7   LYS 7   1707 1707 LYS LYS B . n 
B 2 8   PRO 8   1708 1708 PRO PRO B . n 
B 2 9   ARG 9   1709 1709 ARG ARG B . n 
B 2 10  HIS 10  1710 1710 HIS HIS B . n 
B 2 11  ASP 11  1711 1711 ASP ASP B . n 
B 2 12  SER 12  1712 1712 SER SER B . n 
B 2 13  GLY 13  1713 1713 GLY GLY B . n 
B 2 14  ILE 14  1714 1714 ILE ILE B . n 
B 2 15  LYS 15  1715 1715 LYS LYS B . n 
B 2 16  ALA 16  1716 1716 ALA ALA B . n 
B 2 17  LYS 17  1717 1717 LYS LYS B . n 
B 2 18  ILE 18  1718 1718 ILE ILE B . n 
B 2 19  SER 19  1719 1719 SER SER B . n 
B 2 20  MET 20  1720 1720 MET MET B . n 
B 2 21  LYS 21  1721 1721 LYS LYS B . n 
B 2 22  THR 22  1722 1722 THR THR B . n 
# 
loop_
_pdbx_nonpoly_scheme.asym_id 
_pdbx_nonpoly_scheme.entity_id 
_pdbx_nonpoly_scheme.mon_id 
_pdbx_nonpoly_scheme.ndb_seq_num 
_pdbx_nonpoly_scheme.pdb_seq_num 
_pdbx_nonpoly_scheme.auth_seq_num 
_pdbx_nonpoly_scheme.pdb_mon_id 
_pdbx_nonpoly_scheme.auth_mon_id 
_pdbx_nonpoly_scheme.pdb_strand_id 
_pdbx_nonpoly_scheme.pdb_ins_code 
C 3 HOH 1  1   1  HOH HOH A . 
C 3 HOH 2  2   2  HOH HOH A . 
C 3 HOH 3  3   3  HOH HOH A . 
C 3 HOH 4  4   4  HOH HOH A . 
C 3 HOH 5  5   5  HOH HOH A . 
C 3 HOH 6  6   6  HOH HOH A . 
C 3 HOH 7  7   7  HOH HOH A . 
C 3 HOH 8  8   8  HOH HOH A . 
C 3 HOH 9  9   9  HOH HOH A . 
C 3 HOH 10 10  10 HOH HOH A . 
C 3 HOH 11 11  11 HOH HOH A . 
C 3 HOH 12 12  12 HOH HOH A . 
C 3 HOH 13 13  13 HOH HOH A . 
C 3 HOH 14 14  14 HOH HOH A . 
C 3 HOH 15 16  16 HOH HOH A . 
C 3 HOH 16 17  17 HOH HOH A . 
C 3 HOH 17 238 18 HOH HOH A . 
C 3 HOH 18 239 19 HOH HOH A . 
C 3 HOH 19 240 20 HOH HOH A . 
C 3 HOH 20 241 21 HOH HOH A . 
C 3 HOH 21 242 22 HOH HOH A . 
C 3 HOH 22 243 23 HOH HOH A . 
C 3 HOH 23 244 24 HOH HOH A . 
C 3 HOH 24 245 25 HOH HOH A . 
C 3 HOH 25 246 26 HOH HOH A . 
C 3 HOH 26 247 27 HOH HOH A . 
C 3 HOH 27 248 28 HOH HOH A . 
C 3 HOH 28 249 29 HOH HOH A . 
C 3 HOH 29 250 30 HOH HOH A . 
C 3 HOH 30 251 31 HOH HOH A . 
C 3 HOH 31 252 32 HOH HOH A . 
C 3 HOH 32 253 33 HOH HOH A . 
C 3 HOH 33 254 34 HOH HOH A . 
C 3 HOH 34 255 35 HOH HOH A . 
C 3 HOH 35 256 36 HOH HOH A . 
C 3 HOH 36 257 38 HOH HOH A . 
C 3 HOH 37 258 39 HOH HOH A . 
C 3 HOH 38 259 40 HOH HOH A . 
C 3 HOH 39 260 41 HOH HOH A . 
C 3 HOH 40 261 42 HOH HOH A . 
C 3 HOH 41 262 44 HOH HOH A . 
C 3 HOH 42 263 45 HOH HOH A . 
C 3 HOH 43 264 46 HOH HOH A . 
C 3 HOH 44 265 47 HOH HOH A . 
C 3 HOH 45 266 48 HOH HOH A . 
C 3 HOH 46 267 49 HOH HOH A . 
C 3 HOH 47 268 50 HOH HOH A . 
C 3 HOH 48 269 51 HOH HOH A . 
C 3 HOH 49 270 52 HOH HOH A . 
C 3 HOH 50 271 53 HOH HOH A . 
C 3 HOH 51 272 54 HOH HOH A . 
C 3 HOH 52 273 55 HOH HOH A . 
C 3 HOH 53 274 56 HOH HOH A . 
C 3 HOH 54 275 57 HOH HOH A . 
C 3 HOH 55 276 58 HOH HOH A . 
C 3 HOH 56 277 59 HOH HOH A . 
C 3 HOH 57 278 60 HOH HOH A . 
C 3 HOH 58 279 61 HOH HOH A . 
C 3 HOH 59 280 62 HOH HOH A . 
C 3 HOH 60 281 63 HOH HOH A . 
C 3 HOH 61 282 64 HOH HOH A . 
C 3 HOH 62 283 65 HOH HOH A . 
C 3 HOH 63 284 67 HOH HOH A . 
C 3 HOH 64 285 68 HOH HOH A . 
C 3 HOH 65 286 69 HOH HOH A . 
C 3 HOH 66 287 71 HOH HOH A . 
C 3 HOH 67 288 72 HOH HOH A . 
C 3 HOH 68 289 73 HOH HOH A . 
C 3 HOH 69 290 75 HOH HOH A . 
C 3 HOH 70 291 76 HOH HOH A . 
C 3 HOH 71 292 77 HOH HOH A . 
C 3 HOH 72 293 78 HOH HOH A . 
C 3 HOH 73 294 79 HOH HOH A . 
C 3 HOH 74 295 80 HOH HOH A . 
C 3 HOH 75 296 81 HOH HOH A . 
C 3 HOH 76 297 82 HOH HOH A . 
C 3 HOH 77 298 83 HOH HOH A . 
C 3 HOH 78 299 84 HOH HOH A . 
C 3 HOH 79 300 85 HOH HOH A . 
D 3 HOH 1  15  15 HOH HOH B . 
D 3 HOH 2  37  37 HOH HOH B . 
D 3 HOH 3  43  43 HOH HOH B . 
D 3 HOH 4  66  66 HOH HOH B . 
D 3 HOH 5  70  70 HOH HOH B . 
D 3 HOH 6  74  74 HOH HOH B . 
# 
loop_
_software.name 
_software.classification 
_software.version 
_software.citation_id 
_software.pdbx_ordinal 
MAR345dtb 'data collection' .        ? 1 
SHARP     phasing           .        ? 2 
REFMAC    refinement        5.5.0093 ? 3 
HKL-2000  'data reduction'  .        ? 4 
HKL-2000  'data scaling'    .        ? 5 
# 
_cell.entry_id           3R7G 
_cell.length_a           66.444 
_cell.length_b           66.444 
_cell.length_c           116.397 
_cell.angle_alpha        90.00 
_cell.angle_beta         90.00 
_cell.angle_gamma        90.00 
_cell.Z_PDB              8 
_cell.pdbx_unique_axis   ? 
_cell.length_a_esd       ? 
_cell.length_b_esd       ? 
_cell.length_c_esd       ? 
_cell.angle_alpha_esd    ? 
_cell.angle_beta_esd     ? 
_cell.angle_gamma_esd    ? 
# 
_symmetry.entry_id                         3R7G 
_symmetry.space_group_name_H-M             'P 43 21 2' 
_symmetry.pdbx_full_space_group_name_H-M   ? 
_symmetry.cell_setting                     ? 
_symmetry.Int_Tables_number                96 
_symmetry.space_group_name_Hall            ? 
# 
_exptl.entry_id          3R7G 
_exptl.method            'X-RAY DIFFRACTION' 
_exptl.crystals_number   ? 
# 
_exptl_crystal.id                    1 
_exptl_crystal.density_meas          ? 
_exptl_crystal.density_Matthews      2.42 
_exptl_crystal.density_percent_sol   49.13 
_exptl_crystal.description           ? 
_exptl_crystal.F_000                 ? 
_exptl_crystal.preparation           ? 
# 
_exptl_crystal_grow.crystal_id      1 
_exptl_crystal_grow.method          'VAPOR DIFFUSION' 
_exptl_crystal_grow.temp            277 
_exptl_crystal_grow.temp_details    ? 
_exptl_crystal_grow.pH              6.0 
_exptl_crystal_grow.pdbx_details    'PEG400, pH 6.0, VAPOR DIFFUSION, temperature 277K' 
_exptl_crystal_grow.pdbx_pH_range   ? 
# 
_diffrn.id                     1 
_diffrn.ambient_temp           295 
_diffrn.ambient_temp_details   ? 
_diffrn.crystal_id             1 
# 
_diffrn_detector.diffrn_id              1 
_diffrn_detector.detector               'IMAGE PLATE' 
_diffrn_detector.type                   'MAR scanner 345 mm plate' 
_diffrn_detector.pdbx_collection_date   2008-09-08 
_diffrn_detector.details                ? 
# 
_diffrn_radiation.diffrn_id                        1 
_diffrn_radiation.wavelength_id                    1 
_diffrn_radiation.pdbx_monochromatic_or_laue_m_l   M 
_diffrn_radiation.monochromator                    ? 
_diffrn_radiation.pdbx_diffrn_protocol             'SINGLE WAVELENGTH' 
_diffrn_radiation.pdbx_scattering_type             x-ray 
# 
_diffrn_radiation_wavelength.id           1 
_diffrn_radiation_wavelength.wavelength   1.54 
_diffrn_radiation_wavelength.wt           1.0 
# 
_diffrn_source.diffrn_id                   1 
_diffrn_source.source                      'ROTATING ANODE' 
_diffrn_source.type                        'RIGAKU RU300' 
_diffrn_source.pdbx_synchrotron_site       ? 
_diffrn_source.pdbx_synchrotron_beamline   ? 
_diffrn_source.pdbx_wavelength             ? 
_diffrn_source.pdbx_wavelength_list        1.54 
# 
_reflns.entry_id                     3R7G 
_reflns.observed_criterion_sigma_I   ? 
_reflns.observed_criterion_sigma_F   ? 
_reflns.d_resolution_low             45 
_reflns.d_resolution_high            2.2 
_reflns.number_obs                   12200 
_reflns.number_all                   ? 
_reflns.percent_possible_obs         95.5 
_reflns.pdbx_Rmerge_I_obs            0.081 
_reflns.pdbx_Rsym_value              ? 
_reflns.pdbx_netI_over_sigmaI        ? 
_reflns.B_iso_Wilson_estimate        ? 
_reflns.pdbx_redundancy              ? 
_reflns.R_free_details               ? 
_reflns.limit_h_max                  ? 
_reflns.limit_h_min                  ? 
_reflns.limit_k_max                  ? 
_reflns.limit_k_min                  ? 
_reflns.limit_l_max                  ? 
_reflns.limit_l_min                  ? 
_reflns.observed_criterion_F_max     ? 
_reflns.observed_criterion_F_min     ? 
_reflns.pdbx_chi_squared             ? 
_reflns.pdbx_scaling_rejects         ? 
_reflns.pdbx_ordinal                 1 
_reflns.pdbx_diffrn_id               1 
# 
_refine.entry_id                                 3R7G 
_refine.ls_number_reflns_obs                     12200 
_refine.ls_number_reflns_all                     ? 
_refine.pdbx_ls_sigma_I                          ? 
_refine.pdbx_ls_sigma_F                          ? 
_refine.pdbx_data_cutoff_high_absF               ? 
_refine.pdbx_data_cutoff_low_absF                ? 
_refine.pdbx_data_cutoff_high_rms_absF           ? 
_refine.ls_d_res_low                             38.80 
_refine.ls_d_res_high                            2.20 
_refine.ls_percent_reflns_obs                    92.62 
_refine.ls_R_factor_obs                          0.19578 
_refine.ls_R_factor_all                          ? 
_refine.ls_R_factor_R_work                       0.19404 
_refine.ls_R_factor_R_free                       0.22876 
_refine.ls_R_factor_R_free_error                 ? 
_refine.ls_R_factor_R_free_error_details         ? 
_refine.ls_percent_reflns_R_free                 5.0 
_refine.ls_number_reflns_R_free                  640 
_refine.ls_number_parameters                     ? 
_refine.ls_number_restraints                     ? 
_refine.occupancy_min                            ? 
_refine.occupancy_max                            ? 
_refine.correlation_coeff_Fo_to_Fc               0.949 
_refine.correlation_coeff_Fo_to_Fc_free          0.937 
_refine.B_iso_mean                               32.877 
_refine.aniso_B[1][1]                            0.06 
_refine.aniso_B[2][2]                            0.06 
_refine.aniso_B[3][3]                            -0.13 
_refine.aniso_B[1][2]                            0.00 
_refine.aniso_B[1][3]                            0.00 
_refine.aniso_B[2][3]                            0.00 
_refine.solvent_model_details                    MASK 
_refine.solvent_model_param_ksol                 ? 
_refine.solvent_model_param_bsol                 ? 
_refine.pdbx_solvent_vdw_probe_radii             1.40 
_refine.pdbx_solvent_ion_probe_radii             0.80 
_refine.pdbx_solvent_shrinkage_radii             0.80 
_refine.pdbx_ls_cross_valid_method               THROUGHOUT 
_refine.details                                  ? 
_refine.pdbx_starting_model                      ? 
_refine.pdbx_method_to_determine_struct          MIR 
_refine.pdbx_isotropic_thermal_model             ? 
_refine.pdbx_stereochemistry_target_values       'MAXIMUM LIKELIHOOD' 
_refine.pdbx_stereochem_target_val_spec_case     ? 
_refine.pdbx_R_Free_selection_details            RANDOM 
_refine.pdbx_overall_ESU_R_Free                  0.181 
_refine.overall_SU_ML                            0.118 
_refine.overall_SU_B                             4.660 
_refine.overall_SU_R_Cruickshank_DPI             ? 
_refine.ls_redundancy_reflns_obs                 ? 
_refine.B_iso_min                                ? 
_refine.B_iso_max                                ? 
_refine.overall_SU_R_free                        ? 
_refine.ls_wR_factor_R_free                      ? 
_refine.ls_wR_factor_R_work                      ? 
_refine.overall_FOM_free_R_set                   ? 
_refine.overall_FOM_work_R_set                   ? 
_refine.pdbx_overall_phase_error                 ? 
_refine.pdbx_refine_id                           'X-RAY DIFFRACTION' 
_refine.pdbx_overall_ESU_R                       ? 
_refine.pdbx_diffrn_id                           1 
_refine.pdbx_TLS_residual_ADP_flag               ? 
_refine.pdbx_overall_SU_R_free_Cruickshank_DPI   ? 
_refine.pdbx_overall_SU_R_Blow_DPI               ? 
_refine.pdbx_overall_SU_R_free_Blow_DPI          ? 
# 
_refine_hist.pdbx_refine_id                   'X-RAY DIFFRACTION' 
_refine_hist.cycle_id                         LAST 
_refine_hist.pdbx_number_atoms_protein        1379 
_refine_hist.pdbx_number_atoms_nucleic_acid   0 
_refine_hist.pdbx_number_atoms_ligand         0 
_refine_hist.number_atoms_solvent             85 
_refine_hist.number_atoms_total               1464 
_refine_hist.d_res_high                       2.20 
_refine_hist.d_res_low                        38.80 
# 
loop_
_refine_ls_restr.type 
_refine_ls_restr.dev_ideal 
_refine_ls_restr.dev_ideal_target 
_refine_ls_restr.weight 
_refine_ls_restr.number 
_refine_ls_restr.pdbx_restraint_function 
_refine_ls_restr.pdbx_refine_id 
r_bond_refined_d             0.013  0.022  ? 1408 ? 'X-RAY DIFFRACTION' 
r_bond_other_d               ?      ?      ? ?    ? 'X-RAY DIFFRACTION' 
r_angle_refined_deg          1.338  1.967  ? 1901 ? 'X-RAY DIFFRACTION' 
r_angle_other_deg            ?      ?      ? ?    ? 'X-RAY DIFFRACTION' 
r_dihedral_angle_1_deg       4.657  5.000  ? 173  ? 'X-RAY DIFFRACTION' 
r_dihedral_angle_2_deg       34.934 23.088 ? 68   ? 'X-RAY DIFFRACTION' 
r_dihedral_angle_3_deg       17.126 15.000 ? 258  ? 'X-RAY DIFFRACTION' 
r_dihedral_angle_4_deg       21.565 15.000 ? 16   ? 'X-RAY DIFFRACTION' 
r_chiral_restr               0.089  0.200  ? 212  ? 'X-RAY DIFFRACTION' 
r_gen_planes_refined         0.006  0.021  ? 1057 ? 'X-RAY DIFFRACTION' 
r_gen_planes_other           ?      ?      ? ?    ? 'X-RAY DIFFRACTION' 
r_nbd_refined                ?      ?      ? ?    ? 'X-RAY DIFFRACTION' 
r_nbd_other                  ?      ?      ? ?    ? 'X-RAY DIFFRACTION' 
r_nbtor_refined              ?      ?      ? ?    ? 'X-RAY DIFFRACTION' 
r_nbtor_other                ?      ?      ? ?    ? 'X-RAY DIFFRACTION' 
r_xyhbond_nbd_refined        ?      ?      ? ?    ? 'X-RAY DIFFRACTION' 
r_xyhbond_nbd_other          ?      ?      ? ?    ? 'X-RAY DIFFRACTION' 
r_metal_ion_refined          ?      ?      ? ?    ? 'X-RAY DIFFRACTION' 
r_metal_ion_other            ?      ?      ? ?    ? 'X-RAY DIFFRACTION' 
r_symmetry_vdw_refined       ?      ?      ? ?    ? 'X-RAY DIFFRACTION' 
r_symmetry_vdw_other         ?      ?      ? ?    ? 'X-RAY DIFFRACTION' 
r_symmetry_hbond_refined     ?      ?      ? ?    ? 'X-RAY DIFFRACTION' 
r_symmetry_hbond_other       ?      ?      ? ?    ? 'X-RAY DIFFRACTION' 
r_symmetry_metal_ion_refined ?      ?      ? ?    ? 'X-RAY DIFFRACTION' 
r_symmetry_metal_ion_other   ?      ?      ? ?    ? 'X-RAY DIFFRACTION' 
r_mcbond_it                  0.931  1.500  ? 870  ? 'X-RAY DIFFRACTION' 
r_mcbond_other               ?      ?      ? ?    ? 'X-RAY DIFFRACTION' 
r_mcangle_it                 1.818  2.000  ? 1397 ? 'X-RAY DIFFRACTION' 
r_scbond_it                  2.678  3.000  ? 538  ? 'X-RAY DIFFRACTION' 
r_scangle_it                 4.721  4.500  ? 502  ? 'X-RAY DIFFRACTION' 
r_rigid_bond_restr           ?      ?      ? ?    ? 'X-RAY DIFFRACTION' 
r_sphericity_free            ?      ?      ? ?    ? 'X-RAY DIFFRACTION' 
r_sphericity_bonded          ?      ?      ? ?    ? 'X-RAY DIFFRACTION' 
# 
_refine_ls_shell.pdbx_total_number_of_bins_used   20 
_refine_ls_shell.d_res_high                       2.202 
_refine_ls_shell.d_res_low                        2.259 
_refine_ls_shell.number_reflns_R_work             709 
_refine_ls_shell.R_factor_R_work                  0.326 
_refine_ls_shell.percent_reflns_obs               77.05 
_refine_ls_shell.R_factor_R_free                  0.410 
_refine_ls_shell.R_factor_R_free_error            ? 
_refine_ls_shell.percent_reflns_R_free            ? 
_refine_ls_shell.number_reflns_R_free             43 
_refine_ls_shell.number_reflns_all                ? 
_refine_ls_shell.R_factor_all                     ? 
_refine_ls_shell.number_reflns_obs                ? 
_refine_ls_shell.redundancy_reflns_obs            ? 
_refine_ls_shell.pdbx_refine_id                   'X-RAY DIFFRACTION' 
# 
_struct.entry_id                  3R7G 
_struct.title                     'Crystal structure of Spire KIND domain in complex with the tail of FMN2' 
_struct.pdbx_model_details        ? 
_struct.pdbx_CASP_flag            ? 
_struct.pdbx_model_type_details   ? 
# 
_struct_keywords.entry_id        3R7G 
_struct_keywords.pdbx_keywords   'PROTEIN BINDING' 
_struct_keywords.text            'C-lobe of protein kinases, actin nucleator, Fmn-family formins, PROTEIN BINDING' 
# 
loop_
_struct_asym.id 
_struct_asym.pdbx_blank_PDB_chainid_flag 
_struct_asym.pdbx_modified 
_struct_asym.entity_id 
_struct_asym.details 
A N N 1 ? 
B N N 2 ? 
C N N 3 ? 
D N N 3 ? 
# 
loop_
_struct_ref.id 
_struct_ref.db_name 
_struct_ref.db_code 
_struct_ref.pdbx_db_accession 
_struct_ref.entity_id 
_struct_ref.pdbx_seq_one_letter_code 
_struct_ref.pdbx_align_begin 
_struct_ref.pdbx_db_isoform 
1 UNP SPIR1_HUMAN Q08AE8 1 
;GEGPREPGAAGGAAGGSRDALSLEEILRLYNQPINEEQAWAVCYQCCGSLRAAARRRQPRHRVRSAAQIRVWRDGAVTLA
PAADDAGEPPPVAGKLGYSQCMETEVIESLGIIIYKALDYGLKENEERELSPPLEQLIDHMANTVEADGSNDEGYEAAEE
GLGDEDEKRKISAIRSYRDVMKLCAAHLPTESDAPNHYQAVCRALFAETMELHTFLTK
;
20   ? 
2 UNP FMN2_HUMAN  Q9NZ56 2 KSLYKIKPRHDSGIKAKISMKT 1701 ? 
# 
loop_
_struct_ref_seq.align_id 
_struct_ref_seq.ref_id 
_struct_ref_seq.pdbx_PDB_id_code 
_struct_ref_seq.pdbx_strand_id 
_struct_ref_seq.seq_align_beg 
_struct_ref_seq.pdbx_seq_align_beg_ins_code 
_struct_ref_seq.seq_align_end 
_struct_ref_seq.pdbx_seq_align_end_ins_code 
_struct_ref_seq.pdbx_db_accession 
_struct_ref_seq.db_align_beg 
_struct_ref_seq.pdbx_db_align_beg_ins_code 
_struct_ref_seq.db_align_end 
_struct_ref_seq.pdbx_db_align_end_ins_code 
_struct_ref_seq.pdbx_auth_seq_align_beg 
_struct_ref_seq.pdbx_auth_seq_align_end 
1 1 3R7G A 3 ? 220 ? Q08AE8 20   ? 237  ? 20   237  
2 2 3R7G B 1 ? 22  ? Q9NZ56 1701 ? 1722 ? 1701 1722 
# 
loop_
_struct_ref_seq_dif.align_id 
_struct_ref_seq_dif.pdbx_pdb_id_code 
_struct_ref_seq_dif.mon_id 
_struct_ref_seq_dif.pdbx_pdb_strand_id 
_struct_ref_seq_dif.seq_num 
_struct_ref_seq_dif.pdbx_pdb_ins_code 
_struct_ref_seq_dif.pdbx_seq_db_name 
_struct_ref_seq_dif.pdbx_seq_db_accession_code 
_struct_ref_seq_dif.db_mon_id 
_struct_ref_seq_dif.pdbx_seq_db_seq_num 
_struct_ref_seq_dif.details 
_struct_ref_seq_dif.pdbx_auth_seq_num 
_struct_ref_seq_dif.pdbx_ordinal 
1 3R7G GLY A 1 ? UNP Q08AE8 ? ? 'expression tag' 18 1 
1 3R7G SER A 2 ? UNP Q08AE8 ? ? 'expression tag' 19 2 
# 
_pdbx_struct_assembly.id                   1 
_pdbx_struct_assembly.details              author_and_software_defined_assembly 
_pdbx_struct_assembly.method_details       PISA 
_pdbx_struct_assembly.oligomeric_details   dimeric 
_pdbx_struct_assembly.oligomeric_count     2 
# 
loop_
_pdbx_struct_assembly_prop.biol_id 
_pdbx_struct_assembly_prop.type 
_pdbx_struct_assembly_prop.value 
_pdbx_struct_assembly_prop.details 
1 'ABSA (A^2)' 1740 ? 
1 MORE         -6   ? 
1 'SSA (A^2)'  9740 ? 
# 
_pdbx_struct_assembly_gen.assembly_id       1 
_pdbx_struct_assembly_gen.oper_expression   1 
_pdbx_struct_assembly_gen.asym_id_list      A,B,C,D 
# 
_pdbx_struct_oper_list.id                   1 
_pdbx_struct_oper_list.type                 'identity operation' 
_pdbx_struct_oper_list.name                 1_555 
_pdbx_struct_oper_list.symmetry_operation   x,y,z 
_pdbx_struct_oper_list.matrix[1][1]         1.0000000000 
_pdbx_struct_oper_list.matrix[1][2]         0.0000000000 
_pdbx_struct_oper_list.matrix[1][3]         0.0000000000 
_pdbx_struct_oper_list.vector[1]            0.0000000000 
_pdbx_struct_oper_list.matrix[2][1]         0.0000000000 
_pdbx_struct_oper_list.matrix[2][2]         1.0000000000 
_pdbx_struct_oper_list.matrix[2][3]         0.0000000000 
_pdbx_struct_oper_list.vector[2]            0.0000000000 
_pdbx_struct_oper_list.matrix[3][1]         0.0000000000 
_pdbx_struct_oper_list.matrix[3][2]         0.0000000000 
_pdbx_struct_oper_list.matrix[3][3]         1.0000000000 
_pdbx_struct_oper_list.vector[3]            0.0000000000 
# 
_struct_biol.id        1 
_struct_biol.details   ? 
# 
loop_
_struct_conf.conf_type_id 
_struct_conf.id 
_struct_conf.pdbx_PDB_helix_id 
_struct_conf.beg_label_comp_id 
_struct_conf.beg_label_asym_id 
_struct_conf.beg_label_seq_id 
_struct_conf.pdbx_beg_PDB_ins_code 
_struct_conf.end_label_comp_id 
_struct_conf.end_label_asym_id 
_struct_conf.end_label_seq_id 
_struct_conf.pdbx_end_PDB_ins_code 
_struct_conf.beg_auth_comp_id 
_struct_conf.beg_auth_asym_id 
_struct_conf.beg_auth_seq_id 
_struct_conf.end_auth_comp_id 
_struct_conf.end_auth_asym_id 
_struct_conf.end_auth_seq_id 
_struct_conf.pdbx_PDB_helix_class 
_struct_conf.details 
_struct_conf.pdbx_PDB_helix_length 
HELX_P HELX_P1 1 LEU A 25  ? ASN A 33  ? LEU A 42   ASN A 50   1 ? 9  
HELX_P HELX_P2 2 ASN A 37  ? ARG A 58  ? ASN A 54   ARG A 75   1 ? 22 
HELX_P HELX_P3 3 SER A 67  ? ALA A 69  ? SER A 84   ALA A 86   5 ? 3  
HELX_P HELX_P4 4 MET A 104 ? ASP A 121 ? MET A 121  ASP A 138  1 ? 18 
HELX_P HELX_P5 5 SER A 133 ? ALA A 144 ? SER A 150  ALA A 161  1 ? 12 
HELX_P HELX_P6 6 SER A 178 ? HIS A 189 ? SER A 195  HIS A 206  1 ? 12 
HELX_P HELX_P7 7 THR A 192 ? SER A 194 ? THR A 209  SER A 211  5 ? 3  
HELX_P HELX_P8 8 ASP A 195 ? LEU A 214 ? ASP A 212  LEU A 231  1 ? 20 
HELX_P HELX_P9 9 GLY B 13  ? MET B 20  ? GLY B 1713 MET B 1720 1 ? 8  
# 
_struct_conf_type.id          HELX_P 
_struct_conf_type.criteria    ? 
_struct_conf_type.reference   ? 
# 
loop_
_struct_sheet.id 
_struct_sheet.type 
_struct_sheet.number_strands 
_struct_sheet.details 
A ? 3 ? 
B ? 2 ? 
# 
loop_
_struct_sheet_order.sheet_id 
_struct_sheet_order.range_id_1 
_struct_sheet_order.range_id_2 
_struct_sheet_order.offset 
_struct_sheet_order.sense 
A 1 2 ? anti-parallel 
A 2 3 ? anti-parallel 
B 1 2 ? anti-parallel 
# 
loop_
_struct_sheet_range.sheet_id 
_struct_sheet_range.id 
_struct_sheet_range.beg_label_comp_id 
_struct_sheet_range.beg_label_asym_id 
_struct_sheet_range.beg_label_seq_id 
_struct_sheet_range.pdbx_beg_PDB_ins_code 
_struct_sheet_range.end_label_comp_id 
_struct_sheet_range.end_label_asym_id 
_struct_sheet_range.end_label_seq_id 
_struct_sheet_range.pdbx_end_PDB_ins_code 
_struct_sheet_range.beg_auth_comp_id 
_struct_sheet_range.beg_auth_asym_id 
_struct_sheet_range.beg_auth_seq_id 
_struct_sheet_range.end_auth_comp_id 
_struct_sheet_range.end_auth_asym_id 
_struct_sheet_range.end_auth_seq_id 
A 1 ALA A 22  ? SER A 24  ? ALA A 39   SER A 41   
A 2 ILE A 71  ? TRP A 74  ? ILE A 88   TRP A 91   
A 3 VAL A 79  ? LEU A 81  ? VAL A 96   LEU A 98   
B 1 GLU A 128 ? ARG A 130 ? GLU A 145  ARG A 147  
B 2 ILE B 6   ? PRO B 8   ? ILE B 1706 PRO B 1708 
# 
loop_
_pdbx_struct_sheet_hbond.sheet_id 
_pdbx_struct_sheet_hbond.range_id_1 
_pdbx_struct_sheet_hbond.range_id_2 
_pdbx_struct_sheet_hbond.range_1_label_atom_id 
_pdbx_struct_sheet_hbond.range_1_label_comp_id 
_pdbx_struct_sheet_hbond.range_1_label_asym_id 
_pdbx_struct_sheet_hbond.range_1_label_seq_id 
_pdbx_struct_sheet_hbond.range_1_PDB_ins_code 
_pdbx_struct_sheet_hbond.range_1_auth_atom_id 
_pdbx_struct_sheet_hbond.range_1_auth_comp_id 
_pdbx_struct_sheet_hbond.range_1_auth_asym_id 
_pdbx_struct_sheet_hbond.range_1_auth_seq_id 
_pdbx_struct_sheet_hbond.range_2_label_atom_id 
_pdbx_struct_sheet_hbond.range_2_label_comp_id 
_pdbx_struct_sheet_hbond.range_2_label_asym_id 
_pdbx_struct_sheet_hbond.range_2_label_seq_id 
_pdbx_struct_sheet_hbond.range_2_PDB_ins_code 
_pdbx_struct_sheet_hbond.range_2_auth_atom_id 
_pdbx_struct_sheet_hbond.range_2_auth_comp_id 
_pdbx_struct_sheet_hbond.range_2_auth_asym_id 
_pdbx_struct_sheet_hbond.range_2_auth_seq_id 
A 1 2 N LEU A 23  ? N LEU A 40  O VAL A 73 ? O VAL A 90   
A 2 3 N ARG A 72  ? N ARG A 89  O THR A 80 ? O THR A 97   
B 1 2 N GLU A 129 ? N GLU A 146 O LYS B 7  ? O LYS B 1707 
# 
_pdbx_validate_symm_contact.id                1 
_pdbx_validate_symm_contact.PDB_model_num     1 
_pdbx_validate_symm_contact.auth_atom_id_1    CE 
_pdbx_validate_symm_contact.auth_asym_id_1    B 
_pdbx_validate_symm_contact.auth_comp_id_1    MET 
_pdbx_validate_symm_contact.auth_seq_id_1     1720 
_pdbx_validate_symm_contact.PDB_ins_code_1    ? 
_pdbx_validate_symm_contact.label_alt_id_1    ? 
_pdbx_validate_symm_contact.site_symmetry_1   1_555 
_pdbx_validate_symm_contact.auth_atom_id_2    O 
_pdbx_validate_symm_contact.auth_asym_id_2    B 
_pdbx_validate_symm_contact.auth_comp_id_2    HOH 
_pdbx_validate_symm_contact.auth_seq_id_2     66 
_pdbx_validate_symm_contact.PDB_ins_code_2    ? 
_pdbx_validate_symm_contact.label_alt_id_2    ? 
_pdbx_validate_symm_contact.site_symmetry_2   8_555 
_pdbx_validate_symm_contact.dist              2.19 
# 
loop_
_pdbx_validate_rmsd_angle.id 
_pdbx_validate_rmsd_angle.PDB_model_num 
_pdbx_validate_rmsd_angle.auth_atom_id_1 
_pdbx_validate_rmsd_angle.auth_asym_id_1 
_pdbx_validate_rmsd_angle.auth_comp_id_1 
_pdbx_validate_rmsd_angle.auth_seq_id_1 
_pdbx_validate_rmsd_angle.PDB_ins_code_1 
_pdbx_validate_rmsd_angle.label_alt_id_1 
_pdbx_validate_rmsd_angle.auth_atom_id_2 
_pdbx_validate_rmsd_angle.auth_asym_id_2 
_pdbx_validate_rmsd_angle.auth_comp_id_2 
_pdbx_validate_rmsd_angle.auth_seq_id_2 
_pdbx_validate_rmsd_angle.PDB_ins_code_2 
_pdbx_validate_rmsd_angle.label_alt_id_2 
_pdbx_validate_rmsd_angle.auth_atom_id_3 
_pdbx_validate_rmsd_angle.auth_asym_id_3 
_pdbx_validate_rmsd_angle.auth_comp_id_3 
_pdbx_validate_rmsd_angle.auth_seq_id_3 
_pdbx_validate_rmsd_angle.PDB_ins_code_3 
_pdbx_validate_rmsd_angle.label_alt_id_3 
_pdbx_validate_rmsd_angle.angle_value 
_pdbx_validate_rmsd_angle.angle_target_value 
_pdbx_validate_rmsd_angle.angle_deviation 
_pdbx_validate_rmsd_angle.angle_standard_deviation 
_pdbx_validate_rmsd_angle.linker_flag 
1 1 NE A ARG 81 ? ? CZ A ARG 81 ? ? NH1 A ARG 81 ? ? 124.09 120.30 3.79  0.50 N 
2 1 NE A ARG 81 ? ? CZ A ARG 81 ? ? NH2 A ARG 81 ? ? 115.04 120.30 -5.26 0.50 N 
# 
_pdbx_validate_planes.id              1 
_pdbx_validate_planes.PDB_model_num   1 
_pdbx_validate_planes.auth_comp_id    ARG 
_pdbx_validate_planes.auth_asym_id    A 
_pdbx_validate_planes.auth_seq_id     81 
_pdbx_validate_planes.PDB_ins_code    ? 
_pdbx_validate_planes.label_alt_id    ? 
_pdbx_validate_planes.rmsd            0.072 
_pdbx_validate_planes.type            'SIDE CHAIN' 
# 
loop_
_pdbx_unobs_or_zero_occ_residues.id 
_pdbx_unobs_or_zero_occ_residues.PDB_model_num 
_pdbx_unobs_or_zero_occ_residues.polymer_flag 
_pdbx_unobs_or_zero_occ_residues.occupancy_flag 
_pdbx_unobs_or_zero_occ_residues.auth_asym_id 
_pdbx_unobs_or_zero_occ_residues.auth_comp_id 
_pdbx_unobs_or_zero_occ_residues.auth_seq_id 
_pdbx_unobs_or_zero_occ_residues.PDB_ins_code 
_pdbx_unobs_or_zero_occ_residues.label_asym_id 
_pdbx_unobs_or_zero_occ_residues.label_comp_id 
_pdbx_unobs_or_zero_occ_residues.label_seq_id 
1  1 Y 1 A GLY 18   ? A GLY 1   
2  1 Y 1 A SER 19   ? A SER 2   
3  1 Y 1 A GLY 20   ? A GLY 3   
4  1 Y 1 A GLU 21   ? A GLU 4   
5  1 Y 1 A GLY 22   ? A GLY 5   
6  1 Y 1 A PRO 23   ? A PRO 6   
7  1 Y 1 A ARG 24   ? A ARG 7   
8  1 Y 1 A GLU 25   ? A GLU 8   
9  1 Y 1 A PRO 26   ? A PRO 9   
10 1 Y 1 A GLY 27   ? A GLY 10  
11 1 Y 1 A ALA 28   ? A ALA 11  
12 1 Y 1 A ALA 29   ? A ALA 12  
13 1 Y 1 A GLY 30   ? A GLY 13  
14 1 Y 1 A GLY 31   ? A GLY 14  
15 1 Y 1 A ALA 32   ? A ALA 15  
16 1 Y 1 A ALA 33   ? A ALA 16  
17 1 Y 1 A GLY 34   ? A GLY 17  
18 1 Y 1 A GLY 35   ? A GLY 18  
19 1 Y 1 A SER 36   ? A SER 19  
20 1 Y 1 A ASP 104  ? A ASP 87  
21 1 Y 1 A ALA 105  ? A ALA 88  
22 1 Y 1 A GLY 106  ? A GLY 89  
23 1 Y 1 A GLU 107  ? A GLU 90  
24 1 Y 1 A PRO 108  ? A PRO 91  
25 1 Y 1 A PRO 109  ? A PRO 92  
26 1 Y 1 A PRO 110  ? A PRO 93  
27 1 Y 1 A VAL 111  ? A VAL 94  
28 1 Y 1 A ALA 112  ? A ALA 95  
29 1 Y 1 A GLY 113  ? A GLY 96  
30 1 Y 1 A LYS 114  ? A LYS 97  
31 1 Y 1 A LEU 115  ? A LEU 98  
32 1 Y 1 A GLY 116  ? A GLY 99  
33 1 Y 1 A TYR 117  ? A TYR 100 
34 1 Y 1 A SER 118  ? A SER 101 
35 1 Y 1 A ALA 166  ? A ALA 149 
36 1 Y 1 A ASP 167  ? A ASP 150 
37 1 Y 1 A GLY 168  ? A GLY 151 
38 1 Y 1 A SER 169  ? A SER 152 
39 1 Y 1 A ASN 170  ? A ASN 153 
40 1 Y 1 A ASP 171  ? A ASP 154 
41 1 Y 1 A GLU 172  ? A GLU 155 
42 1 Y 1 A GLY 173  ? A GLY 156 
43 1 Y 1 A TYR 174  ? A TYR 157 
44 1 Y 1 A GLU 175  ? A GLU 158 
45 1 Y 1 A ALA 176  ? A ALA 159 
46 1 Y 1 A ALA 177  ? A ALA 160 
47 1 Y 1 A GLU 178  ? A GLU 161 
48 1 Y 1 A GLU 179  ? A GLU 162 
49 1 Y 1 A GLY 180  ? A GLY 163 
50 1 Y 1 A LEU 181  ? A LEU 164 
51 1 Y 1 A GLY 182  ? A GLY 165 
52 1 Y 1 A ASP 183  ? A ASP 166 
53 1 Y 1 A GLU 184  ? A GLU 167 
54 1 Y 1 A ASP 185  ? A ASP 168 
55 1 Y 1 A GLU 186  ? A GLU 169 
56 1 Y 1 A LYS 187  ? A LYS 170 
57 1 Y 1 A ARG 188  ? A ARG 171 
58 1 Y 1 A LYS 189  ? A LYS 172 
59 1 Y 1 A ILE 190  ? A ILE 173 
60 1 Y 1 A SER 191  ? A SER 174 
61 1 Y 1 A HIS 232  ? A HIS 215 
62 1 Y 1 A THR 233  ? A THR 216 
63 1 Y 1 A PHE 234  ? A PHE 217 
64 1 Y 1 A LEU 235  ? A LEU 218 
65 1 Y 1 A THR 236  ? A THR 219 
66 1 Y 1 A LYS 237  ? A LYS 220 
67 1 Y 1 B LYS 1701 ? B LYS 1   
68 1 Y 1 B SER 1702 ? B SER 2   
69 1 Y 1 B LEU 1703 ? B LEU 3   
# 
loop_
_chem_comp_atom.comp_id 
_chem_comp_atom.atom_id 
_chem_comp_atom.type_symbol 
_chem_comp_atom.pdbx_aromatic_flag 
_chem_comp_atom.pdbx_stereo_config 
_chem_comp_atom.pdbx_ordinal 
ALA N    N N N 1   
ALA CA   C N S 2   
ALA C    C N N 3   
ALA O    O N N 4   
ALA CB   C N N 5   
ALA OXT  O N N 6   
ALA H    H N N 7   
ALA H2   H N N 8   
ALA HA   H N N 9   
ALA HB1  H N N 10  
ALA HB2  H N N 11  
ALA HB3  H N N 12  
ALA HXT  H N N 13  
ARG N    N N N 14  
ARG CA   C N S 15  
ARG C    C N N 16  
ARG O    O N N 17  
ARG CB   C N N 18  
ARG CG   C N N 19  
ARG CD   C N N 20  
ARG NE   N N N 21  
ARG CZ   C N N 22  
ARG NH1  N N N 23  
ARG NH2  N N N 24  
ARG OXT  O N N 25  
ARG H    H N N 26  
ARG H2   H N N 27  
ARG HA   H N N 28  
ARG HB2  H N N 29  
ARG HB3  H N N 30  
ARG HG2  H N N 31  
ARG HG3  H N N 32  
ARG HD2  H N N 33  
ARG HD3  H N N 34  
ARG HE   H N N 35  
ARG HH11 H N N 36  
ARG HH12 H N N 37  
ARG HH21 H N N 38  
ARG HH22 H N N 39  
ARG HXT  H N N 40  
ASN N    N N N 41  
ASN CA   C N S 42  
ASN C    C N N 43  
ASN O    O N N 44  
ASN CB   C N N 45  
ASN CG   C N N 46  
ASN OD1  O N N 47  
ASN ND2  N N N 48  
ASN OXT  O N N 49  
ASN H    H N N 50  
ASN H2   H N N 51  
ASN HA   H N N 52  
ASN HB2  H N N 53  
ASN HB3  H N N 54  
ASN HD21 H N N 55  
ASN HD22 H N N 56  
ASN HXT  H N N 57  
ASP N    N N N 58  
ASP CA   C N S 59  
ASP C    C N N 60  
ASP O    O N N 61  
ASP CB   C N N 62  
ASP CG   C N N 63  
ASP OD1  O N N 64  
ASP OD2  O N N 65  
ASP OXT  O N N 66  
ASP H    H N N 67  
ASP H2   H N N 68  
ASP HA   H N N 69  
ASP HB2  H N N 70  
ASP HB3  H N N 71  
ASP HD2  H N N 72  
ASP HXT  H N N 73  
CYS N    N N N 74  
CYS CA   C N R 75  
CYS C    C N N 76  
CYS O    O N N 77  
CYS CB   C N N 78  
CYS SG   S N N 79  
CYS OXT  O N N 80  
CYS H    H N N 81  
CYS H2   H N N 82  
CYS HA   H N N 83  
CYS HB2  H N N 84  
CYS HB3  H N N 85  
CYS HG   H N N 86  
CYS HXT  H N N 87  
GLN N    N N N 88  
GLN CA   C N S 89  
GLN C    C N N 90  
GLN O    O N N 91  
GLN CB   C N N 92  
GLN CG   C N N 93  
GLN CD   C N N 94  
GLN OE1  O N N 95  
GLN NE2  N N N 96  
GLN OXT  O N N 97  
GLN H    H N N 98  
GLN H2   H N N 99  
GLN HA   H N N 100 
GLN HB2  H N N 101 
GLN HB3  H N N 102 
GLN HG2  H N N 103 
GLN HG3  H N N 104 
GLN HE21 H N N 105 
GLN HE22 H N N 106 
GLN HXT  H N N 107 
GLU N    N N N 108 
GLU CA   C N S 109 
GLU C    C N N 110 
GLU O    O N N 111 
GLU CB   C N N 112 
GLU CG   C N N 113 
GLU CD   C N N 114 
GLU OE1  O N N 115 
GLU OE2  O N N 116 
GLU OXT  O N N 117 
GLU H    H N N 118 
GLU H2   H N N 119 
GLU HA   H N N 120 
GLU HB2  H N N 121 
GLU HB3  H N N 122 
GLU HG2  H N N 123 
GLU HG3  H N N 124 
GLU HE2  H N N 125 
GLU HXT  H N N 126 
GLY N    N N N 127 
GLY CA   C N N 128 
GLY C    C N N 129 
GLY O    O N N 130 
GLY OXT  O N N 131 
GLY H    H N N 132 
GLY H2   H N N 133 
GLY HA2  H N N 134 
GLY HA3  H N N 135 
GLY HXT  H N N 136 
HIS N    N N N 137 
HIS CA   C N S 138 
HIS C    C N N 139 
HIS O    O N N 140 
HIS CB   C N N 141 
HIS CG   C Y N 142 
HIS ND1  N Y N 143 
HIS CD2  C Y N 144 
HIS CE1  C Y N 145 
HIS NE2  N Y N 146 
HIS OXT  O N N 147 
HIS H    H N N 148 
HIS H2   H N N 149 
HIS HA   H N N 150 
HIS HB2  H N N 151 
HIS HB3  H N N 152 
HIS HD1  H N N 153 
HIS HD2  H N N 154 
HIS HE1  H N N 155 
HIS HE2  H N N 156 
HIS HXT  H N N 157 
HOH O    O N N 158 
HOH H1   H N N 159 
HOH H2   H N N 160 
ILE N    N N N 161 
ILE CA   C N S 162 
ILE C    C N N 163 
ILE O    O N N 164 
ILE CB   C N S 165 
ILE CG1  C N N 166 
ILE CG2  C N N 167 
ILE CD1  C N N 168 
ILE OXT  O N N 169 
ILE H    H N N 170 
ILE H2   H N N 171 
ILE HA   H N N 172 
ILE HB   H N N 173 
ILE HG12 H N N 174 
ILE HG13 H N N 175 
ILE HG21 H N N 176 
ILE HG22 H N N 177 
ILE HG23 H N N 178 
ILE HD11 H N N 179 
ILE HD12 H N N 180 
ILE HD13 H N N 181 
ILE HXT  H N N 182 
LEU N    N N N 183 
LEU CA   C N S 184 
LEU C    C N N 185 
LEU O    O N N 186 
LEU CB   C N N 187 
LEU CG   C N N 188 
LEU CD1  C N N 189 
LEU CD2  C N N 190 
LEU OXT  O N N 191 
LEU H    H N N 192 
LEU H2   H N N 193 
LEU HA   H N N 194 
LEU HB2  H N N 195 
LEU HB3  H N N 196 
LEU HG   H N N 197 
LEU HD11 H N N 198 
LEU HD12 H N N 199 
LEU HD13 H N N 200 
LEU HD21 H N N 201 
LEU HD22 H N N 202 
LEU HD23 H N N 203 
LEU HXT  H N N 204 
LYS N    N N N 205 
LYS CA   C N S 206 
LYS C    C N N 207 
LYS O    O N N 208 
LYS CB   C N N 209 
LYS CG   C N N 210 
LYS CD   C N N 211 
LYS CE   C N N 212 
LYS NZ   N N N 213 
LYS OXT  O N N 214 
LYS H    H N N 215 
LYS H2   H N N 216 
LYS HA   H N N 217 
LYS HB2  H N N 218 
LYS HB3  H N N 219 
LYS HG2  H N N 220 
LYS HG3  H N N 221 
LYS HD2  H N N 222 
LYS HD3  H N N 223 
LYS HE2  H N N 224 
LYS HE3  H N N 225 
LYS HZ1  H N N 226 
LYS HZ2  H N N 227 
LYS HZ3  H N N 228 
LYS HXT  H N N 229 
MET N    N N N 230 
MET CA   C N S 231 
MET C    C N N 232 
MET O    O N N 233 
MET CB   C N N 234 
MET CG   C N N 235 
MET SD   S N N 236 
MET CE   C N N 237 
MET OXT  O N N 238 
MET H    H N N 239 
MET H2   H N N 240 
MET HA   H N N 241 
MET HB2  H N N 242 
MET HB3  H N N 243 
MET HG2  H N N 244 
MET HG3  H N N 245 
MET HE1  H N N 246 
MET HE2  H N N 247 
MET HE3  H N N 248 
MET HXT  H N N 249 
PHE N    N N N 250 
PHE CA   C N S 251 
PHE C    C N N 252 
PHE O    O N N 253 
PHE CB   C N N 254 
PHE CG   C Y N 255 
PHE CD1  C Y N 256 
PHE CD2  C Y N 257 
PHE CE1  C Y N 258 
PHE CE2  C Y N 259 
PHE CZ   C Y N 260 
PHE OXT  O N N 261 
PHE H    H N N 262 
PHE H2   H N N 263 
PHE HA   H N N 264 
PHE HB2  H N N 265 
PHE HB3  H N N 266 
PHE HD1  H N N 267 
PHE HD2  H N N 268 
PHE HE1  H N N 269 
PHE HE2  H N N 270 
PHE HZ   H N N 271 
PHE HXT  H N N 272 
PRO N    N N N 273 
PRO CA   C N S 274 
PRO C    C N N 275 
PRO O    O N N 276 
PRO CB   C N N 277 
PRO CG   C N N 278 
PRO CD   C N N 279 
PRO OXT  O N N 280 
PRO H    H N N 281 
PRO HA   H N N 282 
PRO HB2  H N N 283 
PRO HB3  H N N 284 
PRO HG2  H N N 285 
PRO HG3  H N N 286 
PRO HD2  H N N 287 
PRO HD3  H N N 288 
PRO HXT  H N N 289 
SER N    N N N 290 
SER CA   C N S 291 
SER C    C N N 292 
SER O    O N N 293 
SER CB   C N N 294 
SER OG   O N N 295 
SER OXT  O N N 296 
SER H    H N N 297 
SER H2   H N N 298 
SER HA   H N N 299 
SER HB2  H N N 300 
SER HB3  H N N 301 
SER HG   H N N 302 
SER HXT  H N N 303 
THR N    N N N 304 
THR CA   C N S 305 
THR C    C N N 306 
THR O    O N N 307 
THR CB   C N R 308 
THR OG1  O N N 309 
THR CG2  C N N 310 
THR OXT  O N N 311 
THR H    H N N 312 
THR H2   H N N 313 
THR HA   H N N 314 
THR HB   H N N 315 
THR HG1  H N N 316 
THR HG21 H N N 317 
THR HG22 H N N 318 
THR HG23 H N N 319 
THR HXT  H N N 320 
TRP N    N N N 321 
TRP CA   C N S 322 
TRP C    C N N 323 
TRP O    O N N 324 
TRP CB   C N N 325 
TRP CG   C Y N 326 
TRP CD1  C Y N 327 
TRP CD2  C Y N 328 
TRP NE1  N Y N 329 
TRP CE2  C Y N 330 
TRP CE3  C Y N 331 
TRP CZ2  C Y N 332 
TRP CZ3  C Y N 333 
TRP CH2  C Y N 334 
TRP OXT  O N N 335 
TRP H    H N N 336 
TRP H2   H N N 337 
TRP HA   H N N 338 
TRP HB2  H N N 339 
TRP HB3  H N N 340 
TRP HD1  H N N 341 
TRP HE1  H N N 342 
TRP HE3  H N N 343 
TRP HZ2  H N N 344 
TRP HZ3  H N N 345 
TRP HH2  H N N 346 
TRP HXT  H N N 347 
TYR N    N N N 348 
TYR CA   C N S 349 
TYR C    C N N 350 
TYR O    O N N 351 
TYR CB   C N N 352 
TYR CG   C Y N 353 
TYR CD1  C Y N 354 
TYR CD2  C Y N 355 
TYR CE1  C Y N 356 
TYR CE2  C Y N 357 
TYR CZ   C Y N 358 
TYR OH   O N N 359 
TYR OXT  O N N 360 
TYR H    H N N 361 
TYR H2   H N N 362 
TYR HA   H N N 363 
TYR HB2  H N N 364 
TYR HB3  H N N 365 
TYR HD1  H N N 366 
TYR HD2  H N N 367 
TYR HE1  H N N 368 
TYR HE2  H N N 369 
TYR HH   H N N 370 
TYR HXT  H N N 371 
VAL N    N N N 372 
VAL CA   C N S 373 
VAL C    C N N 374 
VAL O    O N N 375 
VAL CB   C N N 376 
VAL CG1  C N N 377 
VAL CG2  C N N 378 
VAL OXT  O N N 379 
VAL H    H N N 380 
VAL H2   H N N 381 
VAL HA   H N N 382 
VAL HB   H N N 383 
VAL HG11 H N N 384 
VAL HG12 H N N 385 
VAL HG13 H N N 386 
VAL HG21 H N N 387 
VAL HG22 H N N 388 
VAL HG23 H N N 389 
VAL HXT  H N N 390 
# 
loop_
_chem_comp_bond.comp_id 
_chem_comp_bond.atom_id_1 
_chem_comp_bond.atom_id_2 
_chem_comp_bond.value_order 
_chem_comp_bond.pdbx_aromatic_flag 
_chem_comp_bond.pdbx_stereo_config 
_chem_comp_bond.pdbx_ordinal 
ALA N   CA   sing N N 1   
ALA N   H    sing N N 2   
ALA N   H2   sing N N 3   
ALA CA  C    sing N N 4   
ALA CA  CB   sing N N 5   
ALA CA  HA   sing N N 6   
ALA C   O    doub N N 7   
ALA C   OXT  sing N N 8   
ALA CB  HB1  sing N N 9   
ALA CB  HB2  sing N N 10  
ALA CB  HB3  sing N N 11  
ALA OXT HXT  sing N N 12  
ARG N   CA   sing N N 13  
ARG N   H    sing N N 14  
ARG N   H2   sing N N 15  
ARG CA  C    sing N N 16  
ARG CA  CB   sing N N 17  
ARG CA  HA   sing N N 18  
ARG C   O    doub N N 19  
ARG C   OXT  sing N N 20  
ARG CB  CG   sing N N 21  
ARG CB  HB2  sing N N 22  
ARG CB  HB3  sing N N 23  
ARG CG  CD   sing N N 24  
ARG CG  HG2  sing N N 25  
ARG CG  HG3  sing N N 26  
ARG CD  NE   sing N N 27  
ARG CD  HD2  sing N N 28  
ARG CD  HD3  sing N N 29  
ARG NE  CZ   sing N N 30  
ARG NE  HE   sing N N 31  
ARG CZ  NH1  sing N N 32  
ARG CZ  NH2  doub N N 33  
ARG NH1 HH11 sing N N 34  
ARG NH1 HH12 sing N N 35  
ARG NH2 HH21 sing N N 36  
ARG NH2 HH22 sing N N 37  
ARG OXT HXT  sing N N 38  
ASN N   CA   sing N N 39  
ASN N   H    sing N N 40  
ASN N   H2   sing N N 41  
ASN CA  C    sing N N 42  
ASN CA  CB   sing N N 43  
ASN CA  HA   sing N N 44  
ASN C   O    doub N N 45  
ASN C   OXT  sing N N 46  
ASN CB  CG   sing N N 47  
ASN CB  HB2  sing N N 48  
ASN CB  HB3  sing N N 49  
ASN CG  OD1  doub N N 50  
ASN CG  ND2  sing N N 51  
ASN ND2 HD21 sing N N 52  
ASN ND2 HD22 sing N N 53  
ASN OXT HXT  sing N N 54  
ASP N   CA   sing N N 55  
ASP N   H    sing N N 56  
ASP N   H2   sing N N 57  
ASP CA  C    sing N N 58  
ASP CA  CB   sing N N 59  
ASP CA  HA   sing N N 60  
ASP C   O    doub N N 61  
ASP C   OXT  sing N N 62  
ASP CB  CG   sing N N 63  
ASP CB  HB2  sing N N 64  
ASP CB  HB3  sing N N 65  
ASP CG  OD1  doub N N 66  
ASP CG  OD2  sing N N 67  
ASP OD2 HD2  sing N N 68  
ASP OXT HXT  sing N N 69  
CYS N   CA   sing N N 70  
CYS N   H    sing N N 71  
CYS N   H2   sing N N 72  
CYS CA  C    sing N N 73  
CYS CA  CB   sing N N 74  
CYS CA  HA   sing N N 75  
CYS C   O    doub N N 76  
CYS C   OXT  sing N N 77  
CYS CB  SG   sing N N 78  
CYS CB  HB2  sing N N 79  
CYS CB  HB3  sing N N 80  
CYS SG  HG   sing N N 81  
CYS OXT HXT  sing N N 82  
GLN N   CA   sing N N 83  
GLN N   H    sing N N 84  
GLN N   H2   sing N N 85  
GLN CA  C    sing N N 86  
GLN CA  CB   sing N N 87  
GLN CA  HA   sing N N 88  
GLN C   O    doub N N 89  
GLN C   OXT  sing N N 90  
GLN CB  CG   sing N N 91  
GLN CB  HB2  sing N N 92  
GLN CB  HB3  sing N N 93  
GLN CG  CD   sing N N 94  
GLN CG  HG2  sing N N 95  
GLN CG  HG3  sing N N 96  
GLN CD  OE1  doub N N 97  
GLN CD  NE2  sing N N 98  
GLN NE2 HE21 sing N N 99  
GLN NE2 HE22 sing N N 100 
GLN OXT HXT  sing N N 101 
GLU N   CA   sing N N 102 
GLU N   H    sing N N 103 
GLU N   H2   sing N N 104 
GLU CA  C    sing N N 105 
GLU CA  CB   sing N N 106 
GLU CA  HA   sing N N 107 
GLU C   O    doub N N 108 
GLU C   OXT  sing N N 109 
GLU CB  CG   sing N N 110 
GLU CB  HB2  sing N N 111 
GLU CB  HB3  sing N N 112 
GLU CG  CD   sing N N 113 
GLU CG  HG2  sing N N 114 
GLU CG  HG3  sing N N 115 
GLU CD  OE1  doub N N 116 
GLU CD  OE2  sing N N 117 
GLU OE2 HE2  sing N N 118 
GLU OXT HXT  sing N N 119 
GLY N   CA   sing N N 120 
GLY N   H    sing N N 121 
GLY N   H2   sing N N 122 
GLY CA  C    sing N N 123 
GLY CA  HA2  sing N N 124 
GLY CA  HA3  sing N N 125 
GLY C   O    doub N N 126 
GLY C   OXT  sing N N 127 
GLY OXT HXT  sing N N 128 
HIS N   CA   sing N N 129 
HIS N   H    sing N N 130 
HIS N   H2   sing N N 131 
HIS CA  C    sing N N 132 
HIS CA  CB   sing N N 133 
HIS CA  HA   sing N N 134 
HIS C   O    doub N N 135 
HIS C   OXT  sing N N 136 
HIS CB  CG   sing N N 137 
HIS CB  HB2  sing N N 138 
HIS CB  HB3  sing N N 139 
HIS CG  ND1  sing Y N 140 
HIS CG  CD2  doub Y N 141 
HIS ND1 CE1  doub Y N 142 
HIS ND1 HD1  sing N N 143 
HIS CD2 NE2  sing Y N 144 
HIS CD2 HD2  sing N N 145 
HIS CE1 NE2  sing Y N 146 
HIS CE1 HE1  sing N N 147 
HIS NE2 HE2  sing N N 148 
HIS OXT HXT  sing N N 149 
HOH O   H1   sing N N 150 
HOH O   H2   sing N N 151 
ILE N   CA   sing N N 152 
ILE N   H    sing N N 153 
ILE N   H2   sing N N 154 
ILE CA  C    sing N N 155 
ILE CA  CB   sing N N 156 
ILE CA  HA   sing N N 157 
ILE C   O    doub N N 158 
ILE C   OXT  sing N N 159 
ILE CB  CG1  sing N N 160 
ILE CB  CG2  sing N N 161 
ILE CB  HB   sing N N 162 
ILE CG1 CD1  sing N N 163 
ILE CG1 HG12 sing N N 164 
ILE CG1 HG13 sing N N 165 
ILE CG2 HG21 sing N N 166 
ILE CG2 HG22 sing N N 167 
ILE CG2 HG23 sing N N 168 
ILE CD1 HD11 sing N N 169 
ILE CD1 HD12 sing N N 170 
ILE CD1 HD13 sing N N 171 
ILE OXT HXT  sing N N 172 
LEU N   CA   sing N N 173 
LEU N   H    sing N N 174 
LEU N   H2   sing N N 175 
LEU CA  C    sing N N 176 
LEU CA  CB   sing N N 177 
LEU CA  HA   sing N N 178 
LEU C   O    doub N N 179 
LEU C   OXT  sing N N 180 
LEU CB  CG   sing N N 181 
LEU CB  HB2  sing N N 182 
LEU CB  HB3  sing N N 183 
LEU CG  CD1  sing N N 184 
LEU CG  CD2  sing N N 185 
LEU CG  HG   sing N N 186 
LEU CD1 HD11 sing N N 187 
LEU CD1 HD12 sing N N 188 
LEU CD1 HD13 sing N N 189 
LEU CD2 HD21 sing N N 190 
LEU CD2 HD22 sing N N 191 
LEU CD2 HD23 sing N N 192 
LEU OXT HXT  sing N N 193 
LYS N   CA   sing N N 194 
LYS N   H    sing N N 195 
LYS N   H2   sing N N 196 
LYS CA  C    sing N N 197 
LYS CA  CB   sing N N 198 
LYS CA  HA   sing N N 199 
LYS C   O    doub N N 200 
LYS C   OXT  sing N N 201 
LYS CB  CG   sing N N 202 
LYS CB  HB2  sing N N 203 
LYS CB  HB3  sing N N 204 
LYS CG  CD   sing N N 205 
LYS CG  HG2  sing N N 206 
LYS CG  HG3  sing N N 207 
LYS CD  CE   sing N N 208 
LYS CD  HD2  sing N N 209 
LYS CD  HD3  sing N N 210 
LYS CE  NZ   sing N N 211 
LYS CE  HE2  sing N N 212 
LYS CE  HE3  sing N N 213 
LYS NZ  HZ1  sing N N 214 
LYS NZ  HZ2  sing N N 215 
LYS NZ  HZ3  sing N N 216 
LYS OXT HXT  sing N N 217 
MET N   CA   sing N N 218 
MET N   H    sing N N 219 
MET N   H2   sing N N 220 
MET CA  C    sing N N 221 
MET CA  CB   sing N N 222 
MET CA  HA   sing N N 223 
MET C   O    doub N N 224 
MET C   OXT  sing N N 225 
MET CB  CG   sing N N 226 
MET CB  HB2  sing N N 227 
MET CB  HB3  sing N N 228 
MET CG  SD   sing N N 229 
MET CG  HG2  sing N N 230 
MET CG  HG3  sing N N 231 
MET SD  CE   sing N N 232 
MET CE  HE1  sing N N 233 
MET CE  HE2  sing N N 234 
MET CE  HE3  sing N N 235 
MET OXT HXT  sing N N 236 
PHE N   CA   sing N N 237 
PHE N   H    sing N N 238 
PHE N   H2   sing N N 239 
PHE CA  C    sing N N 240 
PHE CA  CB   sing N N 241 
PHE CA  HA   sing N N 242 
PHE C   O    doub N N 243 
PHE C   OXT  sing N N 244 
PHE CB  CG   sing N N 245 
PHE CB  HB2  sing N N 246 
PHE CB  HB3  sing N N 247 
PHE CG  CD1  doub Y N 248 
PHE CG  CD2  sing Y N 249 
PHE CD1 CE1  sing Y N 250 
PHE CD1 HD1  sing N N 251 
PHE CD2 CE2  doub Y N 252 
PHE CD2 HD2  sing N N 253 
PHE CE1 CZ   doub Y N 254 
PHE CE1 HE1  sing N N 255 
PHE CE2 CZ   sing Y N 256 
PHE CE2 HE2  sing N N 257 
PHE CZ  HZ   sing N N 258 
PHE OXT HXT  sing N N 259 
PRO N   CA   sing N N 260 
PRO N   CD   sing N N 261 
PRO N   H    sing N N 262 
PRO CA  C    sing N N 263 
PRO CA  CB   sing N N 264 
PRO CA  HA   sing N N 265 
PRO C   O    doub N N 266 
PRO C   OXT  sing N N 267 
PRO CB  CG   sing N N 268 
PRO CB  HB2  sing N N 269 
PRO CB  HB3  sing N N 270 
PRO CG  CD   sing N N 271 
PRO CG  HG2  sing N N 272 
PRO CG  HG3  sing N N 273 
PRO CD  HD2  sing N N 274 
PRO CD  HD3  sing N N 275 
PRO OXT HXT  sing N N 276 
SER N   CA   sing N N 277 
SER N   H    sing N N 278 
SER N   H2   sing N N 279 
SER CA  C    sing N N 280 
SER CA  CB   sing N N 281 
SER CA  HA   sing N N 282 
SER C   O    doub N N 283 
SER C   OXT  sing N N 284 
SER CB  OG   sing N N 285 
SER CB  HB2  sing N N 286 
SER CB  HB3  sing N N 287 
SER OG  HG   sing N N 288 
SER OXT HXT  sing N N 289 
THR N   CA   sing N N 290 
THR N   H    sing N N 291 
THR N   H2   sing N N 292 
THR CA  C    sing N N 293 
THR CA  CB   sing N N 294 
THR CA  HA   sing N N 295 
THR C   O    doub N N 296 
THR C   OXT  sing N N 297 
THR CB  OG1  sing N N 298 
THR CB  CG2  sing N N 299 
THR CB  HB   sing N N 300 
THR OG1 HG1  sing N N 301 
THR CG2 HG21 sing N N 302 
THR CG2 HG22 sing N N 303 
THR CG2 HG23 sing N N 304 
THR OXT HXT  sing N N 305 
TRP N   CA   sing N N 306 
TRP N   H    sing N N 307 
TRP N   H2   sing N N 308 
TRP CA  C    sing N N 309 
TRP CA  CB   sing N N 310 
TRP CA  HA   sing N N 311 
TRP C   O    doub N N 312 
TRP C   OXT  sing N N 313 
TRP CB  CG   sing N N 314 
TRP CB  HB2  sing N N 315 
TRP CB  HB3  sing N N 316 
TRP CG  CD1  doub Y N 317 
TRP CG  CD2  sing Y N 318 
TRP CD1 NE1  sing Y N 319 
TRP CD1 HD1  sing N N 320 
TRP CD2 CE2  doub Y N 321 
TRP CD2 CE3  sing Y N 322 
TRP NE1 CE2  sing Y N 323 
TRP NE1 HE1  sing N N 324 
TRP CE2 CZ2  sing Y N 325 
TRP CE3 CZ3  doub Y N 326 
TRP CE3 HE3  sing N N 327 
TRP CZ2 CH2  doub Y N 328 
TRP CZ2 HZ2  sing N N 329 
TRP CZ3 CH2  sing Y N 330 
TRP CZ3 HZ3  sing N N 331 
TRP CH2 HH2  sing N N 332 
TRP OXT HXT  sing N N 333 
TYR N   CA   sing N N 334 
TYR N   H    sing N N 335 
TYR N   H2   sing N N 336 
TYR CA  C    sing N N 337 
TYR CA  CB   sing N N 338 
TYR CA  HA   sing N N 339 
TYR C   O    doub N N 340 
TYR C   OXT  sing N N 341 
TYR CB  CG   sing N N 342 
TYR CB  HB2  sing N N 343 
TYR CB  HB3  sing N N 344 
TYR CG  CD1  doub Y N 345 
TYR CG  CD2  sing Y N 346 
TYR CD1 CE1  sing Y N 347 
TYR CD1 HD1  sing N N 348 
TYR CD2 CE2  doub Y N 349 
TYR CD2 HD2  sing N N 350 
TYR CE1 CZ   doub Y N 351 
TYR CE1 HE1  sing N N 352 
TYR CE2 CZ   sing Y N 353 
TYR CE2 HE2  sing N N 354 
TYR CZ  OH   sing N N 355 
TYR OH  HH   sing N N 356 
TYR OXT HXT  sing N N 357 
VAL N   CA   sing N N 358 
VAL N   H    sing N N 359 
VAL N   H2   sing N N 360 
VAL CA  C    sing N N 361 
VAL CA  CB   sing N N 362 
VAL CA  HA   sing N N 363 
VAL C   O    doub N N 364 
VAL C   OXT  sing N N 365 
VAL CB  CG1  sing N N 366 
VAL CB  CG2  sing N N 367 
VAL CB  HB   sing N N 368 
VAL CG1 HG11 sing N N 369 
VAL CG1 HG12 sing N N 370 
VAL CG1 HG13 sing N N 371 
VAL CG2 HG21 sing N N 372 
VAL CG2 HG22 sing N N 373 
VAL CG2 HG23 sing N N 374 
VAL OXT HXT  sing N N 375 
# 
_atom_sites.entry_id                    3R7G 
_atom_sites.fract_transf_matrix[1][1]   -0.00293601 
_atom_sites.fract_transf_matrix[1][2]   0.01442072 
_atom_sites.fract_transf_matrix[1][3]   0.00315044 
_atom_sites.fract_transf_matrix[2][1]   -0.00849375 
_atom_sites.fract_transf_matrix[2][2]   -0.00427760 
_atom_sites.fract_transf_matrix[2][3]   0.01166451 
_atom_sites.fract_transf_matrix[3][1]   0.00689120 
_atom_sites.fract_transf_matrix[3][2]   0.00028401 
_atom_sites.fract_transf_matrix[3][3]   0.00512211 
_atom_sites.fract_transf_vector[1]      0.111720 
_atom_sites.fract_transf_vector[2]      0.197312 
_atom_sites.fract_transf_vector[3]      0.165497 
# 
loop_
_atom_type.symbol 
C 
N 
O 
S 
# 
loop_
_atom_site.group_PDB 
_atom_site.id 
_atom_site.type_symbol 
_atom_site.label_atom_id 
_atom_site.label_alt_id 
_atom_site.label_comp_id 
_atom_site.label_asym_id 
_atom_site.label_entity_id 
_atom_site.label_seq_id 
_atom_site.pdbx_PDB_ins_code 
_atom_site.Cartn_x 
_atom_site.Cartn_y 
_atom_site.Cartn_z 
_atom_site.occupancy 
_atom_site.B_iso_or_equiv 
_atom_site.pdbx_formal_charge 
_atom_site.auth_seq_id 
_atom_site.auth_comp_id 
_atom_site.auth_asym_id 
_atom_site.auth_atom_id 
_atom_site.pdbx_PDB_model_num 
ATOM   1    N N   . ARG A 1 20  ? 0.204   17.431  -15.340 1.00 45.99 ? 37   ARG A N   1 
ATOM   2    C CA  . ARG A 1 20  ? -0.010  15.950  -15.208 1.00 45.76 ? 37   ARG A CA  1 
ATOM   3    C C   . ARG A 1 20  ? -1.073  15.658  -14.152 1.00 44.12 ? 37   ARG A C   1 
ATOM   4    O O   . ARG A 1 20  ? -1.222  16.420  -13.191 1.00 43.82 ? 37   ARG A O   1 
ATOM   5    C CB  . ARG A 1 20  ? 1.299   15.256  -14.830 1.00 46.50 ? 37   ARG A CB  1 
ATOM   6    C CG  . ARG A 1 20  ? 1.448   13.917  -15.508 1.00 49.27 ? 37   ARG A CG  1 
ATOM   7    C CD  . ARG A 1 20  ? 2.891   13.456  -15.529 1.00 53.19 ? 37   ARG A CD  1 
ATOM   8    N NE  . ARG A 1 20  ? 2.949   11.999  -15.414 1.00 56.48 ? 37   ARG A NE  1 
ATOM   9    C CZ  . ARG A 1 20  ? 3.965   11.325  -14.887 1.00 58.13 ? 37   ARG A CZ  1 
ATOM   10   N NH1 . ARG A 1 20  ? 5.038   11.968  -14.436 1.00 58.70 ? 37   ARG A NH1 1 
ATOM   11   N NH2 . ARG A 1 20  ? 3.912   10.000  -14.825 1.00 59.44 ? 37   ARG A NH2 1 
ATOM   12   N N   . ASP A 1 21  ? -1.799  14.559  -14.320 1.00 42.13 ? 38   ASP A N   1 
ATOM   13   C CA  . ASP A 1 21  ? -2.900  14.241  -13.407 1.00 40.70 ? 38   ASP A CA  1 
ATOM   14   C C   . ASP A 1 21  ? -2.702  13.027  -12.494 1.00 38.54 ? 38   ASP A C   1 
ATOM   15   O O   . ASP A 1 21  ? -3.498  12.818  -11.565 1.00 37.89 ? 38   ASP A O   1 
ATOM   16   C CB  . ASP A 1 21  ? -4.195  14.084  -14.197 1.00 41.73 ? 38   ASP A CB  1 
ATOM   17   C CG  . ASP A 1 21  ? -4.649  15.385  -14.827 1.00 44.45 ? 38   ASP A CG  1 
ATOM   18   O OD1 . ASP A 1 21  ? -4.436  16.477  -14.239 1.00 47.60 ? 38   ASP A OD1 1 
ATOM   19   O OD2 . ASP A 1 21  ? -5.224  15.304  -15.923 1.00 49.01 ? 38   ASP A OD2 1 
ATOM   20   N N   . ALA A 1 22  ? -1.673  12.228  -12.774 1.00 35.79 ? 39   ALA A N   1 
ATOM   21   C CA  . ALA A 1 22  ? -1.352  11.036  -11.976 1.00 34.07 ? 39   ALA A CA  1 
ATOM   22   C C   . ALA A 1 22  ? 0.164   10.816  -11.895 1.00 32.45 ? 39   ALA A C   1 
ATOM   23   O O   . ALA A 1 22  ? 0.865   11.056  -12.861 1.00 32.08 ? 39   ALA A O   1 
ATOM   24   C CB  . ALA A 1 22  ? -2.036  9.793   -12.554 1.00 33.23 ? 39   ALA A CB  1 
ATOM   25   N N   . LEU A 1 23  ? 0.643   10.351  -10.744 1.00 30.45 ? 40   LEU A N   1 
ATOM   26   C CA  . LEU A 1 23  ? 2.040   9.942   -10.558 1.00 29.29 ? 40   LEU A CA  1 
ATOM   27   C C   . LEU A 1 23  ? 2.035   8.496   -10.072 1.00 28.28 ? 40   LEU A C   1 
ATOM   28   O O   . LEU A 1 23  ? 1.152   8.102   -9.306  1.00 27.47 ? 40   LEU A O   1 
ATOM   29   C CB  . LEU A 1 23  ? 2.731   10.812  -9.495  1.00 28.83 ? 40   LEU A CB  1 
ATOM   30   C CG  . LEU A 1 23  ? 2.978   12.287  -9.850  1.00 30.74 ? 40   LEU A CG  1 
ATOM   31   C CD1 . LEU A 1 23  ? 3.137   13.108  -8.608  1.00 30.81 ? 40   LEU A CD1 1 
ATOM   32   C CD2 . LEU A 1 23  ? 4.201   12.445  -10.748 1.00 29.38 ? 40   LEU A CD2 1 
ATOM   33   N N   . SER A 1 24  ? 3.000   7.705   -10.512 1.00 27.10 ? 41   SER A N   1 
ATOM   34   C CA  . SER A 1 24  ? 3.102   6.343   -10.021 1.00 26.87 ? 41   SER A CA  1 
ATOM   35   C C   . SER A 1 24  ? 3.702   6.421   -8.637  1.00 26.54 ? 41   SER A C   1 
ATOM   36   O O   . SER A 1 24  ? 4.388   7.394   -8.318  1.00 26.17 ? 41   SER A O   1 
ATOM   37   C CB  . SER A 1 24  ? 3.967   5.485   -10.942 1.00 27.31 ? 41   SER A CB  1 
ATOM   38   O OG  . SER A 1 24  ? 5.337   5.731   -10.685 1.00 28.48 ? 41   SER A OG  1 
ATOM   39   N N   . LEU A 1 25  ? 3.423   5.425   -7.799  1.00 26.36 ? 42   LEU A N   1 
ATOM   40   C CA  . LEU A 1 25  ? 4.098   5.332   -6.517  1.00 26.80 ? 42   LEU A CA  1 
ATOM   41   C C   . LEU A 1 25  ? 5.634   5.270   -6.714  1.00 27.45 ? 42   LEU A C   1 
ATOM   42   O O   . LEU A 1 25  ? 6.385   5.869   -5.957  1.00 27.51 ? 42   LEU A O   1 
ATOM   43   C CB  . LEU A 1 25  ? 3.579   4.135   -5.719  1.00 26.35 ? 42   LEU A CB  1 
ATOM   44   C CG  . LEU A 1 25  ? 4.121   3.976   -4.294  1.00 28.10 ? 42   LEU A CG  1 
ATOM   45   C CD1 . LEU A 1 25  ? 3.882   5.236   -3.467  1.00 26.85 ? 42   LEU A CD1 1 
ATOM   46   C CD2 . LEU A 1 25  ? 3.538   2.720   -3.586  1.00 25.90 ? 42   LEU A CD2 1 
ATOM   47   N N   . GLU A 1 26  ? 6.089   4.555   -7.740  1.00 28.77 ? 43   GLU A N   1 
ATOM   48   C CA  . GLU A 1 26  ? 7.517   4.514   -8.103  1.00 30.11 ? 43   GLU A CA  1 
ATOM   49   C C   . GLU A 1 26  ? 8.140   5.903   -8.334  1.00 30.13 ? 43   GLU A C   1 
ATOM   50   O O   . GLU A 1 26  ? 9.218   6.206   -7.808  1.00 29.99 ? 43   GLU A O   1 
ATOM   51   C CB  . GLU A 1 26  ? 7.705   3.646   -9.342  1.00 30.73 ? 43   GLU A CB  1 
ATOM   52   C CG  . GLU A 1 26  ? 9.151   3.445   -9.764  1.00 34.03 ? 43   GLU A CG  1 
ATOM   53   C CD  . GLU A 1 26  ? 9.238   2.655   -11.047 1.00 39.33 ? 43   GLU A CD  1 
ATOM   54   O OE1 . GLU A 1 26  ? 9.391   1.423   -10.962 1.00 41.63 ? 43   GLU A OE1 1 
ATOM   55   O OE2 . GLU A 1 26  ? 9.101   3.255   -12.137 1.00 41.84 ? 43   GLU A OE2 1 
ATOM   56   N N   . GLU A 1 27  ? 7.454   6.742   -9.106  1.00 30.35 ? 44   GLU A N   1 
ATOM   57   C CA  . GLU A 1 27  ? 7.888   8.110   -9.332  1.00 31.39 ? 44   GLU A CA  1 
ATOM   58   C C   . GLU A 1 27  ? 7.998   8.868   -8.013  1.00 31.60 ? 44   GLU A C   1 
ATOM   59   O O   . GLU A 1 27  ? 8.990   9.556   -7.773  1.00 31.35 ? 44   GLU A O   1 
ATOM   60   C CB  . GLU A 1 27  ? 6.915   8.842   -10.260 1.00 31.67 ? 44   GLU A CB  1 
ATOM   61   C CG  . GLU A 1 27  ? 6.916   8.325   -11.673 1.00 35.26 ? 44   GLU A CG  1 
ATOM   62   C CD  . GLU A 1 27  ? 5.869   8.998   -12.547 1.00 37.95 ? 44   GLU A CD  1 
ATOM   63   O OE1 . GLU A 1 27  ? 4.660   8.720   -12.398 1.00 37.98 ? 44   GLU A OE1 1 
ATOM   64   O OE2 . GLU A 1 27  ? 6.272   9.805   -13.402 1.00 42.72 ? 44   GLU A OE2 1 
ATOM   65   N N   . ILE A 1 28  ? 6.978   8.731   -7.163  1.00 31.49 ? 45   ILE A N   1 
ATOM   66   C CA  . ILE A 1 28  ? 6.946   9.425   -5.879  1.00 31.83 ? 45   ILE A CA  1 
ATOM   67   C C   . ILE A 1 28  ? 8.140   9.041   -5.016  1.00 32.48 ? 45   ILE A C   1 
ATOM   68   O O   . ILE A 1 28  ? 8.815   9.925   -4.447  1.00 31.65 ? 45   ILE A O   1 
ATOM   69   C CB  . ILE A 1 28  ? 5.594   9.211   -5.124  1.00 31.61 ? 45   ILE A CB  1 
ATOM   70   C CG1 . ILE A 1 28  ? 4.463   9.928   -5.869  1.00 31.19 ? 45   ILE A CG1 1 
ATOM   71   C CG2 . ILE A 1 28  ? 5.662   9.734   -3.710  1.00 31.51 ? 45   ILE A CG2 1 
ATOM   72   C CD1 . ILE A 1 28  ? 3.087   9.465   -5.493  1.00 31.73 ? 45   ILE A CD1 1 
ATOM   73   N N   . LEU A 1 29  ? 8.397   7.734   -4.920  1.00 32.90 ? 46   LEU A N   1 
ATOM   74   C CA  . LEU A 1 29  ? 9.547   7.235   -4.170  1.00 34.08 ? 46   LEU A CA  1 
ATOM   75   C C   . LEU A 1 29  ? 10.875  7.806   -4.698  1.00 35.58 ? 46   LEU A C   1 
ATOM   76   O O   . LEU A 1 29  ? 11.717  8.218   -3.916  1.00 35.04 ? 46   LEU A O   1 
ATOM   77   C CB  . LEU A 1 29  ? 9.570   5.700   -4.138  1.00 33.67 ? 46   LEU A CB  1 
ATOM   78   C CG  . LEU A 1 29  ? 8.441   5.010   -3.354  1.00 32.67 ? 46   LEU A CG  1 
ATOM   79   C CD1 . LEU A 1 29  ? 8.345   3.509   -3.708  1.00 30.69 ? 46   LEU A CD1 1 
ATOM   80   C CD2 . LEU A 1 29  ? 8.609   5.218   -1.841  1.00 31.87 ? 46   LEU A CD2 1 
ATOM   81   N N   . ARG A 1 30  ? 11.037  7.846   -6.021  1.00 38.21 ? 47   ARG A N   1 
ATOM   82   C CA  . ARG A 1 30  ? 12.257  8.373   -6.653  1.00 41.25 ? 47   ARG A CA  1 
ATOM   83   C C   . ARG A 1 30  ? 12.457  9.859   -6.396  1.00 41.89 ? 47   ARG A C   1 
ATOM   84   O O   . ARG A 1 30  ? 13.543  10.284  -6.019  1.00 42.05 ? 47   ARG A O   1 
ATOM   85   C CB  . ARG A 1 30  ? 12.240  8.129   -8.165  1.00 41.89 ? 47   ARG A CB  1 
ATOM   86   C CG  . ARG A 1 30  ? 12.494  6.698   -8.538  1.00 45.76 ? 47   ARG A CG  1 
ATOM   87   C CD  . ARG A 1 30  ? 12.443  6.498   -10.056 1.00 53.32 ? 47   ARG A CD  1 
ATOM   88   N NE  . ARG A 1 30  ? 13.446  5.526   -10.521 1.00 58.17 ? 47   ARG A NE  1 
ATOM   89   C CZ  . ARG A 1 30  ? 13.460  4.224   -10.222 1.00 60.60 ? 47   ARG A CZ  1 
ATOM   90   N NH1 . ARG A 1 30  ? 12.532  3.690   -9.430  1.00 62.02 ? 47   ARG A NH1 1 
ATOM   91   N NH2 . ARG A 1 30  ? 14.423  3.447   -10.708 1.00 61.68 ? 47   ARG A NH2 1 
ATOM   92   N N   . LEU A 1 31  ? 11.401  10.636  -6.613  1.00 42.87 ? 48   LEU A N   1 
ATOM   93   C CA  . LEU A 1 31  ? 11.420  12.067  -6.358  1.00 44.07 ? 48   LEU A CA  1 
ATOM   94   C C   . LEU A 1 31  ? 11.827  12.414  -4.928  1.00 45.03 ? 48   LEU A C   1 
ATOM   95   O O   . LEU A 1 31  ? 12.708  13.253  -4.727  1.00 45.96 ? 48   LEU A O   1 
ATOM   96   C CB  . LEU A 1 31  ? 10.080  12.702  -6.731  1.00 44.00 ? 48   LEU A CB  1 
ATOM   97   C CG  . LEU A 1 31  ? 9.992   12.970  -8.242  1.00 44.61 ? 48   LEU A CG  1 
ATOM   98   C CD1 . LEU A 1 31  ? 8.579   13.324  -8.708  1.00 43.30 ? 48   LEU A CD1 1 
ATOM   99   C CD2 . LEU A 1 31  ? 10.996  14.072  -8.644  1.00 45.03 ? 48   LEU A CD2 1 
ATOM   100  N N   . TYR A 1 32  ? 11.226  11.753  -3.945  1.00 45.48 ? 49   TYR A N   1 
ATOM   101  C CA  . TYR A 1 32  ? 11.572  11.973  -2.543  1.00 46.14 ? 49   TYR A CA  1 
ATOM   102  C C   . TYR A 1 32  ? 12.873  11.325  -2.123  1.00 45.74 ? 49   TYR A C   1 
ATOM   103  O O   . TYR A 1 32  ? 13.496  11.760  -1.155  1.00 46.13 ? 49   TYR A O   1 
ATOM   104  C CB  . TYR A 1 32  ? 10.463  11.467  -1.634  1.00 46.84 ? 49   TYR A CB  1 
ATOM   105  C CG  . TYR A 1 32  ? 9.359   12.461  -1.516  1.00 50.54 ? 49   TYR A CG  1 
ATOM   106  C CD1 . TYR A 1 32  ? 9.409   13.476  -0.556  1.00 54.17 ? 49   TYR A CD1 1 
ATOM   107  C CD2 . TYR A 1 32  ? 8.278   12.422  -2.389  1.00 53.55 ? 49   TYR A CD2 1 
ATOM   108  C CE1 . TYR A 1 32  ? 8.390   14.416  -0.455  1.00 56.51 ? 49   TYR A CE1 1 
ATOM   109  C CE2 . TYR A 1 32  ? 7.251   13.355  -2.302  1.00 56.07 ? 49   TYR A CE2 1 
ATOM   110  C CZ  . TYR A 1 32  ? 7.312   14.348  -1.335  1.00 57.55 ? 49   TYR A CZ  1 
ATOM   111  O OH  . TYR A 1 32  ? 6.294   15.271  -1.264  1.00 59.48 ? 49   TYR A OH  1 
ATOM   112  N N   . ASN A 1 33  ? 13.270  10.275  -2.836  1.00 45.09 ? 50   ASN A N   1 
ATOM   113  C CA  . ASN A 1 33  ? 14.419  9.466   -2.460  1.00 44.38 ? 50   ASN A CA  1 
ATOM   114  C C   . ASN A 1 33  ? 14.387  9.016   -0.994  1.00 43.14 ? 50   ASN A C   1 
ATOM   115  O O   . ASN A 1 33  ? 15.417  8.939   -0.329  1.00 43.18 ? 50   ASN A O   1 
ATOM   116  C CB  . ASN A 1 33  ? 15.720  10.208  -2.784  1.00 45.18 ? 50   ASN A CB  1 
ATOM   117  C CG  . ASN A 1 33  ? 16.928  9.301   -2.760  1.00 47.20 ? 50   ASN A CG  1 
ATOM   118  O OD1 . ASN A 1 33  ? 16.825  8.111   -3.085  1.00 49.92 ? 50   ASN A OD1 1 
ATOM   119  N ND2 . ASN A 1 33  ? 18.092  9.858   -2.397  1.00 48.53 ? 50   ASN A ND2 1 
ATOM   120  N N   . GLN A 1 34  ? 13.186  8.727   -0.505  1.00 41.52 ? 51   GLN A N   1 
ATOM   121  C CA  . GLN A 1 34  ? 12.972  8.230   0.845   1.00 40.25 ? 51   GLN A CA  1 
ATOM   122  C C   . GLN A 1 34  ? 11.612  7.517   0.901   1.00 38.27 ? 51   GLN A C   1 
ATOM   123  O O   . GLN A 1 34  ? 10.795  7.693   0.002   1.00 38.33 ? 51   GLN A O   1 
ATOM   124  C CB  . GLN A 1 34  ? 13.028  9.374   1.860   1.00 41.36 ? 51   GLN A CB  1 
ATOM   125  C CG  . GLN A 1 34  ? 11.913  10.402  1.747   1.00 43.86 ? 51   GLN A CG  1 
ATOM   126  C CD  . GLN A 1 34  ? 12.097  11.562  2.724   1.00 48.38 ? 51   GLN A CD  1 
ATOM   127  O OE1 . GLN A 1 34  ? 13.163  12.169  2.782   1.00 50.79 ? 51   GLN A OE1 1 
ATOM   128  N NE2 . GLN A 1 34  ? 11.059  11.869  3.493   1.00 49.59 ? 51   GLN A NE2 1 
ATOM   129  N N   . PRO A 1 35  ? 11.374  6.701   1.944   1.00 35.96 ? 52   PRO A N   1 
ATOM   130  C CA  . PRO A 1 35  ? 10.131  5.931   1.996   1.00 34.41 ? 52   PRO A CA  1 
ATOM   131  C C   . PRO A 1 35  ? 8.917   6.801   2.295   1.00 32.57 ? 52   PRO A C   1 
ATOM   132  O O   . PRO A 1 35  ? 9.062   7.927   2.771   1.00 32.59 ? 52   PRO A O   1 
ATOM   133  C CB  . PRO A 1 35  ? 10.363  4.948   3.156   1.00 34.31 ? 52   PRO A CB  1 
ATOM   134  C CG  . PRO A 1 35  ? 11.424  5.579   4.005   1.00 35.06 ? 52   PRO A CG  1 
ATOM   135  C CD  . PRO A 1 35  ? 12.299  6.348   3.044   1.00 36.09 ? 52   PRO A CD  1 
ATOM   136  N N   . ILE A 1 36  ? 7.728   6.273   2.024   1.00 29.94 ? 53   ILE A N   1 
ATOM   137  C CA  . ILE A 1 36  ? 6.498   6.931   2.463   1.00 27.26 ? 53   ILE A CA  1 
ATOM   138  C C   . ILE A 1 36  ? 6.368   6.859   3.984   1.00 26.00 ? 53   ILE A C   1 
ATOM   139  O O   . ILE A 1 36  ? 7.027   6.034   4.619   1.00 24.76 ? 53   ILE A O   1 
ATOM   140  C CB  . ILE A 1 36  ? 5.227   6.344   1.761   1.00 27.76 ? 53   ILE A CB  1 
ATOM   141  C CG1 . ILE A 1 36  ? 5.041   4.849   2.068   1.00 26.44 ? 53   ILE A CG1 1 
ATOM   142  C CG2 . ILE A 1 36  ? 5.255   6.613   0.253   1.00 24.83 ? 53   ILE A CG2 1 
ATOM   143  C CD1 . ILE A 1 36  ? 3.811   4.268   1.416   1.00 27.25 ? 53   ILE A CD1 1 
ATOM   144  N N   . ASN A 1 37  ? 5.523   7.717   4.568   1.00 24.46 ? 54   ASN A N   1 
ATOM   145  C CA  . ASN A 1 37  ? 5.199   7.598   5.994   1.00 24.45 ? 54   ASN A CA  1 
ATOM   146  C C   . ASN A 1 37  ? 4.037   6.631   6.254   1.00 23.77 ? 54   ASN A C   1 
ATOM   147  O O   . ASN A 1 37  ? 3.399   6.125   5.320   1.00 23.59 ? 54   ASN A O   1 
ATOM   148  C CB  . ASN A 1 37  ? 4.987   8.979   6.681   1.00 25.03 ? 54   ASN A CB  1 
ATOM   149  C CG  . ASN A 1 37  ? 3.702   9.689   6.243   1.00 27.48 ? 54   ASN A CG  1 
ATOM   150  O OD1 . ASN A 1 37  ? 2.630   9.086   6.128   1.00 28.86 ? 54   ASN A OD1 1 
ATOM   151  N ND2 . ASN A 1 37  ? 3.804   11.001  6.041   1.00 30.63 ? 54   ASN A ND2 1 
ATOM   152  N N   . GLU A 1 38  ? 3.775   6.348   7.519   1.00 23.28 ? 55   GLU A N   1 
ATOM   153  C CA  . GLU A 1 38  ? 2.777   5.330   7.845   1.00 23.26 ? 55   GLU A CA  1 
ATOM   154  C C   . GLU A 1 38  ? 1.389   5.732   7.377   1.00 22.97 ? 55   GLU A C   1 
ATOM   155  O O   . GLU A 1 38  ? 0.652   4.890   6.867   1.00 22.94 ? 55   GLU A O   1 
ATOM   156  C CB  . GLU A 1 38  ? 2.774   4.990   9.333   1.00 22.73 ? 55   GLU A CB  1 
ATOM   157  C CG  . GLU A 1 38  ? 4.084   4.361   9.777   1.00 24.48 ? 55   GLU A CG  1 
ATOM   158  C CD  . GLU A 1 38  ? 3.950   3.531   11.026  1.00 25.99 ? 55   GLU A CD  1 
ATOM   159  O OE1 . GLU A 1 38  ? 2.821   3.386   11.557  1.00 25.98 ? 55   GLU A OE1 1 
ATOM   160  O OE2 . GLU A 1 38  ? 4.980   2.989   11.465  1.00 26.10 ? 55   GLU A OE2 1 
ATOM   161  N N   . GLU A 1 39  ? 1.044   7.013   7.532   1.00 21.95 ? 56   GLU A N   1 
ATOM   162  C CA  . GLU A 1 39  ? -0.294  7.465   7.207   1.00 21.21 ? 56   GLU A CA  1 
ATOM   163  C C   . GLU A 1 39  ? -0.564  7.293   5.722   1.00 20.64 ? 56   GLU A C   1 
ATOM   164  O O   . GLU A 1 39  ? -1.673  6.875   5.335   1.00 19.28 ? 56   GLU A O   1 
ATOM   165  C CB  . GLU A 1 39  ? -0.549  8.916   7.669   1.00 22.01 ? 56   GLU A CB  1 
ATOM   166  C CG  . GLU A 1 39  ? -2.050  9.286   7.869   1.00 21.10 ? 56   GLU A CG  1 
ATOM   167  C CD  . GLU A 1 39  ? -2.798  8.408   8.870   1.00 25.34 ? 56   GLU A CD  1 
ATOM   168  O OE1 . GLU A 1 39  ? -2.172  7.690   9.693   1.00 25.99 ? 56   GLU A OE1 1 
ATOM   169  O OE2 . GLU A 1 39  ? -4.050  8.432   8.842   1.00 27.01 ? 56   GLU A OE2 1 
ATOM   170  N N   . GLN A 1 40  ? 0.444   7.617   4.913   1.00 19.25 ? 57   GLN A N   1 
ATOM   171  C CA  . GLN A 1 40  ? 0.366   7.404   3.482   1.00 19.93 ? 57   GLN A CA  1 
ATOM   172  C C   . GLN A 1 40  ? 0.190   5.914   3.112   1.00 19.90 ? 57   GLN A C   1 
ATOM   173  O O   . GLN A 1 40  ? -0.500  5.621   2.156   1.00 19.69 ? 57   GLN A O   1 
ATOM   174  C CB  . GLN A 1 40  ? 1.573   8.015   2.754   1.00 19.64 ? 57   GLN A CB  1 
ATOM   175  C CG  . GLN A 1 40  ? 1.628   9.498   2.910   1.00 20.35 ? 57   GLN A CG  1 
ATOM   176  C CD  . GLN A 1 40  ? 3.001   10.114  2.634   1.00 23.39 ? 57   GLN A CD  1 
ATOM   177  O OE1 . GLN A 1 40  ? 4.031   9.422   2.589   1.00 21.70 ? 57   GLN A OE1 1 
ATOM   178  N NE2 . GLN A 1 40  ? 3.010   11.432  2.440   1.00 21.70 ? 57   GLN A NE2 1 
ATOM   179  N N   . ALA A 1 41  ? 0.782   4.992   3.879   1.00 19.59 ? 58   ALA A N   1 
ATOM   180  C CA  . ALA A 1 41  ? 0.611   3.570   3.605   1.00 19.85 ? 58   ALA A CA  1 
ATOM   181  C C   . ALA A 1 41  ? -0.845  3.139   3.820   1.00 19.65 ? 58   ALA A C   1 
ATOM   182  O O   . ALA A 1 41  ? -1.434  2.473   2.936   1.00 19.59 ? 58   ALA A O   1 
ATOM   183  C CB  . ALA A 1 41  ? 1.573   2.703   4.466   1.00 19.51 ? 58   ALA A CB  1 
ATOM   184  N N   . TRP A 1 42  ? -1.393  3.484   4.994   1.00 18.34 ? 59   TRP A N   1 
ATOM   185  C CA  . TRP A 1 42  ? -2.808  3.279   5.305   1.00 18.37 ? 59   TRP A CA  1 
ATOM   186  C C   . TRP A 1 42  ? -3.700  3.829   4.201   1.00 18.19 ? 59   TRP A C   1 
ATOM   187  O O   . TRP A 1 42  ? -4.632  3.166   3.764   1.00 18.41 ? 59   TRP A O   1 
ATOM   188  C CB  . TRP A 1 42  ? -3.201  4.009   6.595   1.00 18.43 ? 59   TRP A CB  1 
ATOM   189  C CG  . TRP A 1 42  ? -2.659  3.452   7.878   1.00 17.82 ? 59   TRP A CG  1 
ATOM   190  C CD1 . TRP A 1 42  ? -1.680  4.004   8.657   1.00 16.01 ? 59   TRP A CD1 1 
ATOM   191  C CD2 . TRP A 1 42  ? -3.092  2.251   8.555   1.00 17.20 ? 59   TRP A CD2 1 
ATOM   192  N NE1 . TRP A 1 42  ? -1.469  3.217   9.760   1.00 19.10 ? 59   TRP A NE1 1 
ATOM   193  C CE2 . TRP A 1 42  ? -2.334  2.152   9.740   1.00 18.47 ? 59   TRP A CE2 1 
ATOM   194  C CE3 . TRP A 1 42  ? -4.062  1.272   8.281   1.00 16.18 ? 59   TRP A CE3 1 
ATOM   195  C CZ2 . TRP A 1 42  ? -2.499  1.094   10.661  1.00 19.35 ? 59   TRP A CZ2 1 
ATOM   196  C CZ3 . TRP A 1 42  ? -4.233  0.215   9.191   1.00 16.87 ? 59   TRP A CZ3 1 
ATOM   197  C CH2 . TRP A 1 42  ? -3.462  0.143   10.374  1.00 18.41 ? 59   TRP A CH2 1 
ATOM   198  N N   . ALA A 1 43  ? -3.391  5.040   3.734   1.00 17.98 ? 60   ALA A N   1 
ATOM   199  C CA  . ALA A 1 43  ? -4.231  5.726   2.757   1.00 17.62 ? 60   ALA A CA  1 
ATOM   200  C C   . ALA A 1 43  ? -4.202  5.128   1.352   1.00 17.65 ? 60   ALA A C   1 
ATOM   201  O O   . ALA A 1 43  ? -5.230  5.023   0.682   1.00 17.49 ? 60   ALA A O   1 
ATOM   202  C CB  . ALA A 1 43  ? -3.881  7.211   2.718   1.00 16.74 ? 60   ALA A CB  1 
ATOM   203  N N   . VAL A 1 44  ? -3.013  4.794   0.884   1.00 18.33 ? 61   VAL A N   1 
ATOM   204  C CA  . VAL A 1 44  ? -2.871  4.179   -0.422  1.00 18.92 ? 61   VAL A CA  1 
ATOM   205  C C   . VAL A 1 44  ? -3.605  2.824   -0.425  1.00 18.28 ? 61   VAL A C   1 
ATOM   206  O O   . VAL A 1 44  ? -4.287  2.484   -1.383  1.00 18.60 ? 61   VAL A O   1 
ATOM   207  C CB  . VAL A 1 44  ? -1.384  4.065   -0.818  1.00 19.04 ? 61   VAL A CB  1 
ATOM   208  C CG1 . VAL A 1 44  ? -1.222  3.224   -2.065  1.00 18.98 ? 61   VAL A CG1 1 
ATOM   209  C CG2 . VAL A 1 44  ? -0.832  5.462   -1.089  1.00 20.52 ? 61   VAL A CG2 1 
ATOM   210  N N   . CYS A 1 45  ? -3.500  2.104   0.683   1.00 18.21 ? 62   CYS A N   1 
ATOM   211  C CA  A CYS A 1 45  ? -4.142  0.816   0.860   0.50 18.96 ? 62   CYS A CA  1 
ATOM   212  C CA  B CYS A 1 45  ? -4.150  0.793   0.836   0.50 17.95 ? 62   CYS A CA  1 
ATOM   213  C C   . CYS A 1 45  ? -5.670  0.928   0.793   1.00 18.47 ? 62   CYS A C   1 
ATOM   214  O O   . CYS A 1 45  ? -6.334  0.217   0.034   1.00 18.05 ? 62   CYS A O   1 
ATOM   215  C CB  A CYS A 1 45  ? -3.733  0.282   2.217   0.50 19.03 ? 62   CYS A CB  1 
ATOM   216  C CB  B CYS A 1 45  ? -3.729  0.105   2.140   0.50 17.77 ? 62   CYS A CB  1 
ATOM   217  S SG  A CYS A 1 45  ? -3.930  -1.425  2.350   0.50 23.85 ? 62   CYS A SG  1 
ATOM   218  S SG  B CYS A 1 45  ? -2.131  -0.740  2.108   0.50 16.66 ? 62   CYS A SG  1 
ATOM   219  N N   . TYR A 1 46  ? -6.221  1.836   1.604   1.00 18.20 ? 63   TYR A N   1 
ATOM   220  C CA  . TYR A 1 46  ? -7.650  2.081   1.612   1.00 17.76 ? 63   TYR A CA  1 
ATOM   221  C C   . TYR A 1 46  ? -8.146  2.531   0.233   1.00 18.01 ? 63   TYR A C   1 
ATOM   222  O O   . TYR A 1 46  ? -9.116  1.978   -0.324  1.00 17.77 ? 63   TYR A O   1 
ATOM   223  C CB  . TYR A 1 46  ? -7.968  3.159   2.630   1.00 17.21 ? 63   TYR A CB  1 
ATOM   224  C CG  . TYR A 1 46  ? -9.451  3.451   2.759   1.00 17.19 ? 63   TYR A CG  1 
ATOM   225  C CD1 . TYR A 1 46  ? -10.219 2.795   3.723   1.00 15.83 ? 63   TYR A CD1 1 
ATOM   226  C CD2 . TYR A 1 46  ? -10.077 4.362   1.922   1.00 15.58 ? 63   TYR A CD2 1 
ATOM   227  C CE1 . TYR A 1 46  ? -11.567 3.057   3.866   1.00 19.15 ? 63   TYR A CE1 1 
ATOM   228  C CE2 . TYR A 1 46  ? -11.465 4.662   2.062   1.00 17.25 ? 63   TYR A CE2 1 
ATOM   229  C CZ  . TYR A 1 46  ? -12.183 3.999   3.040   1.00 20.36 ? 63   TYR A CZ  1 
ATOM   230  O OH  . TYR A 1 46  ? -13.513 4.250   3.221   1.00 21.07 ? 63   TYR A OH  1 
ATOM   231  N N   . GLN A 1 47  ? -7.474  3.538   -0.317  1.00 17.63 ? 64   GLN A N   1 
ATOM   232  C CA  . GLN A 1 47  ? -7.882  4.111   -1.594  1.00 17.57 ? 64   GLN A CA  1 
ATOM   233  C C   . GLN A 1 47  ? -7.766  3.132   -2.779  1.00 17.84 ? 64   GLN A C   1 
ATOM   234  O O   . GLN A 1 47  ? -8.661  3.086   -3.639  1.00 17.02 ? 64   GLN A O   1 
ATOM   235  C CB  . GLN A 1 47  ? -7.093  5.398   -1.870  1.00 17.97 ? 64   GLN A CB  1 
ATOM   236  C CG  . GLN A 1 47  ? -7.499  6.611   -0.989  1.00 18.61 ? 64   GLN A CG  1 
ATOM   237  C CD  . GLN A 1 47  ? -8.915  7.073   -1.292  1.00 20.38 ? 64   GLN A CD  1 
ATOM   238  O OE1 . GLN A 1 47  ? -9.872  6.578   -0.715  1.00 22.35 ? 64   GLN A OE1 1 
ATOM   239  N NE2 . GLN A 1 47  ? -9.047  8.038   -2.180  1.00 17.84 ? 64   GLN A NE2 1 
ATOM   240  N N   . CYS A 1 48  ? -6.679  2.358   -2.823  1.00 17.25 ? 65   CYS A N   1 
ATOM   241  C CA  . CYS A 1 48  ? -6.499  1.381   -3.887  1.00 19.09 ? 65   CYS A CA  1 
ATOM   242  C C   . CYS A 1 48  ? -7.570  0.263   -3.819  1.00 19.14 ? 65   CYS A C   1 
ATOM   243  O O   . CYS A 1 48  ? -8.145  -0.119  -4.848  1.00 18.22 ? 65   CYS A O   1 
ATOM   244  C CB  . CYS A 1 48  ? -5.066  0.804   -3.862  1.00 18.45 ? 65   CYS A CB  1 
ATOM   245  S SG  . CYS A 1 48  ? -4.689  -0.129  -5.358  1.00 26.67 ? 65   CYS A SG  1 
ATOM   246  N N   . CYS A 1 49  ? -7.826  -0.244  -2.610  1.00 19.44 ? 66   CYS A N   1 
ATOM   247  C CA  . CYS A 1 49  ? -8.870  -1.230  -2.400  1.00 21.49 ? 66   CYS A CA  1 
ATOM   248  C C   . CYS A 1 49  ? -10.251 -0.702  -2.795  1.00 21.46 ? 66   CYS A C   1 
ATOM   249  O O   . CYS A 1 49  ? -11.038 -1.455  -3.368  1.00 21.87 ? 66   CYS A O   1 
ATOM   250  C CB  . CYS A 1 49  ? -8.843  -1.797  -0.965  1.00 21.20 ? 66   CYS A CB  1 
ATOM   251  S SG  . CYS A 1 49  ? -7.401  -2.849  -0.690  1.00 25.94 ? 66   CYS A SG  1 
ATOM   252  N N   . GLY A 1 50  ? -10.513 0.585   -2.537  1.00 21.92 ? 67   GLY A N   1 
ATOM   253  C CA  . GLY A 1 50  ? -11.755 1.257   -2.980  1.00 21.64 ? 67   GLY A CA  1 
ATOM   254  C C   . GLY A 1 50  ? -11.943 1.167   -4.485  1.00 22.85 ? 67   GLY A C   1 
ATOM   255  O O   . GLY A 1 50  ? -13.014 0.782   -4.962  1.00 22.36 ? 67   GLY A O   1 
ATOM   256  N N   . SER A 1 51  ? -10.888 1.474   -5.244  1.00 23.16 ? 68   SER A N   1 
ATOM   257  C CA  A SER A 1 51  ? -10.942 1.377   -6.703  0.50 23.80 ? 68   SER A CA  1 
ATOM   258  C CA  B SER A 1 51  ? -10.947 1.382   -6.701  0.50 23.96 ? 68   SER A CA  1 
ATOM   259  C C   . SER A 1 51  ? -11.079 -0.059  -7.198  1.00 24.17 ? 68   SER A C   1 
ATOM   260  O O   . SER A 1 51  ? -11.783 -0.312  -8.155  1.00 24.53 ? 68   SER A O   1 
ATOM   261  C CB  A SER A 1 51  ? -9.720  2.030   -7.356  0.50 23.83 ? 68   SER A CB  1 
ATOM   262  C CB  B SER A 1 51  ? -9.732  2.051   -7.353  0.50 24.02 ? 68   SER A CB  1 
ATOM   263  O OG  A SER A 1 51  ? -9.521  3.335   -6.857  0.50 23.87 ? 68   SER A OG  1 
ATOM   264  O OG  B SER A 1 51  ? -8.573  1.253   -7.185  0.50 25.00 ? 68   SER A OG  1 
ATOM   265  N N   . LEU A 1 52  ? -10.388 -0.994  -6.549  1.00 24.91 ? 69   LEU A N   1 
ATOM   266  C CA  . LEU A 1 52  ? -10.376 -2.392  -6.979  1.00 25.74 ? 69   LEU A CA  1 
ATOM   267  C C   . LEU A 1 52  ? -11.740 -3.020  -6.755  1.00 26.23 ? 69   LEU A C   1 
ATOM   268  O O   . LEU A 1 52  ? -12.193 -3.863  -7.526  1.00 26.28 ? 69   LEU A O   1 
ATOM   269  C CB  . LEU A 1 52  ? -9.299  -3.181  -6.229  1.00 24.97 ? 69   LEU A CB  1 
ATOM   270  C CG  . LEU A 1 52  ? -7.867  -2.922  -6.690  1.00 26.61 ? 69   LEU A CG  1 
ATOM   271  C CD1 . LEU A 1 52  ? -6.905  -3.530  -5.696  1.00 26.44 ? 69   LEU A CD1 1 
ATOM   272  C CD2 . LEU A 1 52  ? -7.657  -3.505  -8.082  1.00 27.99 ? 69   LEU A CD2 1 
ATOM   273  N N   . ARG A 1 53  ? -12.369 -2.596  -5.677  1.00 26.85 ? 70   ARG A N   1 
ATOM   274  C CA  . ARG A 1 53  ? -13.727 -2.973  -5.346  1.00 28.51 ? 70   ARG A CA  1 
ATOM   275  C C   . ARG A 1 53  ? -14.716 -2.434  -6.377  1.00 28.71 ? 70   ARG A C   1 
ATOM   276  O O   . ARG A 1 53  ? -15.613 -3.159  -6.809  1.00 28.98 ? 70   ARG A O   1 
ATOM   277  C CB  . ARG A 1 53  ? -14.047 -2.394  -3.986  1.00 29.10 ? 70   ARG A CB  1 
ATOM   278  C CG  . ARG A 1 53  ? -15.195 -3.000  -3.277  1.00 34.24 ? 70   ARG A CG  1 
ATOM   279  C CD  . ARG A 1 53  ? -14.889 -2.883  -1.810  1.00 40.57 ? 70   ARG A CD  1 
ATOM   280  N NE  . ARG A 1 53  ? -16.072 -2.993  -0.970  1.00 45.93 ? 70   ARG A NE  1 
ATOM   281  C CZ  . ARG A 1 53  ? -16.871 -1.976  -0.668  1.00 50.01 ? 70   ARG A CZ  1 
ATOM   282  N NH1 . ARG A 1 53  ? -16.649 -0.770  -1.180  1.00 53.18 ? 70   ARG A NH1 1 
ATOM   283  N NH2 . ARG A 1 53  ? -17.915 -2.173  0.129   1.00 52.72 ? 70   ARG A NH2 1 
ATOM   284  N N   . ALA A 1 54  ? -14.566 -1.174  -6.785  1.00 28.20 ? 71   ALA A N   1 
ATOM   285  C CA  . ALA A 1 54  ? -15.442 -0.636  -7.853  1.00 28.52 ? 71   ALA A CA  1 
ATOM   286  C C   . ALA A 1 54  ? -15.228 -1.386  -9.170  1.00 28.79 ? 71   ALA A C   1 
ATOM   287  O O   . ALA A 1 54  ? -16.186 -1.616  -9.915  1.00 29.27 ? 71   ALA A O   1 
ATOM   288  C CB  . ALA A 1 54  ? -15.259 0.878   -8.054  1.00 26.92 ? 71   ALA A CB  1 
ATOM   289  N N   . ALA A 1 55  ? -13.987 -1.805  -9.439  1.00 28.57 ? 72   ALA A N   1 
ATOM   290  C CA  . ALA A 1 55  ? -13.696 -2.533  -10.676 1.00 28.98 ? 72   ALA A CA  1 
ATOM   291  C C   . ALA A 1 55  ? -14.240 -3.976  -10.678 1.00 29.81 ? 72   ALA A C   1 
ATOM   292  O O   . ALA A 1 55  ? -14.669 -4.465  -11.726 1.00 29.63 ? 72   ALA A O   1 
ATOM   293  C CB  . ALA A 1 55  ? -12.197 -2.511  -10.992 1.00 28.64 ? 72   ALA A CB  1 
ATOM   294  N N   . ALA A 1 56  ? -14.210 -4.645  -9.515  1.00 30.34 ? 73   ALA A N   1 
ATOM   295  C CA  . ALA A 1 56  ? -14.746 -6.008  -9.351  1.00 31.31 ? 73   ALA A CA  1 
ATOM   296  C C   . ALA A 1 56  ? -16.270 -6.056  -9.604  1.00 32.04 ? 73   ALA A C   1 
ATOM   297  O O   . ALA A 1 56  ? -16.794 -7.037  -10.125 1.00 32.36 ? 73   ALA A O   1 
ATOM   298  C CB  . ALA A 1 56  ? -14.429 -6.555  -7.924  1.00 30.69 ? 73   ALA A CB  1 
ATOM   299  N N   . ARG A 1 57  ? -16.959 -4.994  -9.210  1.00 32.30 ? 74   ARG A N   1 
ATOM   300  C CA  . ARG A 1 57  ? -18.365 -4.806  -9.496  1.00 33.60 ? 74   ARG A CA  1 
ATOM   301  C C   . ARG A 1 57  ? -18.675 -4.892  -11.010 1.00 33.19 ? 74   ARG A C   1 
ATOM   302  O O   . ARG A 1 57  ? -19.768 -5.308  -11.398 1.00 33.19 ? 74   ARG A O   1 
ATOM   303  C CB  . ARG A 1 57  ? -18.789 -3.441  -8.951  1.00 34.15 ? 74   ARG A CB  1 
ATOM   304  C CG  . ARG A 1 57  ? -20.124 -3.430  -8.234  1.00 39.08 ? 74   ARG A CG  1 
ATOM   305  C CD  . ARG A 1 57  ? -20.478 -2.024  -7.681  1.00 45.48 ? 74   ARG A CD  1 
ATOM   306  N NE  . ARG A 1 57  ? -19.641 -1.625  -6.542  1.00 50.41 ? 74   ARG A NE  1 
ATOM   307  C CZ  . ARG A 1 57  ? -18.962 -0.476  -6.454  1.00 53.29 ? 74   ARG A CZ  1 
ATOM   308  N NH1 . ARG A 1 57  ? -19.006 0.416   -7.440  1.00 54.46 ? 74   ARG A NH1 1 
ATOM   309  N NH2 . ARG A 1 57  ? -18.230 -0.215  -5.373  1.00 53.32 ? 74   ARG A NH2 1 
ATOM   310  N N   . ARG A 1 58  ? -17.728 -4.478  -11.854 1.00 32.37 ? 75   ARG A N   1 
ATOM   311  C CA  . ARG A 1 58  ? -17.914 -4.527  -13.308 1.00 32.67 ? 75   ARG A CA  1 
ATOM   312  C C   . ARG A 1 58  ? -17.143 -5.676  -13.926 1.00 33.05 ? 75   ARG A C   1 
ATOM   313  O O   . ARG A 1 58  ? -16.856 -5.666  -15.125 1.00 32.46 ? 75   ARG A O   1 
ATOM   314  C CB  . ARG A 1 58  ? -17.541 -3.193  -13.987 1.00 31.67 ? 75   ARG A CB  1 
ATOM   315  C CG  . ARG A 1 58  ? -18.250 -1.976  -13.387 1.00 30.68 ? 75   ARG A CG  1 
ATOM   316  C CD  . ARG A 1 58  ? -19.787 -2.151  -13.352 1.00 30.80 ? 75   ARG A CD  1 
ATOM   317  N NE  . ARG A 1 58  ? -20.393 -1.215  -12.405 1.00 30.20 ? 75   ARG A NE  1 
ATOM   318  C CZ  . ARG A 1 58  ? -21.620 -1.301  -11.910 1.00 28.83 ? 75   ARG A CZ  1 
ATOM   319  N NH1 . ARG A 1 58  ? -22.436 -2.291  -12.254 1.00 27.48 ? 75   ARG A NH1 1 
ATOM   320  N NH2 . ARG A 1 58  ? -22.035 -0.377  -11.063 1.00 28.77 ? 75   ARG A NH2 1 
ATOM   321  N N   . ARG A 1 59  ? -16.804 -6.656  -13.097 1.00 34.69 ? 76   ARG A N   1 
ATOM   322  C CA  . ARG A 1 59  ? -16.048 -7.830  -13.553 1.00 37.41 ? 76   ARG A CA  1 
ATOM   323  C C   . ARG A 1 59  ? -14.822 -7.477  -14.400 1.00 37.67 ? 76   ARG A C   1 
ATOM   324  O O   . ARG A 1 59  ? -14.596 -8.123  -15.419 1.00 37.51 ? 76   ARG A O   1 
ATOM   325  C CB  . ARG A 1 59  ? -16.954 -8.763  -14.389 1.00 37.94 ? 76   ARG A CB  1 
ATOM   326  C CG  . ARG A 1 59  ? -18.252 -9.185  -13.718 1.00 41.44 ? 76   ARG A CG  1 
ATOM   327  C CD  . ARG A 1 59  ? -17.983 -10.245 -12.671 1.00 48.26 ? 76   ARG A CD  1 
ATOM   328  N NE  . ARG A 1 59  ? -19.215 -10.630 -11.986 1.00 54.72 ? 76   ARG A NE  1 
ATOM   329  C CZ  . ARG A 1 59  ? -19.327 -11.646 -11.127 1.00 57.47 ? 76   ARG A CZ  1 
ATOM   330  N NH1 . ARG A 1 59  ? -18.274 -12.416 -10.830 1.00 57.79 ? 76   ARG A NH1 1 
ATOM   331  N NH2 . ARG A 1 59  ? -20.506 -11.898 -10.562 1.00 57.90 ? 76   ARG A NH2 1 
ATOM   332  N N   . GLN A 1 60  ? -14.069 -6.441  -14.018 1.00 38.10 ? 77   GLN A N   1 
ATOM   333  C CA  . GLN A 1 60  ? -12.799 -6.139  -14.676 1.00 39.32 ? 77   GLN A CA  1 
ATOM   334  C C   . GLN A 1 60  ? -11.753 -7.245  -14.386 1.00 39.26 ? 77   GLN A C   1 
ATOM   335  O O   . GLN A 1 60  ? -11.790 -7.860  -13.321 1.00 39.47 ? 77   GLN A O   1 
ATOM   336  C CB  . GLN A 1 60  ? -12.283 -4.755  -14.255 1.00 40.13 ? 77   GLN A CB  1 
ATOM   337  C CG  . GLN A 1 60  ? -13.145 -3.578  -14.746 1.00 43.11 ? 77   GLN A CG  1 
ATOM   338  C CD  . GLN A 1 60  ? -13.170 -3.473  -16.273 1.00 48.60 ? 77   GLN A CD  1 
ATOM   339  O OE1 . GLN A 1 60  ? -12.116 -3.442  -16.921 1.00 50.98 ? 77   GLN A OE1 1 
ATOM   340  N NE2 . GLN A 1 60  ? -14.371 -3.425  -16.853 1.00 48.43 ? 77   GLN A NE2 1 
ATOM   341  N N   . PRO A 1 61  ? -10.848 -7.528  -15.347 1.00 39.45 ? 78   PRO A N   1 
ATOM   342  C CA  . PRO A 1 61  ? -9.743  -8.494  -15.148 1.00 39.26 ? 78   PRO A CA  1 
ATOM   343  C C   . PRO A 1 61  ? -8.871  -8.182  -13.916 1.00 38.68 ? 78   PRO A C   1 
ATOM   344  O O   . PRO A 1 61  ? -8.513  -7.028  -13.691 1.00 38.00 ? 78   PRO A O   1 
ATOM   345  C CB  . PRO A 1 61  ? -8.898  -8.338  -16.423 1.00 39.54 ? 78   PRO A CB  1 
ATOM   346  C CG  . PRO A 1 61  ? -9.850  -7.866  -17.463 1.00 40.33 ? 78   PRO A CG  1 
ATOM   347  C CD  . PRO A 1 61  ? -10.896 -7.023  -16.736 1.00 39.78 ? 78   PRO A CD  1 
ATOM   348  N N   . ARG A 1 62  ? -8.544  -9.205  -13.130 1.00 38.12 ? 79   ARG A N   1 
ATOM   349  C CA  . ARG A 1 62  ? -7.679  -9.030  -11.959 1.00 37.86 ? 79   ARG A CA  1 
ATOM   350  C C   . ARG A 1 62  ? -6.187  -9.147  -12.296 1.00 37.21 ? 79   ARG A C   1 
ATOM   351  O O   . ARG A 1 62  ? -5.771  -10.056 -13.016 1.00 37.39 ? 79   ARG A O   1 
ATOM   352  C CB  . ARG A 1 62  ? -8.073  -9.992  -10.835 1.00 37.95 ? 79   ARG A CB  1 
ATOM   353  C CG  . ARG A 1 62  ? -9.476  -9.760  -10.297 1.00 39.07 ? 79   ARG A CG  1 
ATOM   354  C CD  . ARG A 1 62  ? -9.643  -10.291 -8.887  1.00 43.67 ? 79   ARG A CD  1 
ATOM   355  N NE  . ARG A 1 62  ? -9.844  -11.731 -8.904  1.00 49.08 ? 79   ARG A NE  1 
ATOM   356  C CZ  . ARG A 1 62  ? -11.026 -12.334 -9.015  1.00 50.22 ? 79   ARG A CZ  1 
ATOM   357  N NH1 . ARG A 1 62  ? -12.153 -11.628 -9.094  1.00 49.56 ? 79   ARG A NH1 1 
ATOM   358  N NH2 . ARG A 1 62  ? -11.071 -13.658 -9.054  1.00 51.17 ? 79   ARG A NH2 1 
ATOM   359  N N   . HIS A 1 63  ? -5.401  -8.203  -11.779 1.00 36.21 ? 80   HIS A N   1 
ATOM   360  C CA  . HIS A 1 63  ? -3.960  -8.129  -12.024 1.00 35.06 ? 80   HIS A CA  1 
ATOM   361  C C   . HIS A 1 63  ? -3.214  -8.027  -10.705 1.00 33.13 ? 80   HIS A C   1 
ATOM   362  O O   . HIS A 1 63  ? -3.593  -7.232  -9.839  1.00 32.22 ? 80   HIS A O   1 
ATOM   363  C CB  . HIS A 1 63  ? -3.617  -6.903  -12.893 1.00 35.81 ? 80   HIS A CB  1 
ATOM   364  C CG  . HIS A 1 63  ? -4.323  -6.880  -14.217 1.00 39.87 ? 80   HIS A CG  1 
ATOM   365  N ND1 . HIS A 1 63  ? -4.027  -7.763  -15.240 1.00 42.52 ? 80   HIS A ND1 1 
ATOM   366  C CD2 . HIS A 1 63  ? -5.314  -6.080  -14.686 1.00 42.40 ? 80   HIS A CD2 1 
ATOM   367  C CE1 . HIS A 1 63  ? -4.803  -7.507  -16.281 1.00 42.99 ? 80   HIS A CE1 1 
ATOM   368  N NE2 . HIS A 1 63  ? -5.592  -6.490  -15.972 1.00 44.14 ? 80   HIS A NE2 1 
ATOM   369  N N   . ARG A 1 64  ? -2.159  -8.835  -10.567 1.00 30.97 ? 81   ARG A N   1 
ATOM   370  C CA  . ARG A 1 64  ? -1.246  -8.771  -9.441  1.00 30.07 ? 81   ARG A CA  1 
ATOM   371  C C   . ARG A 1 64  ? -0.451  -7.467  -9.513  1.00 29.58 ? 81   ARG A C   1 
ATOM   372  O O   . ARG A 1 64  ? -0.119  -6.989  -10.599 1.00 29.07 ? 81   ARG A O   1 
ATOM   373  C CB  . ARG A 1 64  ? -0.293  -9.982  -9.430  1.00 29.63 ? 81   ARG A CB  1 
ATOM   374  C CG  . ARG A 1 64  ? -0.981  -11.341 -9.158  1.00 31.23 ? 81   ARG A CG  1 
ATOM   375  C CD  . ARG A 1 64  ? 0.007   -12.528 -8.905  1.00 31.69 ? 81   ARG A CD  1 
ATOM   376  N NE  . ARG A 1 64  ? -0.764  -13.715 -9.176  1.00 34.43 ? 81   ARG A NE  1 
ATOM   377  C CZ  . ARG A 1 64  ? -1.172  -14.170 -10.351 1.00 32.47 ? 81   ARG A CZ  1 
ATOM   378  N NH1 . ARG A 1 64  ? -1.225  -13.427 -11.468 1.00 31.82 ? 81   ARG A NH1 1 
ATOM   379  N NH2 . ARG A 1 64  ? -1.574  -15.412 -10.353 1.00 29.74 ? 81   ARG A NH2 1 
ATOM   380  N N   . VAL A 1 65  ? -0.141  -6.889  -8.361  1.00 29.01 ? 82   VAL A N   1 
ATOM   381  C CA  . VAL A 1 65  ? 0.717   -5.706  -8.350  1.00 28.48 ? 82   VAL A CA  1 
ATOM   382  C C   . VAL A 1 65  ? 2.166   -6.191  -8.387  1.00 28.25 ? 82   VAL A C   1 
ATOM   383  O O   . VAL A 1 65  ? 2.670   -6.625  -7.369  1.00 27.33 ? 82   VAL A O   1 
ATOM   384  C CB  . VAL A 1 65  ? 0.482   -4.811  -7.094  1.00 28.75 ? 82   VAL A CB  1 
ATOM   385  C CG1 . VAL A 1 65  ? 1.112   -3.433  -7.308  1.00 29.13 ? 82   VAL A CG1 1 
ATOM   386  C CG2 . VAL A 1 65  ? -1.018  -4.708  -6.732  1.00 26.42 ? 82   VAL A CG2 1 
ATOM   387  N N   . ARG A 1 66  ? 2.822   -6.103  -9.556  1.00 28.53 ? 83   ARG A N   1 
ATOM   388  C CA  . ARG A 1 66  ? 4.237   -6.511  -9.715  1.00 28.99 ? 83   ARG A CA  1 
ATOM   389  C C   . ARG A 1 66  ? 5.231   -5.461  -9.202  1.00 28.65 ? 83   ARG A C   1 
ATOM   390  O O   . ARG A 1 66  ? 6.284   -5.817  -8.713  1.00 29.24 ? 83   ARG A O   1 
ATOM   391  C CB  . ARG A 1 66  ? 4.598   -6.824  -11.185 1.00 28.97 ? 83   ARG A CB  1 
ATOM   392  C CG  . ARG A 1 66  ? 3.603   -7.711  -11.954 1.00 30.54 ? 83   ARG A CG  1 
ATOM   393  C CD  . ARG A 1 66  ? 3.917   -9.160  -11.779 1.00 29.20 ? 83   ARG A CD  1 
ATOM   394  N NE  . ARG A 1 66  ? 3.005   -10.040 -12.519 1.00 29.90 ? 83   ARG A NE  1 
ATOM   395  C CZ  . ARG A 1 66  ? 2.791   -11.315 -12.180 1.00 29.54 ? 83   ARG A CZ  1 
ATOM   396  N NH1 . ARG A 1 66  ? 3.426   -11.827 -11.125 1.00 25.66 ? 83   ARG A NH1 1 
ATOM   397  N NH2 . ARG A 1 66  ? 1.950   -12.073 -12.873 1.00 28.28 ? 83   ARG A NH2 1 
ATOM   398  N N   . SER A 1 67  ? 4.913   -4.177  -9.348  1.00 27.90 ? 84   SER A N   1 
ATOM   399  C CA  . SER A 1 67  ? 5.774   -3.121  -8.825  1.00 26.92 ? 84   SER A CA  1 
ATOM   400  C C   . SER A 1 67  ? 4.992   -1.830  -8.503  1.00 25.67 ? 84   SER A C   1 
ATOM   401  O O   . SER A 1 67  ? 3.823   -1.705  -8.861  1.00 24.24 ? 84   SER A O   1 
ATOM   402  C CB  . SER A 1 67  ? 6.891   -2.804  -9.824  1.00 27.24 ? 84   SER A CB  1 
ATOM   403  O OG  . SER A 1 67  ? 6.382   -1.985  -10.846 1.00 28.88 ? 84   SER A OG  1 
ATOM   404  N N   . ALA A 1 68  ? 5.682   -0.883  -7.857  1.00 24.69 ? 85   ALA A N   1 
ATOM   405  C CA  . ALA A 1 68  ? 5.129   0.405   -7.451  1.00 24.77 ? 85   ALA A CA  1 
ATOM   406  C C   . ALA A 1 68  ? 4.719   1.238   -8.657  1.00 24.28 ? 85   ALA A C   1 
ATOM   407  O O   . ALA A 1 68  ? 3.859   2.109   -8.544  1.00 24.62 ? 85   ALA A O   1 
ATOM   408  C CB  . ALA A 1 68  ? 6.128   1.170   -6.573  1.00 24.49 ? 85   ALA A CB  1 
ATOM   409  N N   . ALA A 1 69  ? 5.306   0.942   -9.815  1.00 23.30 ? 86   ALA A N   1 
ATOM   410  C CA  . ALA A 1 69  ? 4.931   1.592   -11.056 1.00 23.12 ? 86   ALA A CA  1 
ATOM   411  C C   . ALA A 1 69  ? 3.462   1.421   -11.405 1.00 23.14 ? 86   ALA A C   1 
ATOM   412  O O   . ALA A 1 69  ? 2.910   2.264   -12.099 1.00 22.82 ? 86   ALA A O   1 
ATOM   413  C CB  . ALA A 1 69  ? 5.814   1.087   -12.237 1.00 23.53 ? 86   ALA A CB  1 
ATOM   414  N N   . GLN A 1 70  ? 2.832   0.334   -10.956 1.00 22.61 ? 87   GLN A N   1 
ATOM   415  C CA  . GLN A 1 70  ? 1.412   0.109   -11.284 1.00 22.42 ? 87   GLN A CA  1 
ATOM   416  C C   . GLN A 1 70  ? 0.444   0.933   -10.437 1.00 22.77 ? 87   GLN A C   1 
ATOM   417  O O   . GLN A 1 70  ? -0.728  1.094   -10.787 1.00 23.08 ? 87   GLN A O   1 
ATOM   418  C CB  . GLN A 1 70  ? 1.056   -1.375  -11.173 1.00 22.08 ? 87   GLN A CB  1 
ATOM   419  C CG  . GLN A 1 70  ? 1.703   -2.255  -12.248 1.00 22.62 ? 87   GLN A CG  1 
ATOM   420  C CD  . GLN A 1 70  ? 1.537   -3.723  -11.917 1.00 23.70 ? 87   GLN A CD  1 
ATOM   421  O OE1 . GLN A 1 70  ? 2.493   -4.378  -11.577 1.00 25.80 ? 87   GLN A OE1 1 
ATOM   422  N NE2 . GLN A 1 70  ? 0.304   -4.221  -11.947 1.00 23.51 ? 87   GLN A NE2 1 
ATOM   423  N N   . ILE A 1 71  ? 0.923   1.457   -9.323  1.00 22.70 ? 88   ILE A N   1 
ATOM   424  C CA  . ILE A 1 71  ? 0.039   2.203   -8.430  1.00 23.48 ? 88   ILE A CA  1 
ATOM   425  C C   . ILE A 1 71  ? 0.025   3.679   -8.821  1.00 22.99 ? 88   ILE A C   1 
ATOM   426  O O   . ILE A 1 71  ? 1.062   4.342   -8.785  1.00 23.30 ? 88   ILE A O   1 
ATOM   427  C CB  . ILE A 1 71  ? 0.416   1.978   -6.949  1.00 23.36 ? 88   ILE A CB  1 
ATOM   428  C CG1 . ILE A 1 71  ? 0.314   0.479   -6.616  1.00 23.66 ? 88   ILE A CG1 1 
ATOM   429  C CG2 . ILE A 1 71  ? -0.529  2.736   -6.036  1.00 24.19 ? 88   ILE A CG2 1 
ATOM   430  C CD1 . ILE A 1 71  ? 0.921   0.136   -5.291  1.00 27.60 ? 88   ILE A CD1 1 
ATOM   431  N N   . ARG A 1 72  ? -1.144  4.171   -9.226  1.00 22.91 ? 89   ARG A N   1 
ATOM   432  C CA  . ARG A 1 72  ? -1.281  5.545   -9.724  1.00 23.71 ? 89   ARG A CA  1 
ATOM   433  C C   . ARG A 1 72  ? -2.016  6.415   -8.697  1.00 22.70 ? 89   ARG A C   1 
ATOM   434  O O   . ARG A 1 72  ? -3.128  6.104   -8.298  1.00 22.05 ? 89   ARG A O   1 
ATOM   435  C CB  . ARG A 1 72  ? -2.027  5.581   -11.066 1.00 24.53 ? 89   ARG A CB  1 
ATOM   436  C CG  . ARG A 1 72  ? -1.469  4.637   -12.140 1.00 29.09 ? 89   ARG A CG  1 
ATOM   437  C CD  . ARG A 1 72  ? -0.212  5.224   -12.730 1.00 39.25 ? 89   ARG A CD  1 
ATOM   438  N NE  . ARG A 1 72  ? 0.694   4.207   -13.278 1.00 45.44 ? 89   ARG A NE  1 
ATOM   439  C CZ  . ARG A 1 72  ? 0.589   3.671   -14.496 1.00 48.14 ? 89   ARG A CZ  1 
ATOM   440  N NH1 . ARG A 1 72  ? -0.400  4.030   -15.320 1.00 47.19 ? 89   ARG A NH1 1 
ATOM   441  N NH2 . ARG A 1 72  ? 1.479   2.758   -14.887 1.00 49.63 ? 89   ARG A NH2 1 
ATOM   442  N N   . VAL A 1 73  ? -1.366  7.485   -8.261  1.00 21.66 ? 90   VAL A N   1 
ATOM   443  C CA  . VAL A 1 73  ? -1.960  8.406   -7.315  1.00 22.17 ? 90   VAL A CA  1 
ATOM   444  C C   . VAL A 1 73  ? -2.432  9.592   -8.137  1.00 22.63 ? 90   VAL A C   1 
ATOM   445  O O   . VAL A 1 73  ? -1.653  10.168  -8.878  1.00 23.45 ? 90   VAL A O   1 
ATOM   446  C CB  . VAL A 1 73  ? -0.970  8.881   -6.215  1.00 21.71 ? 90   VAL A CB  1 
ATOM   447  C CG1 . VAL A 1 73  ? -1.696  9.808   -5.219  1.00 22.41 ? 90   VAL A CG1 1 
ATOM   448  C CG2 . VAL A 1 73  ? -0.357  7.708   -5.485  1.00 21.05 ? 90   VAL A CG2 1 
ATOM   449  N N   . TRP A 1 74  ? -3.709  9.935   -8.018  1.00 22.51 ? 91   TRP A N   1 
ATOM   450  C CA  . TRP A 1 74  ? -4.290  10.991  -8.825  1.00 23.47 ? 91   TRP A CA  1 
ATOM   451  C C   . TRP A 1 74  ? -4.355  12.345  -8.090  1.00 24.17 ? 91   TRP A C   1 
ATOM   452  O O   . TRP A 1 74  ? -4.335  12.403  -6.836  1.00 24.11 ? 91   TRP A O   1 
ATOM   453  C CB  . TRP A 1 74  ? -5.687  10.563  -9.325  1.00 23.37 ? 91   TRP A CB  1 
ATOM   454  C CG  . TRP A 1 74  ? -5.617  9.368   -10.268 1.00 24.17 ? 91   TRP A CG  1 
ATOM   455  C CD1 . TRP A 1 74  ? -5.543  8.036   -9.908  1.00 23.83 ? 91   TRP A CD1 1 
ATOM   456  C CD2 . TRP A 1 74  ? -5.584  9.394   -11.709 1.00 24.14 ? 91   TRP A CD2 1 
ATOM   457  N NE1 . TRP A 1 74  ? -5.485  7.244   -11.041 1.00 25.91 ? 91   TRP A NE1 1 
ATOM   458  C CE2 . TRP A 1 74  ? -5.513  8.044   -12.153 1.00 25.03 ? 91   TRP A CE2 1 
ATOM   459  C CE3 . TRP A 1 74  ? -5.650  10.416  -12.663 1.00 23.34 ? 91   TRP A CE3 1 
ATOM   460  C CZ2 . TRP A 1 74  ? -5.475  7.694   -13.512 1.00 25.93 ? 91   TRP A CZ2 1 
ATOM   461  C CZ3 . TRP A 1 74  ? -5.609  10.068  -14.011 1.00 24.99 ? 91   TRP A CZ3 1 
ATOM   462  C CH2 . TRP A 1 74  ? -5.529  8.708   -14.422 1.00 24.34 ? 91   TRP A CH2 1 
ATOM   463  N N   . ARG A 1 75  ? -4.442  13.418  -8.878  1.00 24.62 ? 92   ARG A N   1 
ATOM   464  C CA  . ARG A 1 75  ? -4.538  14.803  -8.367  1.00 25.96 ? 92   ARG A CA  1 
ATOM   465  C C   . ARG A 1 75  ? -5.679  14.987  -7.360  1.00 25.18 ? 92   ARG A C   1 
ATOM   466  O O   . ARG A 1 75  ? -5.534  15.745  -6.403  1.00 25.98 ? 92   ARG A O   1 
ATOM   467  C CB  . ARG A 1 75  ? -4.677  15.805  -9.541  1.00 26.36 ? 92   ARG A CB  1 
ATOM   468  C CG  . ARG A 1 75  ? -4.703  17.291  -9.128  1.00 31.27 ? 92   ARG A CG  1 
ATOM   469  C CD  . ARG A 1 75  ? -4.930  18.231  -10.334 1.00 38.41 ? 92   ARG A CD  1 
ATOM   470  N NE  . ARG A 1 75  ? -3.834  18.152  -11.313 1.00 42.88 ? 92   ARG A NE  1 
ATOM   471  C CZ  . ARG A 1 75  ? -2.672  18.805  -11.216 1.00 44.31 ? 92   ARG A CZ  1 
ATOM   472  N NH1 . ARG A 1 75  ? -2.432  19.612  -10.195 1.00 47.07 ? 92   ARG A NH1 1 
ATOM   473  N NH2 . ARG A 1 75  ? -1.744  18.657  -12.147 1.00 44.79 ? 92   ARG A NH2 1 
ATOM   474  N N   . ASP A 1 76  ? -6.802  14.305  -7.576  1.00 24.31 ? 93   ASP A N   1 
ATOM   475  C CA  . ASP A 1 76  ? -7.933  14.329  -6.624  1.00 24.37 ? 93   ASP A CA  1 
ATOM   476  C C   . ASP A 1 76  ? -7.811  13.318  -5.437  1.00 23.53 ? 93   ASP A C   1 
ATOM   477  O O   . ASP A 1 76  ? -8.730  13.195  -4.615  1.00 23.80 ? 93   ASP A O   1 
ATOM   478  C CB  . ASP A 1 76  ? -9.278  14.139  -7.356  1.00 23.79 ? 93   ASP A CB  1 
ATOM   479  C CG  . ASP A 1 76  ? -9.417  12.753  -7.998  1.00 27.53 ? 93   ASP A CG  1 
ATOM   480  O OD1 . ASP A 1 76  ? -8.429  11.991  -8.042  1.00 29.56 ? 93   ASP A OD1 1 
ATOM   481  O OD2 . ASP A 1 76  ? -10.523 12.395  -8.470  1.00 30.74 ? 93   ASP A OD2 1 
ATOM   482  N N   . GLY A 1 77  ? -6.704  12.587  -5.345  1.00 22.42 ? 94   GLY A N   1 
ATOM   483  C CA  . GLY A 1 77  ? -6.544  11.679  -4.206  1.00 21.49 ? 94   GLY A CA  1 
ATOM   484  C C   . GLY A 1 77  ? -7.083  10.267  -4.407  1.00 21.56 ? 94   GLY A C   1 
ATOM   485  O O   . GLY A 1 77  ? -6.973  9.433   -3.511  1.00 21.45 ? 94   GLY A O   1 
ATOM   486  N N   . ALA A 1 78  ? -7.650  9.986   -5.584  1.00 21.08 ? 95   ALA A N   1 
ATOM   487  C CA  . ALA A 1 78  ? -7.960  8.609   -5.949  1.00 21.30 ? 95   ALA A CA  1 
ATOM   488  C C   . ALA A 1 78  ? -6.633  7.840   -6.173  1.00 21.52 ? 95   ALA A C   1 
ATOM   489  O O   . ALA A 1 78  ? -5.595  8.440   -6.518  1.00 21.26 ? 95   ALA A O   1 
ATOM   490  C CB  . ALA A 1 78  ? -8.827  8.566   -7.210  1.00 20.64 ? 95   ALA A CB  1 
ATOM   491  N N   . VAL A 1 79  ? -6.676  6.524   -5.979  1.00 21.92 ? 96   VAL A N   1 
ATOM   492  C CA  . VAL A 1 79  ? -5.546  5.654   -6.290  1.00 22.65 ? 96   VAL A CA  1 
ATOM   493  C C   . VAL A 1 79  ? -6.090  4.481   -7.092  1.00 24.64 ? 96   VAL A C   1 
ATOM   494  O O   . VAL A 1 79  ? -7.048  3.825   -6.668  1.00 24.23 ? 96   VAL A O   1 
ATOM   495  C CB  . VAL A 1 79  ? -4.860  5.166   -5.006  1.00 22.87 ? 96   VAL A CB  1 
ATOM   496  C CG1 . VAL A 1 79  ? -3.743  4.202   -5.310  1.00 21.87 ? 96   VAL A CG1 1 
ATOM   497  C CG2 . VAL A 1 79  ? -4.348  6.372   -4.185  1.00 21.74 ? 96   VAL A CG2 1 
ATOM   498  N N   . THR A 1 80  ? -5.502  4.245   -8.267  1.00 25.54 ? 97   THR A N   1 
ATOM   499  C CA  . THR A 1 80  ? -5.925  3.159   -9.132  1.00 26.89 ? 97   THR A CA  1 
ATOM   500  C C   . THR A 1 80  ? -4.736  2.235   -9.391  1.00 28.24 ? 97   THR A C   1 
ATOM   501  O O   . THR A 1 80  ? -3.562  2.573   -9.129  1.00 27.03 ? 97   THR A O   1 
ATOM   502  C CB  . THR A 1 80  ? -6.495  3.667   -10.491 1.00 27.08 ? 97   THR A CB  1 
ATOM   503  O OG1 . THR A 1 80  ? -5.500  4.464   -11.133 1.00 26.40 ? 97   THR A OG1 1 
ATOM   504  C CG2 . THR A 1 80  ? -7.795  4.512   -10.289 1.00 26.24 ? 97   THR A CG2 1 
ATOM   505  N N   . LEU A 1 81  ? -5.057  1.056   -9.888  1.00 29.72 ? 98   LEU A N   1 
ATOM   506  C CA  . LEU A 1 81  ? -4.052  0.068   -10.193 1.00 32.32 ? 98   LEU A CA  1 
ATOM   507  C C   . LEU A 1 81  ? -4.053  -0.144  -11.692 1.00 34.00 ? 98   LEU A C   1 
ATOM   508  O O   . LEU A 1 81  ? -5.069  -0.528  -12.262 1.00 34.70 ? 98   LEU A O   1 
ATOM   509  C CB  . LEU A 1 81  ? -4.360  -1.243  -9.450  1.00 32.00 ? 98   LEU A CB  1 
ATOM   510  C CG  . LEU A 1 81  ? -3.355  -2.367  -9.717  1.00 33.07 ? 98   LEU A CG  1 
ATOM   511  C CD1 . LEU A 1 81  ? -2.011  -2.039  -9.028  1.00 34.13 ? 98   LEU A CD1 1 
ATOM   512  C CD2 . LEU A 1 81  ? -3.915  -3.708  -9.264  1.00 31.17 ? 98   LEU A CD2 1 
ATOM   513  N N   . ALA A 1 82  ? -2.934  0.146   -12.335 1.00 36.44 ? 99   ALA A N   1 
ATOM   514  C CA  . ALA A 1 82  ? -2.756  -0.176  -13.754 1.00 38.58 ? 99   ALA A CA  1 
ATOM   515  C C   . ALA A 1 82  ? -2.242  -1.616  -13.915 1.00 40.59 ? 99   ALA A C   1 
ATOM   516  O O   . ALA A 1 82  ? -1.558  -2.127  -13.028 1.00 40.07 ? 99   ALA A O   1 
ATOM   517  C CB  . ALA A 1 82  ? -1.775  0.818   -14.387 1.00 38.43 ? 99   ALA A CB  1 
ATOM   518  N N   . PRO A 1 83  ? -2.561  -2.283  -15.049 1.00 43.18 ? 100  PRO A N   1 
ATOM   519  C CA  . PRO A 1 83  ? -1.949  -3.607  -15.303 1.00 44.94 ? 100  PRO A CA  1 
ATOM   520  C C   . PRO A 1 83  ? -0.443  -3.476  -15.592 1.00 46.49 ? 100  PRO A C   1 
ATOM   521  O O   . PRO A 1 83  ? -0.012  -2.445  -16.104 1.00 46.59 ? 100  PRO A O   1 
ATOM   522  C CB  . PRO A 1 83  ? -2.684  -4.098  -16.550 1.00 44.98 ? 100  PRO A CB  1 
ATOM   523  C CG  . PRO A 1 83  ? -3.077  -2.831  -17.279 1.00 44.40 ? 100  PRO A CG  1 
ATOM   524  C CD  . PRO A 1 83  ? -3.383  -1.824  -16.189 1.00 43.65 ? 100  PRO A CD  1 
ATOM   525  N N   . ALA A 1 84  ? 0.353   -4.481  -15.234 1.00 48.64 ? 101  ALA A N   1 
ATOM   526  C CA  . ALA A 1 84  ? 1.786   -4.456  -15.558 1.00 51.20 ? 101  ALA A CA  1 
ATOM   527  C C   . ALA A 1 84  ? 1.954   -4.529  -17.075 1.00 53.07 ? 101  ALA A C   1 
ATOM   528  O O   . ALA A 1 84  ? 1.198   -5.236  -17.745 1.00 53.58 ? 101  ALA A O   1 
ATOM   529  C CB  . ALA A 1 84  ? 2.519   -5.603  -14.890 1.00 50.81 ? 101  ALA A CB  1 
ATOM   530  N N   . ALA A 1 85  ? 2.932   -3.795  -17.605 1.00 55.23 ? 102  ALA A N   1 
ATOM   531  C CA  . ALA A 1 85  ? 3.216   -3.751  -19.050 1.00 57.45 ? 102  ALA A CA  1 
ATOM   532  C C   . ALA A 1 85  ? 3.252   -5.121  -19.758 1.00 58.92 ? 102  ALA A C   1 
ATOM   533  O O   . ALA A 1 85  ? 3.021   -5.201  -20.974 1.00 59.29 ? 102  ALA A O   1 
ATOM   534  C CB  . ALA A 1 85  ? 4.528   -2.993  -19.304 1.00 57.44 ? 102  ALA A CB  1 
ATOM   535  N N   . ASP A 1 86  ? 3.534   -6.182  -18.997 1.00 60.34 ? 103  ASP A N   1 
ATOM   536  C CA  . ASP A 1 86  ? 3.731   -7.531  -19.550 1.00 61.71 ? 103  ASP A CA  1 
ATOM   537  C C   . ASP A 1 86  ? 2.469   -8.391  -19.429 1.00 61.77 ? 103  ASP A C   1 
ATOM   538  O O   . ASP A 1 86  ? 2.537   -9.626  -19.412 1.00 61.80 ? 103  ASP A O   1 
ATOM   539  C CB  . ASP A 1 86  ? 4.925   -8.232  -18.865 1.00 62.25 ? 103  ASP A CB  1 
ATOM   540  C CG  . ASP A 1 86  ? 5.925   -7.243  -18.239 1.00 64.54 ? 103  ASP A CG  1 
ATOM   541  O OD1 . ASP A 1 86  ? 6.206   -6.173  -18.841 1.00 66.80 ? 103  ASP A OD1 1 
ATOM   542  O OD2 . ASP A 1 86  ? 6.430   -7.545  -17.130 1.00 67.01 ? 103  ASP A OD2 1 
ATOM   543  N N   . GLN A 1 102 ? -5.238  -17.532 -14.030 1.00 44.46 ? 119  GLN A N   1 
ATOM   544  C CA  . GLN A 1 102 ? -6.245  -17.029 -13.098 1.00 44.44 ? 119  GLN A CA  1 
ATOM   545  C C   . GLN A 1 102 ? -5.574  -16.356 -11.888 1.00 43.39 ? 119  GLN A C   1 
ATOM   546  O O   . GLN A 1 102 ? -4.413  -16.683 -11.533 1.00 43.09 ? 119  GLN A O   1 
ATOM   547  C CB  . GLN A 1 102 ? -7.156  -18.154 -12.632 1.00 45.02 ? 119  GLN A CB  1 
ATOM   548  C CG  . GLN A 1 102 ? -8.519  -17.703 -12.190 1.00 48.75 ? 119  GLN A CG  1 
ATOM   549  C CD  . GLN A 1 102 ? -8.890  -18.314 -10.852 1.00 54.21 ? 119  GLN A CD  1 
ATOM   550  O OE1 . GLN A 1 102 ? -10.077 -18.504 -10.538 1.00 55.93 ? 119  GLN A OE1 1 
ATOM   551  N NE2 . GLN A 1 102 ? -7.871  -18.625 -10.048 1.00 53.30 ? 119  GLN A NE2 1 
ATOM   552  N N   . CYS A 1 103 ? -6.317  -15.429 -11.273 1.00 41.07 ? 120  CYS A N   1 
ATOM   553  C CA  . CYS A 1 103 ? -5.808  -14.560 -10.219 1.00 38.86 ? 120  CYS A CA  1 
ATOM   554  C C   . CYS A 1 103 ? -6.903  -14.297 -9.167  1.00 37.67 ? 120  CYS A C   1 
ATOM   555  O O   . CYS A 1 103 ? -7.908  -13.643 -9.450  1.00 37.34 ? 120  CYS A O   1 
ATOM   556  C CB  . CYS A 1 103 ? -5.319  -13.249 -10.829 1.00 38.73 ? 120  CYS A CB  1 
ATOM   557  S SG  . CYS A 1 103 ? -4.556  -12.104 -9.652  1.00 37.06 ? 120  CYS A SG  1 
ATOM   558  N N   . MET A 1 104 ? -6.697  -14.815 -7.960  1.00 35.80 ? 121  MET A N   1 
ATOM   559  C CA  . MET A 1 104 ? -7.654  -14.659 -6.883  1.00 34.72 ? 121  MET A CA  1 
ATOM   560  C C   . MET A 1 104 ? -7.566  -13.251 -6.303  1.00 33.21 ? 121  MET A C   1 
ATOM   561  O O   . MET A 1 104 ? -6.516  -12.587 -6.355  1.00 32.05 ? 121  MET A O   1 
ATOM   562  C CB  . MET A 1 104 ? -7.363  -15.643 -5.759  1.00 35.52 ? 121  MET A CB  1 
ATOM   563  C CG  . MET A 1 104 ? -7.011  -17.069 -6.197  1.00 39.51 ? 121  MET A CG  1 
ATOM   564  S SD  . MET A 1 104 ? -8.466  -18.096 -6.308  1.00 46.70 ? 121  MET A SD  1 
ATOM   565  C CE  . MET A 1 104 ? -8.887  -18.191 -4.589  1.00 39.00 ? 121  MET A CE  1 
ATOM   566  N N   . GLU A 1 105 ? -8.681  -12.832 -5.721  1.00 31.79 ? 122  GLU A N   1 
ATOM   567  C CA  . GLU A 1 105 ? -8.782  -11.587 -4.994  1.00 30.51 ? 122  GLU A CA  1 
ATOM   568  C C   . GLU A 1 105 ? -7.686  -11.486 -3.944  1.00 28.78 ? 122  GLU A C   1 
ATOM   569  O O   . GLU A 1 105 ? -7.012  -10.463 -3.881  1.00 27.60 ? 122  GLU A O   1 
ATOM   570  C CB  . GLU A 1 105 ? -10.174 -11.463 -4.372  1.00 30.86 ? 122  GLU A CB  1 
ATOM   571  C CG  . GLU A 1 105 ? -10.377 -10.230 -3.537  1.00 31.64 ? 122  GLU A CG  1 
ATOM   572  C CD  . GLU A 1 105 ? -11.815 -9.693  -3.583  1.00 33.01 ? 122  GLU A CD  1 
ATOM   573  O OE1 . GLU A 1 105 ? -12.519 -9.875  -4.617  1.00 32.54 ? 122  GLU A OE1 1 
ATOM   574  O OE2 . GLU A 1 105 ? -12.207 -9.043  -2.588  1.00 32.26 ? 122  GLU A OE2 1 
ATOM   575  N N   . THR A 1 106 ? -7.490  -12.559 -3.165  1.00 27.05 ? 123  THR A N   1 
ATOM   576  C CA  . THR A 1 106 ? -6.424  -12.641 -2.156  1.00 25.71 ? 123  THR A CA  1 
ATOM   577  C C   . THR A 1 106 ? -5.014  -12.452 -2.701  1.00 24.94 ? 123  THR A C   1 
ATOM   578  O O   . THR A 1 106 ? -4.131  -11.951 -1.991  1.00 25.18 ? 123  THR A O   1 
ATOM   579  C CB  . THR A 1 106 ? -6.477  -13.964 -1.327  1.00 26.27 ? 123  THR A CB  1 
ATOM   580  O OG1 . THR A 1 106 ? -6.525  -15.100 -2.216  1.00 29.22 ? 123  THR A OG1 1 
ATOM   581  C CG2 . THR A 1 106 ? -7.734  -13.984 -0.401  1.00 26.47 ? 123  THR A CG2 1 
ATOM   582  N N   . GLU A 1 107 ? -4.774  -12.842 -3.949  1.00 24.08 ? 124  GLU A N   1 
ATOM   583  C CA  . GLU A 1 107 ? -3.445  -12.651 -4.548  1.00 22.68 ? 124  GLU A CA  1 
ATOM   584  C C   . GLU A 1 107 ? -3.179  -11.189 -4.900  1.00 21.95 ? 124  GLU A C   1 
ATOM   585  O O   . GLU A 1 107 ? -2.038  -10.728 -4.807  1.00 21.16 ? 124  GLU A O   1 
ATOM   586  C CB  . GLU A 1 107 ? -3.279  -13.494 -5.811  1.00 22.76 ? 124  GLU A CB  1 
ATOM   587  C CG  . GLU A 1 107 ? -3.342  -14.984 -5.593  1.00 24.48 ? 124  GLU A CG  1 
ATOM   588  C CD  . GLU A 1 107 ? -3.139  -15.738 -6.885  1.00 22.36 ? 124  GLU A CD  1 
ATOM   589  O OE1 . GLU A 1 107 ? -1.998  -15.820 -7.360  1.00 23.76 ? 124  GLU A OE1 1 
ATOM   590  O OE2 . GLU A 1 107 ? -4.129  -16.219 -7.426  1.00 23.09 ? 124  GLU A OE2 1 
ATOM   591  N N   . VAL A 1 108 ? -4.213  -10.470 -5.338  1.00 21.14 ? 125  VAL A N   1 
ATOM   592  C CA  . VAL A 1 108 ? -4.067  -9.023  -5.571  1.00 20.92 ? 125  VAL A CA  1 
ATOM   593  C C   . VAL A 1 108 ? -3.720  -8.363  -4.242  1.00 20.52 ? 125  VAL A C   1 
ATOM   594  O O   . VAL A 1 108 ? -2.770  -7.568  -4.156  1.00 19.84 ? 125  VAL A O   1 
ATOM   595  C CB  . VAL A 1 108 ? -5.317  -8.367  -6.230  1.00 21.13 ? 125  VAL A CB  1 
ATOM   596  C CG1 . VAL A 1 108 ? -5.075  -6.849  -6.492  1.00 19.69 ? 125  VAL A CG1 1 
ATOM   597  C CG2 . VAL A 1 108 ? -5.617  -9.041  -7.560  1.00 21.36 ? 125  VAL A CG2 1 
ATOM   598  N N   . ILE A 1 109 ? -4.454  -8.747  -3.196  1.00 20.68 ? 126  ILE A N   1 
ATOM   599  C CA  . ILE A 1 109 ? -4.243  -8.162  -1.867  1.00 21.03 ? 126  ILE A CA  1 
ATOM   600  C C   . ILE A 1 109 ? -2.809  -8.428  -1.386  1.00 21.36 ? 126  ILE A C   1 
ATOM   601  O O   . ILE A 1 109 ? -2.115  -7.520  -0.887  1.00 21.17 ? 126  ILE A O   1 
ATOM   602  C CB  . ILE A 1 109 ? -5.310  -8.647  -0.849  1.00 20.90 ? 126  ILE A CB  1 
ATOM   603  C CG1 . ILE A 1 109 ? -6.697  -8.085  -1.233  1.00 21.78 ? 126  ILE A CG1 1 
ATOM   604  C CG2 . ILE A 1 109 ? -4.965  -8.207  0.610   1.00 18.84 ? 126  ILE A CG2 1 
ATOM   605  C CD1 . ILE A 1 109 ? -7.854  -8.744  -0.506  1.00 17.93 ? 126  ILE A CD1 1 
ATOM   606  N N   . GLU A 1 110 ? -2.380  -9.671  -1.565  1.00 21.49 ? 127  GLU A N   1 
ATOM   607  C CA  . GLU A 1 110 ? -1.074  -10.123 -1.126  1.00 22.30 ? 127  GLU A CA  1 
ATOM   608  C C   . GLU A 1 110 ? 0.021   -9.333  -1.821  1.00 21.06 ? 127  GLU A C   1 
ATOM   609  O O   . GLU A 1 110 ? 0.920   -8.842  -1.159  1.00 20.77 ? 127  GLU A O   1 
ATOM   610  C CB  . GLU A 1 110 ? -0.939  -11.632 -1.374  1.00 22.40 ? 127  GLU A CB  1 
ATOM   611  C CG  . GLU A 1 110 ? 0.436   -12.208 -1.160  1.00 26.55 ? 127  GLU A CG  1 
ATOM   612  C CD  . GLU A 1 110 ? 0.403   -13.729 -1.332  1.00 33.67 ? 127  GLU A CD  1 
ATOM   613  O OE1 . GLU A 1 110 ? 0.611   -14.218 -2.460  1.00 36.50 ? 127  GLU A OE1 1 
ATOM   614  O OE2 . GLU A 1 110 ? 0.101   -14.430 -0.351  1.00 36.73 ? 127  GLU A OE2 1 
ATOM   615  N N   . SER A 1 111 ? -0.081  -9.193  -3.145  1.00 20.65 ? 128  SER A N   1 
ATOM   616  C CA  . SER A 1 111 ? 0.889   -8.428  -3.930  1.00 20.76 ? 128  SER A CA  1 
ATOM   617  C C   . SER A 1 111 ? 0.895   -6.926  -3.607  1.00 20.89 ? 128  SER A C   1 
ATOM   618  O O   . SER A 1 111 ? 1.941   -6.303  -3.632  1.00 21.41 ? 128  SER A O   1 
ATOM   619  C CB  . SER A 1 111 ? 0.701   -8.667  -5.441  1.00 19.86 ? 128  SER A CB  1 
ATOM   620  O OG  . SER A 1 111 ? -0.545  -8.165  -5.891  1.00 22.08 ? 128  SER A OG  1 
ATOM   621  N N   . LEU A 1 112 ? -0.273  -6.350  -3.312  1.00 21.11 ? 129  LEU A N   1 
ATOM   622  C CA  . LEU A 1 112 ? -0.363  -4.977  -2.819  1.00 20.60 ? 129  LEU A CA  1 
ATOM   623  C C   . LEU A 1 112 ? 0.309   -4.853  -1.464  1.00 20.54 ? 129  LEU A C   1 
ATOM   624  O O   . LEU A 1 112 ? 1.025   -3.890  -1.212  1.00 20.82 ? 129  LEU A O   1 
ATOM   625  C CB  . LEU A 1 112 ? -1.838  -4.518  -2.707  1.00 20.80 ? 129  LEU A CB  1 
ATOM   626  C CG  . LEU A 1 112 ? -2.136  -3.103  -2.170  1.00 21.30 ? 129  LEU A CG  1 
ATOM   627  C CD1 . LEU A 1 112 ? -1.578  -2.027  -3.137  1.00 22.37 ? 129  LEU A CD1 1 
ATOM   628  C CD2 . LEU A 1 112 ? -3.646  -2.887  -1.980  1.00 22.15 ? 129  LEU A CD2 1 
ATOM   629  N N   . GLY A 1 113 ? 0.062   -5.797  -0.562  1.00 20.78 ? 130  GLY A N   1 
ATOM   630  C CA  . GLY A 1 113 ? 0.718   -5.755  0.759   1.00 20.57 ? 130  GLY A CA  1 
ATOM   631  C C   . GLY A 1 113 ? 2.241   -5.752  0.647   1.00 21.55 ? 130  GLY A C   1 
ATOM   632  O O   . GLY A 1 113 ? 2.941   -5.026  1.379   1.00 22.03 ? 130  GLY A O   1 
ATOM   633  N N   . ILE A 1 114 ? 2.760   -6.540  -0.293  1.00 21.69 ? 131  ILE A N   1 
ATOM   634  C CA  . ILE A 1 114 ? 4.216   -6.632  -0.501  1.00 22.41 ? 131  ILE A CA  1 
ATOM   635  C C   . ILE A 1 114 ? 4.777   -5.313  -1.021  1.00 22.27 ? 131  ILE A C   1 
ATOM   636  O O   . ILE A 1 114 ? 5.751   -4.813  -0.505  1.00 22.12 ? 131  ILE A O   1 
ATOM   637  C CB  . ILE A 1 114 ? 4.577   -7.844  -1.406  1.00 22.60 ? 131  ILE A CB  1 
ATOM   638  C CG1 . ILE A 1 114 ? 4.300   -9.135  -0.628  1.00 23.72 ? 131  ILE A CG1 1 
ATOM   639  C CG2 . ILE A 1 114 ? 6.050   -7.778  -1.928  1.00 21.31 ? 131  ILE A CG2 1 
ATOM   640  C CD1 . ILE A 1 114 ? 4.115   -10.406 -1.498  1.00 27.04 ? 131  ILE A CD1 1 
ATOM   641  N N   . ILE A 1 115 ? 4.123   -4.751  -2.031  1.00 22.95 ? 132  ILE A N   1 
ATOM   642  C CA  . ILE A 1 115 ? 4.543   -3.503  -2.631  1.00 23.24 ? 132  ILE A CA  1 
ATOM   643  C C   . ILE A 1 115 ? 4.464   -2.334  -1.647  1.00 23.13 ? 132  ILE A C   1 
ATOM   644  O O   . ILE A 1 115 ? 5.351   -1.477  -1.609  1.00 22.16 ? 132  ILE A O   1 
ATOM   645  C CB  . ILE A 1 115 ? 3.689   -3.188  -3.899  1.00 24.05 ? 132  ILE A CB  1 
ATOM   646  C CG1 . ILE A 1 115 ? 4.027   -4.174  -5.029  1.00 25.45 ? 132  ILE A CG1 1 
ATOM   647  C CG2 . ILE A 1 115 ? 3.906   -1.757  -4.350  1.00 22.59 ? 132  ILE A CG2 1 
ATOM   648  C CD1 . ILE A 1 115 ? 5.536   -4.523  -5.163  1.00 24.03 ? 132  ILE A CD1 1 
ATOM   649  N N   . ILE A 1 116 ? 3.408   -2.299  -0.840  1.00 23.01 ? 133  ILE A N   1 
ATOM   650  C CA  . ILE A 1 116 ? 3.331   -1.274  0.194   1.00 23.54 ? 133  ILE A CA  1 
ATOM   651  C C   . ILE A 1 116 ? 4.484   -1.413  1.196   1.00 23.46 ? 133  ILE A C   1 
ATOM   652  O O   . ILE A 1 116 ? 5.104   -0.400  1.560   1.00 23.07 ? 133  ILE A O   1 
ATOM   653  C CB  . ILE A 1 116 ? 1.936   -1.231  0.871   1.00 24.24 ? 133  ILE A CB  1 
ATOM   654  C CG1 . ILE A 1 116 ? 0.880   -0.729  -0.132  1.00 26.96 ? 133  ILE A CG1 1 
ATOM   655  C CG2 . ILE A 1 116 ? 1.924   -0.342  2.138   1.00 23.84 ? 133  ILE A CG2 1 
ATOM   656  C CD1 . ILE A 1 116 ? 1.044   0.767   -0.518  1.00 30.60 ? 133  ILE A CD1 1 
ATOM   657  N N   . TYR A 1 117 ? 4.780   -2.649  1.623   1.00 22.65 ? 134  TYR A N   1 
ATOM   658  C CA  . TYR A 1 117 ? 5.920   -2.867  2.517   1.00 22.79 ? 134  TYR A CA  1 
ATOM   659  C C   . TYR A 1 117 ? 7.237   -2.358  1.899   1.00 22.73 ? 134  TYR A C   1 
ATOM   660  O O   . TYR A 1 117 ? 7.998   -1.694  2.575   1.00 22.57 ? 134  TYR A O   1 
ATOM   661  C CB  . TYR A 1 117 ? 6.068   -4.333  2.999   1.00 22.71 ? 134  TYR A CB  1 
ATOM   662  C CG  . TYR A 1 117 ? 7.141   -4.422  4.052   1.00 24.12 ? 134  TYR A CG  1 
ATOM   663  C CD1 . TYR A 1 117 ? 6.865   -4.089  5.379   1.00 25.18 ? 134  TYR A CD1 1 
ATOM   664  C CD2 . TYR A 1 117 ? 8.454   -4.744  3.715   1.00 25.86 ? 134  TYR A CD2 1 
ATOM   665  C CE1 . TYR A 1 117 ? 7.867   -4.091  6.344   1.00 24.41 ? 134  TYR A CE1 1 
ATOM   666  C CE2 . TYR A 1 117 ? 9.466   -4.758  4.690   1.00 24.78 ? 134  TYR A CE2 1 
ATOM   667  C CZ  . TYR A 1 117 ? 9.160   -4.436  5.987   1.00 23.33 ? 134  TYR A CZ  1 
ATOM   668  O OH  . TYR A 1 117 ? 10.153  -4.449  6.944   1.00 23.74 ? 134  TYR A OH  1 
ATOM   669  N N   . LYS A 1 118 ? 7.486   -2.636  0.622   1.00 22.99 ? 135  LYS A N   1 
ATOM   670  C CA  . LYS A 1 118 ? 8.695   -2.114  -0.034  1.00 24.81 ? 135  LYS A CA  1 
ATOM   671  C C   . LYS A 1 118 ? 8.754   -0.567  -0.126  1.00 24.69 ? 135  LYS A C   1 
ATOM   672  O O   . LYS A 1 118 ? 9.848   0.021   -0.079  1.00 24.07 ? 135  LYS A O   1 
ATOM   673  C CB  . LYS A 1 118 ? 8.887   -2.712  -1.428  1.00 25.13 ? 135  LYS A CB  1 
ATOM   674  C CG  . LYS A 1 118 ? 9.168   -4.226  -1.441  1.00 30.19 ? 135  LYS A CG  1 
ATOM   675  C CD  . LYS A 1 118 ? 9.522   -4.665  -2.884  1.00 37.15 ? 135  LYS A CD  1 
ATOM   676  C CE  . LYS A 1 118 ? 9.597   -6.187  -3.034  1.00 40.52 ? 135  LYS A CE  1 
ATOM   677  N NZ  . LYS A 1 118 ? 10.563  -6.793  -2.070  1.00 42.88 ? 135  LYS A NZ  1 
ATOM   678  N N   . ALA A 1 119 ? 7.593   0.077   -0.269  1.00 23.73 ? 136  ALA A N   1 
ATOM   679  C CA  . ALA A 1 119 ? 7.536   1.534   -0.230  1.00 24.06 ? 136  ALA A CA  1 
ATOM   680  C C   . ALA A 1 119 ? 7.861   2.067   1.164   1.00 24.18 ? 136  ALA A C   1 
ATOM   681  O O   . ALA A 1 119 ? 8.426   3.140   1.294   1.00 24.56 ? 136  ALA A O   1 
ATOM   682  C CB  . ALA A 1 119 ? 6.189   2.061   -0.726  1.00 23.02 ? 136  ALA A CB  1 
ATOM   683  N N   . LEU A 1 120 ? 7.494   1.336   2.210   1.00 24.66 ? 137  LEU A N   1 
ATOM   684  C CA  . LEU A 1 120 ? 7.882   1.729   3.575   1.00 24.67 ? 137  LEU A CA  1 
ATOM   685  C C   . LEU A 1 120 ? 9.377   1.442   3.871   1.00 26.12 ? 137  LEU A C   1 
ATOM   686  O O   . LEU A 1 120 ? 9.988   2.096   4.733   1.00 25.25 ? 137  LEU A O   1 
ATOM   687  C CB  . LEU A 1 120 ? 6.995   1.045   4.615   1.00 23.77 ? 137  LEU A CB  1 
ATOM   688  C CG  . LEU A 1 120 ? 5.551   1.534   4.743   1.00 22.50 ? 137  LEU A CG  1 
ATOM   689  C CD1 . LEU A 1 120 ? 4.667   0.378   5.210   1.00 19.24 ? 137  LEU A CD1 1 
ATOM   690  C CD2 . LEU A 1 120 ? 5.428   2.754   5.693   1.00 19.98 ? 137  LEU A CD2 1 
ATOM   691  N N   . ASP A 1 121 ? 9.941   0.472   3.135   1.00 27.33 ? 138  ASP A N   1 
ATOM   692  C CA  . ASP A 1 121 ? 11.310  -0.027  3.310   1.00 28.43 ? 138  ASP A CA  1 
ATOM   693  C C   . ASP A 1 121 ? 12.299  0.621   2.318   1.00 29.75 ? 138  ASP A C   1 
ATOM   694  O O   . ASP A 1 121 ? 13.497  0.323   2.335   1.00 30.12 ? 138  ASP A O   1 
ATOM   695  C CB  . ASP A 1 121 ? 11.286  -1.550  3.102   1.00 28.77 ? 138  ASP A CB  1 
ATOM   696  C CG  . ASP A 1 121 ? 12.649  -2.212  3.260   1.00 27.66 ? 138  ASP A CG  1 
ATOM   697  O OD1 . ASP A 1 121 ? 13.228  -2.220  4.373   1.00 26.12 ? 138  ASP A OD1 1 
ATOM   698  O OD2 . ASP A 1 121 ? 13.102  -2.766  2.256   1.00 29.38 ? 138  ASP A OD2 1 
ATOM   699  N N   . TYR A 1 122 ? 11.783  1.493   1.455   1.00 30.80 ? 139  TYR A N   1 
ATOM   700  C CA  . TYR A 1 122 ? 12.551  2.088   0.372   1.00 32.12 ? 139  TYR A CA  1 
ATOM   701  C C   . TYR A 1 122 ? 13.892  2.716   0.800   1.00 33.30 ? 139  TYR A C   1 
ATOM   702  O O   . TYR A 1 122 ? 13.939  3.580   1.676   1.00 32.84 ? 139  TYR A O   1 
ATOM   703  C CB  . TYR A 1 122 ? 11.703  3.141   -0.331  1.00 32.12 ? 139  TYR A CB  1 
ATOM   704  C CG  . TYR A 1 122 ? 12.335  3.673   -1.587  1.00 34.35 ? 139  TYR A CG  1 
ATOM   705  C CD1 . TYR A 1 122 ? 12.280  2.953   -2.769  1.00 35.81 ? 139  TYR A CD1 1 
ATOM   706  C CD2 . TYR A 1 122 ? 13.000  4.895   -1.588  1.00 37.53 ? 139  TYR A CD2 1 
ATOM   707  C CE1 . TYR A 1 122 ? 12.865  3.434   -3.934  1.00 39.01 ? 139  TYR A CE1 1 
ATOM   708  C CE2 . TYR A 1 122 ? 13.587  5.389   -2.747  1.00 40.29 ? 139  TYR A CE2 1 
ATOM   709  C CZ  . TYR A 1 122 ? 13.509  4.656   -3.910  1.00 40.67 ? 139  TYR A CZ  1 
ATOM   710  O OH  . TYR A 1 122 ? 14.083  5.148   -5.054  1.00 43.90 ? 139  TYR A OH  1 
ATOM   711  N N   . GLY A 1 123 ? 14.970  2.266   0.163   1.00 34.91 ? 140  GLY A N   1 
ATOM   712  C CA  . GLY A 1 123 ? 16.314  2.831   0.375   1.00 36.69 ? 140  GLY A CA  1 
ATOM   713  C C   . GLY A 1 123 ? 17.071  2.274   1.566   1.00 37.89 ? 140  GLY A C   1 
ATOM   714  O O   . GLY A 1 123 ? 18.176  2.729   1.877   1.00 38.54 ? 140  GLY A O   1 
ATOM   715  N N   . LEU A 1 124 ? 16.472  1.310   2.257   1.00 38.47 ? 141  LEU A N   1 
ATOM   716  C CA  . LEU A 1 124 ? 17.129  0.685   3.397   1.00 38.99 ? 141  LEU A CA  1 
ATOM   717  C C   . LEU A 1 124 ? 18.055  -0.415  2.930   1.00 39.51 ? 141  LEU A C   1 
ATOM   718  O O   . LEU A 1 124 ? 17.817  -1.035  1.894   1.00 38.58 ? 141  LEU A O   1 
ATOM   719  C CB  . LEU A 1 124 ? 16.101  0.130   4.397   1.00 38.51 ? 141  LEU A CB  1 
ATOM   720  C CG  . LEU A 1 124 ? 15.694  1.034   5.568   1.00 38.88 ? 141  LEU A CG  1 
ATOM   721  C CD1 . LEU A 1 124 ? 15.313  2.429   5.123   1.00 39.12 ? 141  LEU A CD1 1 
ATOM   722  C CD2 . LEU A 1 124 ? 14.573  0.393   6.394   1.00 38.34 ? 141  LEU A CD2 1 
ATOM   723  N N   . LYS A 1 125 ? 19.109  -0.656  3.709   1.00 41.16 ? 142  LYS A N   1 
ATOM   724  C CA  . LYS A 1 125 ? 19.990  -1.804  3.468   1.00 42.84 ? 142  LYS A CA  1 
ATOM   725  C C   . LYS A 1 125 ? 19.242  -3.085  3.777   1.00 43.04 ? 142  LYS A C   1 
ATOM   726  O O   . LYS A 1 125 ? 18.312  -3.091  4.591   1.00 42.48 ? 142  LYS A O   1 
ATOM   727  C CB  . LYS A 1 125 ? 21.282  -1.737  4.317   1.00 43.27 ? 142  LYS A CB  1 
ATOM   728  C CG  . LYS A 1 125 ? 22.277  -0.595  3.979   1.00 46.40 ? 142  LYS A CG  1 
ATOM   729  C CD  . LYS A 1 125 ? 23.507  -0.600  4.887   1.00 51.30 ? 142  LYS A CD  1 
ATOM   730  C CE  . LYS A 1 125 ? 24.505  0.524   4.528   1.00 54.05 ? 142  LYS A CE  1 
ATOM   731  N NZ  . LYS A 1 125 ? 25.703  0.542   5.432   1.00 55.53 ? 142  LYS A NZ  1 
ATOM   732  N N   . GLU A 1 126 ? 19.671  -4.168  3.136   1.00 43.80 ? 143  GLU A N   1 
ATOM   733  C CA  . GLU A 1 126 ? 19.098  -5.490  3.343   1.00 44.82 ? 143  GLU A CA  1 
ATOM   734  C C   . GLU A 1 126 ? 19.132  -5.936  4.803   1.00 44.17 ? 143  GLU A C   1 
ATOM   735  O O   . GLU A 1 126 ? 18.292  -6.720  5.223   1.00 44.20 ? 143  GLU A O   1 
ATOM   736  C CB  . GLU A 1 126 ? 19.794  -6.536  2.445   1.00 45.42 ? 143  GLU A CB  1 
ATOM   737  C CG  . GLU A 1 126 ? 19.404  -6.423  0.962   1.00 49.59 ? 143  GLU A CG  1 
ATOM   738  C CD  . GLU A 1 126 ? 19.597  -7.729  0.185   1.00 54.68 ? 143  GLU A CD  1 
ATOM   739  O OE1 . GLU A 1 126 ? 20.337  -8.618  0.673   1.00 56.73 ? 143  GLU A OE1 1 
ATOM   740  O OE2 . GLU A 1 126 ? 19.004  -7.864  -0.917  1.00 55.90 ? 143  GLU A OE2 1 
ATOM   741  N N   . ASN A 1 127 ? 20.094  -5.418  5.565   1.00 43.82 ? 144  ASN A N   1 
ATOM   742  C CA  . ASN A 1 127 ? 20.291  -5.800  6.959   1.00 43.67 ? 144  ASN A CA  1 
ATOM   743  C C   . ASN A 1 127 ? 19.621  -4.896  7.989   1.00 42.52 ? 144  ASN A C   1 
ATOM   744  O O   . ASN A 1 127 ? 19.692  -5.147  9.198   1.00 42.07 ? 144  ASN A O   1 
ATOM   745  C CB  . ASN A 1 127 ? 21.785  -5.900  7.272   1.00 44.59 ? 144  ASN A CB  1 
ATOM   746  C CG  . ASN A 1 127 ? 22.489  -4.566  7.141   1.00 47.88 ? 144  ASN A CG  1 
ATOM   747  O OD1 . ASN A 1 127 ? 23.022  -4.219  6.075   1.00 51.54 ? 144  ASN A OD1 1 
ATOM   748  N ND2 . ASN A 1 127 ? 22.484  -3.795  8.224   1.00 51.71 ? 144  ASN A ND2 1 
ATOM   749  N N   . GLU A 1 128 ? 18.996  -3.828  7.521   1.00 41.21 ? 145  GLU A N   1 
ATOM   750  C CA  . GLU A 1 128 ? 18.245  -2.972  8.425   1.00 39.98 ? 145  GLU A CA  1 
ATOM   751  C C   . GLU A 1 128 ? 16.744  -3.111  8.169   1.00 38.21 ? 145  GLU A C   1 
ATOM   752  O O   . GLU A 1 128 ? 16.329  -3.641  7.142   1.00 37.95 ? 145  GLU A O   1 
ATOM   753  C CB  . GLU A 1 128 ? 18.727  -1.516  8.373   1.00 40.47 ? 145  GLU A CB  1 
ATOM   754  C CG  . GLU A 1 128 ? 19.609  -1.170  7.186   1.00 42.54 ? 145  GLU A CG  1 
ATOM   755  C CD  . GLU A 1 128 ? 19.962  0.303   7.121   1.00 44.05 ? 145  GLU A CD  1 
ATOM   756  O OE1 . GLU A 1 128 ? 19.711  0.927   6.061   1.00 43.90 ? 145  GLU A OE1 1 
ATOM   757  O OE2 . GLU A 1 128 ? 20.469  0.833   8.130   1.00 45.48 ? 145  GLU A OE2 1 
ATOM   758  N N   . GLU A 1 129 ? 15.944  -2.658  9.126   1.00 36.12 ? 146  GLU A N   1 
ATOM   759  C CA  . GLU A 1 129 ? 14.518  -2.872  9.086   1.00 34.09 ? 146  GLU A CA  1 
ATOM   760  C C   . GLU A 1 129 ? 13.819  -1.747  9.803   1.00 33.35 ? 146  GLU A C   1 
ATOM   761  O O   . GLU A 1 129 ? 14.140  -1.424  10.952  1.00 32.11 ? 146  GLU A O   1 
ATOM   762  C CB  . GLU A 1 129 ? 14.164  -4.210  9.731   1.00 33.82 ? 146  GLU A CB  1 
ATOM   763  C CG  . GLU A 1 129 ? 12.673  -4.445  9.833   1.00 33.59 ? 146  GLU A CG  1 
ATOM   764  C CD  . GLU A 1 129 ? 12.306  -5.868  10.222  1.00 32.52 ? 146  GLU A CD  1 
ATOM   765  O OE1 . GLU A 1 129 ? 13.223  -6.698  10.477  1.00 31.71 ? 146  GLU A OE1 1 
ATOM   766  O OE2 . GLU A 1 129 ? 11.086  -6.145  10.269  1.00 30.42 ? 146  GLU A OE2 1 
ATOM   767  N N   . ARG A 1 130 ? 12.854  -1.148  9.116   1.00 32.83 ? 147  ARG A N   1 
ATOM   768  C CA  . ARG A 1 130 ? 12.046  -0.096  9.716   1.00 32.01 ? 147  ARG A CA  1 
ATOM   769  C C   . ARG A 1 130 ? 11.111  -0.687  10.760  1.00 31.50 ? 147  ARG A C   1 
ATOM   770  O O   . ARG A 1 130 ? 10.474  -1.716  10.525  1.00 31.08 ? 147  ARG A O   1 
ATOM   771  C CB  . ARG A 1 130 ? 11.238  0.605   8.628   1.00 32.78 ? 147  ARG A CB  1 
ATOM   772  C CG  . ARG A 1 130 ? 10.342  1.729   9.129   1.00 31.73 ? 147  ARG A CG  1 
ATOM   773  C CD  . ARG A 1 130 ? 9.784   2.437   7.953   1.00 30.74 ? 147  ARG A CD  1 
ATOM   774  N NE  . ARG A 1 130 ? 8.834   3.472   8.319   1.00 28.50 ? 147  ARG A NE  1 
ATOM   775  C CZ  . ARG A 1 130 ? 8.345   4.340   7.453   1.00 27.20 ? 147  ARG A CZ  1 
ATOM   776  N NH1 . ARG A 1 130 ? 8.730   4.297   6.168   1.00 24.00 ? 147  ARG A NH1 1 
ATOM   777  N NH2 . ARG A 1 130 ? 7.481   5.249   7.880   1.00 27.51 ? 147  ARG A NH2 1 
ATOM   778  N N   . GLU A 1 131 ? 11.030  -0.027  11.910  1.00 31.26 ? 148  GLU A N   1 
ATOM   779  C CA  . GLU A 1 131 ? 10.076  -0.391  12.923  1.00 31.45 ? 148  GLU A CA  1 
ATOM   780  C C   . GLU A 1 131 ? 8.750   0.314   12.631  1.00 31.13 ? 148  GLU A C   1 
ATOM   781  O O   . GLU A 1 131 ? 8.651   1.558   12.659  1.00 31.04 ? 148  GLU A O   1 
ATOM   782  C CB  . GLU A 1 131 ? 10.580  -0.013  14.317  1.00 32.33 ? 148  GLU A CB  1 
ATOM   783  C CG  . GLU A 1 131 ? 9.815   -0.711  15.438  1.00 37.39 ? 148  GLU A CG  1 
ATOM   784  C CD  . GLU A 1 131 ? 10.363  -0.411  16.826  1.00 45.25 ? 148  GLU A CD  1 
ATOM   785  O OE1 . GLU A 1 131 ? 9.607   -0.662  17.800  1.00 47.28 ? 148  GLU A OE1 1 
ATOM   786  O OE2 . GLU A 1 131 ? 11.530  0.066   16.943  1.00 47.57 ? 148  GLU A OE2 1 
ATOM   787  N N   . LEU A 1 132 ? 7.750   -0.504  12.335  1.00 29.83 ? 149  LEU A N   1 
ATOM   788  C CA  . LEU A 1 132 ? 6.409   -0.055  12.052  1.00 28.67 ? 149  LEU A CA  1 
ATOM   789  C C   . LEU A 1 132 ? 5.625   -0.099  13.332  1.00 28.52 ? 149  LEU A C   1 
ATOM   790  O O   . LEU A 1 132 ? 5.919   -0.893  14.219  1.00 28.31 ? 149  LEU A O   1 
ATOM   791  C CB  . LEU A 1 132 ? 5.748   -0.963  11.008  1.00 27.94 ? 149  LEU A CB  1 
ATOM   792  C CG  . LEU A 1 132 ? 6.406   -1.026  9.623   1.00 27.88 ? 149  LEU A CG  1 
ATOM   793  C CD1 . LEU A 1 132 ? 5.586   -1.927  8.713   1.00 28.03 ? 149  LEU A CD1 1 
ATOM   794  C CD2 . LEU A 1 132 ? 6.568   0.355   8.990   1.00 28.49 ? 149  LEU A CD2 1 
ATOM   795  N N   . SER A 1 133 ? 4.635   0.776   13.443  1.00 28.21 ? 150  SER A N   1 
ATOM   796  C CA  . SER A 1 133 ? 3.699   0.682   14.533  1.00 28.07 ? 150  SER A CA  1 
ATOM   797  C C   . SER A 1 133 ? 2.989   -0.682  14.421  1.00 27.69 ? 150  SER A C   1 
ATOM   798  O O   . SER A 1 133 ? 2.761   -1.182  13.319  1.00 27.46 ? 150  SER A O   1 
ATOM   799  C CB  . SER A 1 133 ? 2.711   1.856   14.496  1.00 28.37 ? 150  SER A CB  1 
ATOM   800  O OG  . SER A 1 133 ? 1.729   1.629   13.499  1.00 30.84 ? 150  SER A OG  1 
ATOM   801  N N   . PRO A 1 134 ? 2.657   -1.297  15.569  1.00 27.44 ? 151  PRO A N   1 
ATOM   802  C CA  . PRO A 1 134 ? 2.040   -2.629  15.533  1.00 26.82 ? 151  PRO A CA  1 
ATOM   803  C C   . PRO A 1 134 ? 0.733   -2.785  14.702  1.00 26.50 ? 151  PRO A C   1 
ATOM   804  O O   . PRO A 1 134 ? 0.553   -3.847  14.066  1.00 25.66 ? 151  PRO A O   1 
ATOM   805  C CB  . PRO A 1 134 ? 1.817   -2.975  17.024  1.00 26.54 ? 151  PRO A CB  1 
ATOM   806  C CG  . PRO A 1 134 ? 2.815   -2.111  17.784  1.00 27.54 ? 151  PRO A CG  1 
ATOM   807  C CD  . PRO A 1 134 ? 2.958   -0.841  16.949  1.00 27.52 ? 151  PRO A CD  1 
ATOM   808  N N   . PRO A 1 135 ? -0.197  -1.784  14.713  1.00 25.60 ? 152  PRO A N   1 
ATOM   809  C CA  . PRO A 1 135 ? -1.383  -2.047  13.871  1.00 24.48 ? 152  PRO A CA  1 
ATOM   810  C C   . PRO A 1 135 ? -1.065  -2.118  12.369  1.00 23.40 ? 152  PRO A C   1 
ATOM   811  O O   . PRO A 1 135 ? -1.731  -2.856  11.615  1.00 22.76 ? 152  PRO A O   1 
ATOM   812  C CB  . PRO A 1 135 ? -2.311  -0.861  14.179  1.00 24.75 ? 152  PRO A CB  1 
ATOM   813  C CG  . PRO A 1 135 ? -1.876  -0.393  15.579  1.00 25.46 ? 152  PRO A CG  1 
ATOM   814  C CD  . PRO A 1 135 ? -0.362  -0.540  15.496  1.00 26.21 ? 152  PRO A CD  1 
ATOM   815  N N   . LEU A 1 136 ? -0.052  -1.374  11.951  1.00 22.01 ? 153  LEU A N   1 
ATOM   816  C CA  . LEU A 1 136 ? 0.330   -1.347  10.546  1.00 22.69 ? 153  LEU A CA  1 
ATOM   817  C C   . LEU A 1 136 ? 1.123   -2.600  10.149  1.00 22.74 ? 153  LEU A C   1 
ATOM   818  O O   . LEU A 1 136 ? 0.920   -3.180  9.088   1.00 21.85 ? 153  LEU A O   1 
ATOM   819  C CB  . LEU A 1 136 ? 1.094   -0.057  10.199  1.00 21.66 ? 153  LEU A CB  1 
ATOM   820  C CG  . LEU A 1 136 ? 1.500   0.023   8.728   1.00 22.15 ? 153  LEU A CG  1 
ATOM   821  C CD1 . LEU A 1 136 ? 0.289   0.041   7.800   1.00 19.34 ? 153  LEU A CD1 1 
ATOM   822  C CD2 . LEU A 1 136 ? 2.388   1.221   8.465   1.00 21.71 ? 153  LEU A CD2 1 
ATOM   823  N N   . GLU A 1 137 ? 2.028   -3.016  11.020  1.00 24.22 ? 154  GLU A N   1 
ATOM   824  C CA  . GLU A 1 137 ? 2.683   -4.299  10.837  1.00 25.41 ? 154  GLU A CA  1 
ATOM   825  C C   . GLU A 1 137 ? 1.663   -5.427  10.738  1.00 24.86 ? 154  GLU A C   1 
ATOM   826  O O   . GLU A 1 137 ? 1.763   -6.286  9.870   1.00 25.79 ? 154  GLU A O   1 
ATOM   827  C CB  . GLU A 1 137 ? 3.654   -4.584  11.975  1.00 25.48 ? 154  GLU A CB  1 
ATOM   828  C CG  . GLU A 1 137 ? 4.534   -5.765  11.619  1.00 29.72 ? 154  GLU A CG  1 
ATOM   829  C CD  . GLU A 1 137 ? 5.498   -6.115  12.709  1.00 33.50 ? 154  GLU A CD  1 
ATOM   830  O OE1 . GLU A 1 137 ? 6.241   -5.219  13.175  1.00 32.99 ? 154  GLU A OE1 1 
ATOM   831  O OE2 . GLU A 1 137 ? 5.499   -7.300  13.085  1.00 37.17 ? 154  GLU A OE2 1 
ATOM   832  N N   . GLN A 1 138 ? 0.686   -5.428  11.626  1.00 24.63 ? 155  GLN A N   1 
ATOM   833  C CA  . GLN A 1 138 ? -0.389  -6.407  11.562  1.00 25.58 ? 155  GLN A CA  1 
ATOM   834  C C   . GLN A 1 138 ? -1.180  -6.380  10.261  1.00 24.56 ? 155  GLN A C   1 
ATOM   835  O O   . GLN A 1 138 ? -1.547  -7.443  9.733   1.00 24.57 ? 155  GLN A O   1 
ATOM   836  C CB  . GLN A 1 138 ? -1.348  -6.231  12.727  1.00 25.71 ? 155  GLN A CB  1 
ATOM   837  C CG  . GLN A 1 138 ? -0.774  -6.730  14.052  1.00 33.18 ? 155  GLN A CG  1 
ATOM   838  C CD  . GLN A 1 138 ? -1.710  -6.454  15.230  1.00 40.49 ? 155  GLN A CD  1 
ATOM   839  O OE1 . GLN A 1 138 ? -1.260  -6.137  16.359  1.00 44.23 ? 155  GLN A OE1 1 
ATOM   840  N NE2 . GLN A 1 138 ? -3.018  -6.576  14.979  1.00 41.26 ? 155  GLN A NE2 1 
ATOM   841  N N   . LEU A 1 139 ? -1.488  -5.178  9.775   1.00 23.15 ? 156  LEU A N   1 
ATOM   842  C CA  . LEU A 1 139 ? -2.163  -5.046  8.509   1.00 22.49 ? 156  LEU A CA  1 
ATOM   843  C C   . LEU A 1 139 ? -1.346  -5.753  7.406   1.00 22.31 ? 156  LEU A C   1 
ATOM   844  O O   . LEU A 1 139 ? -1.878  -6.594  6.684   1.00 21.01 ? 156  LEU A O   1 
ATOM   845  C CB  . LEU A 1 139 ? -2.404  -3.573  8.143   1.00 21.92 ? 156  LEU A CB  1 
ATOM   846  C CG  . LEU A 1 139 ? -2.956  -3.378  6.711   1.00 22.02 ? 156  LEU A CG  1 
ATOM   847  C CD1 . LEU A 1 139 ? -4.375  -3.942  6.583   1.00 21.62 ? 156  LEU A CD1 1 
ATOM   848  C CD2 . LEU A 1 139 ? -2.907  -1.928  6.254   1.00 21.19 ? 156  LEU A CD2 1 
ATOM   849  N N   . ILE A 1 140 ? -0.067  -5.399  7.298   1.00 22.34 ? 157  ILE A N   1 
ATOM   850  C CA  . ILE A 1 140 ? 0.792   -5.946  6.240   1.00 23.69 ? 157  ILE A CA  1 
ATOM   851  C C   . ILE A 1 140 ? 0.920   -7.466  6.362   1.00 24.02 ? 157  ILE A C   1 
ATOM   852  O O   . ILE A 1 140 ? 0.897   -8.167  5.361   1.00 22.71 ? 157  ILE A O   1 
ATOM   853  C CB  . ILE A 1 140 ? 2.212   -5.340  6.250   1.00 23.60 ? 157  ILE A CB  1 
ATOM   854  C CG1 . ILE A 1 140 ? 2.162   -3.819  6.100   1.00 24.82 ? 157  ILE A CG1 1 
ATOM   855  C CG2 . ILE A 1 140 ? 3.066   -5.927  5.121   1.00 22.88 ? 157  ILE A CG2 1 
ATOM   856  C CD1 . ILE A 1 140 ? 1.224   -3.382  5.074   1.00 24.80 ? 157  ILE A CD1 1 
ATOM   857  N N   . ASP A 1 141 ? 1.035   -7.947  7.603   1.00 25.13 ? 158  ASP A N   1 
ATOM   858  C CA  . ASP A 1 141 ? 1.316   -9.352  7.884   1.00 26.29 ? 158  ASP A CA  1 
ATOM   859  C C   . ASP A 1 141 ? 0.144   -10.182 7.382   1.00 26.16 ? 158  ASP A C   1 
ATOM   860  O O   . ASP A 1 141 ? 0.324   -11.224 6.739   1.00 24.96 ? 158  ASP A O   1 
ATOM   861  C CB  . ASP A 1 141 ? 1.516   -9.526  9.384   1.00 26.87 ? 158  ASP A CB  1 
ATOM   862  C CG  . ASP A 1 141 ? 2.474   -10.672 9.749   1.00 31.68 ? 158  ASP A CG  1 
ATOM   863  O OD1 . ASP A 1 141 ? 3.239   -11.196 8.877   1.00 32.39 ? 158  ASP A OD1 1 
ATOM   864  O OD2 . ASP A 1 141 ? 2.444   -11.053 10.954  1.00 35.45 ? 158  ASP A OD2 1 
ATOM   865  N N   . HIS A 1 142 ? -1.060  -9.674  7.634   1.00 26.22 ? 159  HIS A N   1 
ATOM   866  C CA  . HIS A 1 142 ? -2.277  -10.340 7.213   1.00 26.49 ? 159  HIS A CA  1 
ATOM   867  C C   . HIS A 1 142 ? -2.523  -10.212 5.715   1.00 26.58 ? 159  HIS A C   1 
ATOM   868  O O   . HIS A 1 142 ? -2.931  -11.186 5.088   1.00 26.41 ? 159  HIS A O   1 
ATOM   869  C CB  . HIS A 1 142 ? -3.470  -9.843  8.026   1.00 27.06 ? 159  HIS A CB  1 
ATOM   870  C CG  . HIS A 1 142 ? -3.468  -10.345 9.437   1.00 29.13 ? 159  HIS A CG  1 
ATOM   871  N ND1 . HIS A 1 142 ? -2.731  -9.749  10.440  1.00 29.99 ? 159  HIS A ND1 1 
ATOM   872  C CD2 . HIS A 1 142 ? -4.143  -11.364 10.019  1.00 30.26 ? 159  HIS A CD2 1 
ATOM   873  C CE1 . HIS A 1 142 ? -2.946  -10.388 11.578  1.00 30.91 ? 159  HIS A CE1 1 
ATOM   874  N NE2 . HIS A 1 142 ? -3.799  -11.371 11.348  1.00 31.46 ? 159  HIS A NE2 1 
ATOM   875  N N   . MET A 1 143 ? -2.249  -9.040  5.131   1.00 25.93 ? 160  MET A N   1 
ATOM   876  C CA  . MET A 1 143 ? -2.399  -8.868  3.679   1.00 25.95 ? 160  MET A CA  1 
ATOM   877  C C   . MET A 1 143 ? -1.463  -9.822  2.905   1.00 26.42 ? 160  MET A C   1 
ATOM   878  O O   . MET A 1 143 ? -1.877  -10.455 1.948   1.00 26.26 ? 160  MET A O   1 
ATOM   879  C CB  . MET A 1 143 ? -2.142  -7.407  3.244   1.00 25.40 ? 160  MET A CB  1 
ATOM   880  C CG  . MET A 1 143 ? -3.228  -6.380  3.648   1.00 24.59 ? 160  MET A CG  1 
ATOM   881  S SD  . MET A 1 143 ? -2.748  -4.730  3.120   1.00 25.81 ? 160  MET A SD  1 
ATOM   882  C CE  . MET A 1 143 ? -2.916  -4.914  1.331   1.00 20.00 ? 160  MET A CE  1 
ATOM   883  N N   . ALA A 1 144 ? -0.205  -9.910  3.326   1.00 27.15 ? 161  ALA A N   1 
ATOM   884  C CA  . ALA A 1 144 ? 0.786   -10.772 2.668   1.00 28.72 ? 161  ALA A CA  1 
ATOM   885  C C   . ALA A 1 144 ? 0.769   -12.260 3.086   1.00 30.02 ? 161  ALA A C   1 
ATOM   886  O O   . ALA A 1 144 ? 1.613   -13.030 2.607   1.00 30.03 ? 161  ALA A O   1 
ATOM   887  C CB  . ALA A 1 144 ? 2.176   -10.212 2.884   1.00 27.88 ? 161  ALA A CB  1 
ATOM   888  N N   . ASN A 1 145 ? -0.155  -12.642 3.972   1.00 31.01 ? 162  ASN A N   1 
ATOM   889  C CA  . ASN A 1 145 ? -0.256  -14.017 4.507   1.00 33.48 ? 162  ASN A CA  1 
ATOM   890  C C   . ASN A 1 145 ? 1.034   -14.513 5.158   1.00 34.17 ? 162  ASN A C   1 
ATOM   891  O O   . ASN A 1 145 ? 1.377   -15.684 5.057   1.00 34.65 ? 162  ASN A O   1 
ATOM   892  C CB  . ASN A 1 145 ? -0.704  -15.026 3.417   1.00 33.56 ? 162  ASN A CB  1 
ATOM   893  C CG  . ASN A 1 145 ? -2.001  -14.626 2.732   1.00 35.16 ? 162  ASN A CG  1 
ATOM   894  O OD1 . ASN A 1 145 ? -3.081  -14.666 3.331   1.00 39.60 ? 162  ASN A OD1 1 
ATOM   895  N ND2 . ASN A 1 145 ? -1.905  -14.232 1.487   1.00 34.88 ? 162  ASN A ND2 1 
ATOM   896  N N   . THR A 1 146 ? 1.770   -13.622 5.807   1.00 35.27 ? 163  THR A N   1 
ATOM   897  C CA  . THR A 1 146 ? 3.033   -14.025 6.406   1.00 35.60 ? 163  THR A CA  1 
ATOM   898  C C   . THR A 1 146 ? 2.882   -14.305 7.907   1.00 37.41 ? 163  THR A C   1 
ATOM   899  O O   . THR A 1 146 ? 3.871   -14.637 8.582   1.00 36.87 ? 163  THR A O   1 
ATOM   900  C CB  . THR A 1 146 ? 4.151   -13.001 6.120   1.00 35.11 ? 163  THR A CB  1 
ATOM   901  O OG1 . THR A 1 146 ? 3.676   -11.689 6.412   1.00 33.75 ? 163  THR A OG1 1 
ATOM   902  C CG2 . THR A 1 146 ? 4.583   -13.055 4.651   1.00 33.99 ? 163  THR A CG2 1 
ATOM   903  N N   . VAL A 1 147 ? 1.647   -14.201 8.411   1.00 39.07 ? 164  VAL A N   1 
ATOM   904  C CA  . VAL A 1 147 ? 1.346   -14.463 9.816   1.00 42.50 ? 164  VAL A CA  1 
ATOM   905  C C   . VAL A 1 147 ? 1.715   -15.883 10.280  1.00 44.38 ? 164  VAL A C   1 
ATOM   906  O O   . VAL A 1 147 ? 1.458   -16.865 9.572   1.00 45.05 ? 164  VAL A O   1 
ATOM   907  C CB  . VAL A 1 147 ? -0.140  -14.182 10.185  1.00 42.45 ? 164  VAL A CB  1 
ATOM   908  C CG1 . VAL A 1 147 ? -0.291  -12.788 10.710  1.00 43.52 ? 164  VAL A CG1 1 
ATOM   909  C CG2 . VAL A 1 147 ? -1.078  -14.413 9.009   1.00 43.83 ? 164  VAL A CG2 1 
ATOM   910  N N   . GLU A 1 148 ? 2.316   -15.969 11.466  1.00 46.31 ? 165  GLU A N   1 
ATOM   911  C CA  . GLU A 1 148 ? 2.704   -17.253 12.072  1.00 48.53 ? 165  GLU A CA  1 
ATOM   912  C C   . GLU A 1 148 ? 1.731   -17.658 13.189  1.00 48.86 ? 165  GLU A C   1 
ATOM   913  O O   . GLU A 1 148 ? 1.528   -16.903 14.157  1.00 49.10 ? 165  GLU A O   1 
ATOM   914  C CB  . GLU A 1 148 ? 4.133   -17.178 12.624  1.00 49.04 ? 165  GLU A CB  1 
ATOM   915  C CG  . GLU A 1 148 ? 5.219   -17.112 11.544  1.00 52.78 ? 165  GLU A CG  1 
ATOM   916  C CD  . GLU A 1 148 ? 6.576   -16.648 12.084  1.00 58.45 ? 165  GLU A CD  1 
ATOM   917  O OE1 . GLU A 1 148 ? 6.657   -16.233 13.267  1.00 60.96 ? 165  GLU A OE1 1 
ATOM   918  O OE2 . GLU A 1 148 ? 7.573   -16.696 11.322  1.00 60.68 ? 165  GLU A OE2 1 
ATOM   919  N N   . ALA A 1 175 ? -8.485  -12.577 9.641   1.00 44.36 ? 192  ALA A N   1 
ATOM   920  C CA  . ALA A 1 175 ? -8.089  -13.154 8.351   1.00 43.93 ? 192  ALA A CA  1 
ATOM   921  C C   . ALA A 1 175 ? -8.722  -12.432 7.132   1.00 43.16 ? 192  ALA A C   1 
ATOM   922  O O   . ALA A 1 175 ? -9.940  -12.481 6.910   1.00 43.31 ? 192  ALA A O   1 
ATOM   923  C CB  . ALA A 1 175 ? -8.382  -14.653 8.321   1.00 43.90 ? 192  ALA A CB  1 
ATOM   924  N N   . ILE A 1 176 ? -7.870  -11.791 6.338   1.00 41.43 ? 193  ILE A N   1 
ATOM   925  C CA  . ILE A 1 176 ? -8.304  -10.938 5.240   1.00 39.56 ? 193  ILE A CA  1 
ATOM   926  C C   . ILE A 1 176 ? -8.645  -11.741 3.987   1.00 38.61 ? 193  ILE A C   1 
ATOM   927  O O   . ILE A 1 176 ? -7.773  -12.404 3.415   1.00 38.52 ? 193  ILE A O   1 
ATOM   928  C CB  . ILE A 1 176 ? -7.197  -9.912  4.885   1.00 39.35 ? 193  ILE A CB  1 
ATOM   929  C CG1 . ILE A 1 176 ? -6.997  -8.917  6.032   1.00 39.20 ? 193  ILE A CG1 1 
ATOM   930  C CG2 . ILE A 1 176 ? -7.523  -9.205  3.581   1.00 39.81 ? 193  ILE A CG2 1 
ATOM   931  C CD1 . ILE A 1 176 ? -5.796  -7.990  5.867   1.00 37.44 ? 193  ILE A CD1 1 
ATOM   932  N N   . ARG A 1 177 ? -9.892  -11.670 3.532   1.00 36.98 ? 194  ARG A N   1 
ATOM   933  C CA  . ARG A 1 177 ? -10.210 -12.314 2.270   1.00 36.51 ? 194  ARG A CA  1 
ATOM   934  C C   . ARG A 1 177 ? -10.870 -11.506 1.157   1.00 35.05 ? 194  ARG A C   1 
ATOM   935  O O   . ARG A 1 177 ? -11.204 -12.071 0.106   1.00 35.35 ? 194  ARG A O   1 
ATOM   936  C CB  . ARG A 1 177 ? -10.919 -13.656 2.446   1.00 37.91 ? 194  ARG A CB  1 
ATOM   937  C CG  . ARG A 1 177 ? -11.845 -13.807 3.594   1.00 40.72 ? 194  ARG A CG  1 
ATOM   938  C CD  . ARG A 1 177 ? -11.625 -15.213 4.096   1.00 46.70 ? 194  ARG A CD  1 
ATOM   939  N NE  . ARG A 1 177 ? -12.867 -15.889 4.464   1.00 51.76 ? 194  ARG A NE  1 
ATOM   940  C CZ  . ARG A 1 177 ? -13.735 -16.430 3.605   1.00 52.75 ? 194  ARG A CZ  1 
ATOM   941  N NH1 . ARG A 1 177 ? -13.547 -16.366 2.291   1.00 53.45 ? 194  ARG A NH1 1 
ATOM   942  N NH2 . ARG A 1 177 ? -14.812 -17.038 4.071   1.00 52.96 ? 194  ARG A NH2 1 
ATOM   943  N N   . SER A 1 178 ? -11.074 -10.209 1.377   1.00 32.52 ? 195  SER A N   1 
ATOM   944  C CA  . SER A 1 178 ? -11.595 -9.341  0.315   1.00 30.10 ? 195  SER A CA  1 
ATOM   945  C C   . SER A 1 178 ? -11.062 -7.904  0.446   1.00 28.58 ? 195  SER A C   1 
ATOM   946  O O   . SER A 1 178 ? -10.526 -7.516  1.489   1.00 27.06 ? 195  SER A O   1 
ATOM   947  C CB  . SER A 1 178 ? -13.121 -9.344  0.331   1.00 29.63 ? 195  SER A CB  1 
ATOM   948  O OG  . SER A 1 178 ? -13.578 -8.775  1.544   1.00 30.51 ? 195  SER A OG  1 
ATOM   949  N N   . TYR A 1 179 ? -11.233 -7.133  -0.620  1.00 27.34 ? 196  TYR A N   1 
ATOM   950  C CA  . TYR A 1 179 ? -10.899 -5.716  -0.631  1.00 26.74 ? 196  TYR A CA  1 
ATOM   951  C C   . TYR A 1 179 ? -11.596 -5.014  0.521   1.00 26.90 ? 196  TYR A C   1 
ATOM   952  O O   . TYR A 1 179 ? -11.015 -4.175  1.186   1.00 25.72 ? 196  TYR A O   1 
ATOM   953  C CB  . TYR A 1 179 ? -11.319 -5.087  -1.954  1.00 26.43 ? 196  TYR A CB  1 
ATOM   954  C CG  . TYR A 1 179 ? -10.700 -5.732  -3.163  1.00 25.76 ? 196  TYR A CG  1 
ATOM   955  C CD1 . TYR A 1 179 ? -9.322  -5.952  -3.226  1.00 25.28 ? 196  TYR A CD1 1 
ATOM   956  C CD2 . TYR A 1 179 ? -11.478 -6.091  -4.258  1.00 26.22 ? 196  TYR A CD2 1 
ATOM   957  C CE1 . TYR A 1 179 ? -8.725  -6.545  -4.337  1.00 25.47 ? 196  TYR A CE1 1 
ATOM   958  C CE2 . TYR A 1 179 ? -10.894 -6.681  -5.380  1.00 27.81 ? 196  TYR A CE2 1 
ATOM   959  C CZ  . TYR A 1 179 ? -9.505  -6.896  -5.410  1.00 26.90 ? 196  TYR A CZ  1 
ATOM   960  O OH  . TYR A 1 179 ? -8.910  -7.476  -6.508  1.00 29.74 ? 196  TYR A OH  1 
ATOM   961  N N   . ARG A 1 180 ? -12.843 -5.402  0.770   1.00 27.16 ? 197  ARG A N   1 
ATOM   962  C CA  . ARG A 1 180 ? -13.619 -4.807  1.849   1.00 28.31 ? 197  ARG A CA  1 
ATOM   963  C C   . ARG A 1 180 ? -13.019 -5.023  3.243   1.00 27.15 ? 197  ARG A C   1 
ATOM   964  O O   . ARG A 1 180 ? -13.072 -4.117  4.062   1.00 26.87 ? 197  ARG A O   1 
ATOM   965  C CB  . ARG A 1 180 ? -15.092 -5.248  1.730   1.00 29.43 ? 197  ARG A CB  1 
ATOM   966  C CG  . ARG A 1 180 ? -16.046 -4.757  2.794   1.00 35.57 ? 197  ARG A CG  1 
ATOM   967  C CD  . ARG A 1 180 ? -16.577 -5.918  3.671   1.00 46.11 ? 197  ARG A CD  1 
ATOM   968  N NE  . ARG A 1 180 ? -16.179 -7.277  3.253   1.00 51.56 ? 197  ARG A NE  1 
ATOM   969  C CZ  . ARG A 1 180 ? -16.889 -8.095  2.462   1.00 55.22 ? 197  ARG A CZ  1 
ATOM   970  N NH1 . ARG A 1 180 ? -18.058 -7.713  1.933   1.00 55.27 ? 197  ARG A NH1 1 
ATOM   971  N NH2 . ARG A 1 180 ? -16.402 -9.304  2.172   1.00 55.06 ? 197  ARG A NH2 1 
ATOM   972  N N   . ASP A 1 181 ? -12.410 -6.191  3.496   1.00 26.37 ? 198  ASP A N   1 
ATOM   973  C CA  . ASP A 1 181 ? -11.737 -6.466  4.780   1.00 25.01 ? 198  ASP A CA  1 
ATOM   974  C C   . ASP A 1 181 ? -10.520 -5.567  5.000   1.00 23.83 ? 198  ASP A C   1 
ATOM   975  O O   . ASP A 1 181 ? -10.253 -5.140  6.119   1.00 23.03 ? 198  ASP A O   1 
ATOM   976  C CB  . ASP A 1 181 ? -11.244 -7.907  4.866   1.00 25.55 ? 198  ASP A CB  1 
ATOM   977  C CG  . ASP A 1 181 ? -12.373 -8.927  4.973   1.00 29.02 ? 198  ASP A CG  1 
ATOM   978  O OD1 . ASP A 1 181 ? -13.470 -8.597  5.477   1.00 30.54 ? 198  ASP A OD1 1 
ATOM   979  O OD2 . ASP A 1 181 ? -12.130 -10.084 4.568   1.00 30.65 ? 198  ASP A OD2 1 
ATOM   980  N N   . VAL A 1 182 ? -9.742  -5.336  3.955   1.00 22.65 ? 199  VAL A N   1 
ATOM   981  C CA  . VAL A 1 182 ? -8.634  -4.384  4.067   1.00 22.85 ? 199  VAL A CA  1 
ATOM   982  C C   . VAL A 1 182 ? -9.160  -2.983  4.445   1.00 22.39 ? 199  VAL A C   1 
ATOM   983  O O   . VAL A 1 182 ? -8.654  -2.375  5.389   1.00 22.58 ? 199  VAL A O   1 
ATOM   984  C CB  . VAL A 1 182 ? -7.777  -4.330  2.772   1.00 23.00 ? 199  VAL A CB  1 
ATOM   985  C CG1 . VAL A 1 182 ? -6.585  -3.408  2.942   1.00 21.40 ? 199  VAL A CG1 1 
ATOM   986  C CG2 . VAL A 1 182 ? -7.300  -5.757  2.373   1.00 22.56 ? 199  VAL A CG2 1 
ATOM   987  N N   . MET A 1 183 ? -10.170 -2.496  3.726   1.00 22.06 ? 200  MET A N   1 
ATOM   988  C CA  . MET A 1 183 ? -10.773 -1.179  4.020   1.00 23.01 ? 200  MET A CA  1 
ATOM   989  C C   . MET A 1 183 ? -11.261 -1.049  5.472   1.00 23.10 ? 200  MET A C   1 
ATOM   990  O O   . MET A 1 183 ? -10.953 -0.056  6.125   1.00 22.84 ? 200  MET A O   1 
ATOM   991  C CB  . MET A 1 183 ? -11.886 -0.848  3.017   1.00 22.38 ? 200  MET A CB  1 
ATOM   992  C CG  . MET A 1 183 ? -11.338 -0.780  1.603   1.00 22.99 ? 200  MET A CG  1 
ATOM   993  S SD  . MET A 1 183 ? -12.601 -0.478  0.374   1.00 25.05 ? 200  MET A SD  1 
ATOM   994  C CE  . MET A 1 183 ? -13.003 1.267   0.630   1.00 24.06 ? 200  MET A CE  1 
ATOM   995  N N   . LYS A 1 184 ? -11.950 -2.077  5.988   1.00 23.81 ? 201  LYS A N   1 
ATOM   996  C CA  . LYS A 1 184 ? -12.404 -2.089  7.388   1.00 25.34 ? 201  LYS A CA  1 
ATOM   997  C C   . LYS A 1 184 ? -11.246 -1.906  8.362   1.00 25.05 ? 201  LYS A C   1 
ATOM   998  O O   . LYS A 1 184 ? -11.350 -1.140  9.308   1.00 24.85 ? 201  LYS A O   1 
ATOM   999  C CB  . LYS A 1 184 ? -13.103 -3.410  7.743   1.00 26.77 ? 201  LYS A CB  1 
ATOM   1000 C CG  . LYS A 1 184 ? -14.465 -3.605  7.123   1.00 31.14 ? 201  LYS A CG  1 
ATOM   1001 C CD  . LYS A 1 184 ? -15.109 -4.883  7.687   1.00 38.66 ? 201  LYS A CD  1 
ATOM   1002 C CE  . LYS A 1 184 ? -16.549 -5.045  7.197   1.00 41.97 ? 201  LYS A CE  1 
ATOM   1003 N NZ  . LYS A 1 184 ? -17.380 -5.815  8.181   1.00 45.12 ? 201  LYS A NZ  1 
ATOM   1004 N N   . LEU A 1 185 ? -10.142 -2.617  8.131   1.00 24.51 ? 202  LEU A N   1 
ATOM   1005 C CA  . LEU A 1 185 ? -8.959  -2.486  8.978   1.00 24.60 ? 202  LEU A CA  1 
ATOM   1006 C C   . LEU A 1 185 ? -8.340  -1.076  8.874   1.00 23.89 ? 202  LEU A C   1 
ATOM   1007 O O   . LEU A 1 185 ? -7.890  -0.523  9.882   1.00 23.87 ? 202  LEU A O   1 
ATOM   1008 C CB  . LEU A 1 185 ? -7.924  -3.581  8.638   1.00 25.51 ? 202  LEU A CB  1 
ATOM   1009 C CG  . LEU A 1 185 ? -8.365  -5.056  8.831   1.00 28.71 ? 202  LEU A CG  1 
ATOM   1010 C CD1 . LEU A 1 185 ? -7.185  -6.015  8.831   1.00 31.25 ? 202  LEU A CD1 1 
ATOM   1011 C CD2 . LEU A 1 185 ? -9.151  -5.253  10.130  1.00 31.98 ? 202  LEU A CD2 1 
ATOM   1012 N N   . CYS A 1 186 ? -8.305  -0.511  7.667   1.00 22.00 ? 203  CYS A N   1 
ATOM   1013 C CA  . CYS A 1 186 ? -7.802  0.862   7.483   1.00 22.16 ? 203  CYS A CA  1 
ATOM   1014 C C   . CYS A 1 186 ? -8.704  1.892   8.165   1.00 21.89 ? 203  CYS A C   1 
ATOM   1015 O O   . CYS A 1 186 ? -8.215  2.787   8.849   1.00 21.53 ? 203  CYS A O   1 
ATOM   1016 C CB  . CYS A 1 186 ? -7.622  1.210   5.998   1.00 20.80 ? 203  CYS A CB  1 
ATOM   1017 S SG  . CYS A 1 186 ? -6.390  0.194   5.220   1.00 20.77 ? 203  CYS A SG  1 
ATOM   1018 N N   . ALA A 1 187 ? -10.015 1.736   7.997   1.00 22.36 ? 204  ALA A N   1 
ATOM   1019 C CA  . ALA A 1 187 ? -10.973 2.607   8.675   1.00 22.73 ? 204  ALA A CA  1 
ATOM   1020 C C   . ALA A 1 187 ? -10.793 2.602   10.197  1.00 23.43 ? 204  ALA A C   1 
ATOM   1021 O O   . ALA A 1 187 ? -10.925 3.654   10.827  1.00 23.15 ? 204  ALA A O   1 
ATOM   1022 C CB  . ALA A 1 187 ? -12.418 2.257   8.276   1.00 22.08 ? 204  ALA A CB  1 
ATOM   1023 N N   . ALA A 1 188 ? -10.448 1.435   10.769  1.00 23.86 ? 205  ALA A N   1 
ATOM   1024 C CA  . ALA A 1 188 ? -10.326 1.259   12.219  1.00 24.44 ? 205  ALA A CA  1 
ATOM   1025 C C   . ALA A 1 188 ? -9.080  1.911   12.811  1.00 24.46 ? 205  ALA A C   1 
ATOM   1026 O O   . ALA A 1 188 ? -8.978  2.087   14.014  1.00 24.27 ? 205  ALA A O   1 
ATOM   1027 C CB  . ALA A 1 188 ? -10.388 -0.248  12.616  1.00 24.97 ? 205  ALA A CB  1 
ATOM   1028 N N   . HIS A 1 189 ? -8.137  2.275   11.957  1.00 24.71 ? 206  HIS A N   1 
ATOM   1029 C CA  . HIS A 1 189 ? -6.957  3.018   12.389  1.00 24.26 ? 206  HIS A CA  1 
ATOM   1030 C C   . HIS A 1 189 ? -7.334  4.442   12.828  1.00 24.40 ? 206  HIS A C   1 
ATOM   1031 O O   . HIS A 1 189 ? -6.624  5.039   13.593  1.00 24.98 ? 206  HIS A O   1 
ATOM   1032 C CB  . HIS A 1 189 ? -5.930  3.001   11.261  1.00 22.64 ? 206  HIS A CB  1 
ATOM   1033 C CG  . HIS A 1 189 ? -4.884  4.072   11.334  1.00 22.67 ? 206  HIS A CG  1 
ATOM   1034 N ND1 . HIS A 1 189 ? -3.907  4.109   12.312  1.00 21.33 ? 206  HIS A ND1 1 
ATOM   1035 C CD2 . HIS A 1 189 ? -4.599  5.089   10.485  1.00 21.73 ? 206  HIS A CD2 1 
ATOM   1036 C CE1 . HIS A 1 189 ? -3.094  5.126   12.084  1.00 20.53 ? 206  HIS A CE1 1 
ATOM   1037 N NE2 . HIS A 1 189 ? -3.488  5.736   10.982  1.00 21.72 ? 206  HIS A NE2 1 
ATOM   1038 N N   . LEU A 1 190 ? -8.446  4.977   12.332  1.00 25.24 ? 207  LEU A N   1 
ATOM   1039 C CA  . LEU A 1 190 ? -8.856  6.352   12.680  1.00 25.70 ? 207  LEU A CA  1 
ATOM   1040 C C   . LEU A 1 190 ? -9.685  6.396   13.969  1.00 26.09 ? 207  LEU A C   1 
ATOM   1041 O O   . LEU A 1 190 ? -10.517 5.522   14.199  1.00 25.79 ? 207  LEU A O   1 
ATOM   1042 C CB  . LEU A 1 190 ? -9.643  7.012   11.542  1.00 24.95 ? 207  LEU A CB  1 
ATOM   1043 C CG  . LEU A 1 190 ? -9.014  6.990   10.149  1.00 26.16 ? 207  LEU A CG  1 
ATOM   1044 C CD1 . LEU A 1 190 ? -9.883  7.689   9.133   1.00 26.36 ? 207  LEU A CD1 1 
ATOM   1045 C CD2 . LEU A 1 190 ? -7.611  7.580   10.159  1.00 26.26 ? 207  LEU A CD2 1 
ATOM   1046 N N   . PRO A 1 191 ? -9.489  7.443   14.794  1.00 27.05 ? 208  PRO A N   1 
ATOM   1047 C CA  . PRO A 1 191 ? -10.373 7.594   15.974  1.00 26.84 ? 208  PRO A CA  1 
ATOM   1048 C C   . PRO A 1 191 ? -11.853 7.560   15.590  1.00 26.75 ? 208  PRO A C   1 
ATOM   1049 O O   . PRO A 1 191 ? -12.645 6.957   16.293  1.00 26.80 ? 208  PRO A O   1 
ATOM   1050 C CB  . PRO A 1 191 ? -10.008 8.981   16.529  1.00 27.34 ? 208  PRO A CB  1 
ATOM   1051 C CG  . PRO A 1 191 ? -8.665  9.322   15.938  1.00 28.04 ? 208  PRO A CG  1 
ATOM   1052 C CD  . PRO A 1 191 ? -8.515  8.553   14.649  1.00 26.57 ? 208  PRO A CD  1 
ATOM   1053 N N   . THR A 1 192 ? -12.217 8.201   14.478  1.00 26.58 ? 209  THR A N   1 
ATOM   1054 C CA  . THR A 1 192 ? -13.590 8.201   14.014  1.00 26.52 ? 209  THR A CA  1 
ATOM   1055 C C   . THR A 1 192 ? -13.655 7.526   12.673  1.00 25.77 ? 209  THR A C   1 
ATOM   1056 O O   . THR A 1 192 ? -13.223 8.076   11.655  1.00 24.77 ? 209  THR A O   1 
ATOM   1057 C CB  . THR A 1 192 ? -14.197 9.624   13.924  1.00 27.11 ? 209  THR A CB  1 
ATOM   1058 O OG1 . THR A 1 192 ? -14.233 10.181  15.236  1.00 29.30 ? 209  THR A OG1 1 
ATOM   1059 C CG2 . THR A 1 192 ? -15.634 9.556   13.405  1.00 27.48 ? 209  THR A CG2 1 
ATOM   1060 N N   . GLU A 1 193 ? -14.228 6.332   12.688  1.00 25.07 ? 210  GLU A N   1 
ATOM   1061 C CA  . GLU A 1 193 ? -14.178 5.461   11.540  1.00 25.27 ? 210  GLU A CA  1 
ATOM   1062 C C   . GLU A 1 193 ? -14.806 6.065   10.286  1.00 23.92 ? 210  GLU A C   1 
ATOM   1063 O O   . GLU A 1 193 ? -14.321 5.841   9.177   1.00 23.77 ? 210  GLU A O   1 
ATOM   1064 C CB  . GLU A 1 193 ? -14.762 4.089   11.900  1.00 25.59 ? 210  GLU A CB  1 
ATOM   1065 C CG  . GLU A 1 193 ? -15.740 3.504   10.895  1.00 30.35 ? 210  GLU A CG  1 
ATOM   1066 C CD  . GLU A 1 193 ? -16.089 2.051   11.197  1.00 34.42 ? 210  GLU A CD  1 
ATOM   1067 O OE1 . GLU A 1 193 ? -15.968 1.635   12.364  1.00 38.63 ? 210  GLU A OE1 1 
ATOM   1068 O OE2 . GLU A 1 193 ? -16.487 1.333   10.268  1.00 35.04 ? 210  GLU A OE2 1 
ATOM   1069 N N   . SER A 1 194 ? -15.867 6.827   10.459  1.00 22.78 ? 211  SER A N   1 
ATOM   1070 C CA  . SER A 1 194 ? -16.582 7.348   9.300   1.00 23.38 ? 211  SER A CA  1 
ATOM   1071 C C   . SER A 1 194 ? -15.796 8.459   8.589   1.00 22.48 ? 211  SER A C   1 
ATOM   1072 O O   . SER A 1 194 ? -16.157 8.828   7.485   1.00 22.88 ? 211  SER A O   1 
ATOM   1073 C CB  . SER A 1 194 ? -18.003 7.809   9.666   1.00 23.26 ? 211  SER A CB  1 
ATOM   1074 O OG  . SER A 1 194 ? -17.967 8.842   10.631  1.00 26.59 ? 211  SER A OG  1 
ATOM   1075 N N   . ASP A 1 195 ? -14.705 8.951   9.198   1.00 21.97 ? 212  ASP A N   1 
ATOM   1076 C CA  . ASP A 1 195 ? -13.829 9.930   8.516   1.00 21.76 ? 212  ASP A CA  1 
ATOM   1077 C C   . ASP A 1 195 ? -12.941 9.304   7.435   1.00 21.82 ? 212  ASP A C   1 
ATOM   1078 O O   . ASP A 1 195 ? -12.306 10.035  6.673   1.00 21.63 ? 212  ASP A O   1 
ATOM   1079 C CB  . ASP A 1 195 ? -12.918 10.659  9.503   1.00 22.16 ? 212  ASP A CB  1 
ATOM   1080 C CG  . ASP A 1 195 ? -13.672 11.615  10.422  1.00 22.57 ? 212  ASP A CG  1 
ATOM   1081 O OD1 . ASP A 1 195 ? -14.771 12.080  10.072  1.00 23.77 ? 212  ASP A OD1 1 
ATOM   1082 O OD2 . ASP A 1 195 ? -13.149 11.898  11.511  1.00 24.50 ? 212  ASP A OD2 1 
ATOM   1083 N N   . ALA A 1 196 ? -12.876 7.962   7.383   1.00 21.07 ? 213  ALA A N   1 
ATOM   1084 C CA  . ALA A 1 196 ? -11.965 7.243   6.452   1.00 20.31 ? 213  ALA A CA  1 
ATOM   1085 C C   . ALA A 1 196 ? -11.965 7.721   4.995   1.00 20.22 ? 213  ALA A C   1 
ATOM   1086 O O   . ALA A 1 196 ? -10.886 8.013   4.462   1.00 20.36 ? 213  ALA A O   1 
ATOM   1087 C CB  . ALA A 1 196 ? -12.177 5.721   6.527   1.00 19.14 ? 213  ALA A CB  1 
ATOM   1088 N N   . PRO A 1 197 ? -13.149 7.796   4.341   1.00 21.04 ? 214  PRO A N   1 
ATOM   1089 C CA  . PRO A 1 197 ? -13.103 8.191   2.926   1.00 21.45 ? 214  PRO A CA  1 
ATOM   1090 C C   . PRO A 1 197 ? -12.503 9.573   2.708   1.00 21.53 ? 214  PRO A C   1 
ATOM   1091 O O   . PRO A 1 197 ? -11.672 9.735   1.829   1.00 21.85 ? 214  PRO A O   1 
ATOM   1092 C CB  . PRO A 1 197 ? -14.591 8.191   2.484   1.00 21.39 ? 214  PRO A CB  1 
ATOM   1093 C CG  . PRO A 1 197 ? -15.317 7.441   3.504   1.00 21.57 ? 214  PRO A CG  1 
ATOM   1094 C CD  . PRO A 1 197 ? -14.536 7.506   4.788   1.00 20.58 ? 214  PRO A CD  1 
ATOM   1095 N N   . ASN A 1 198 ? -12.930 10.560  3.490   1.00 21.84 ? 215  ASN A N   1 
ATOM   1096 C CA  . ASN A 1 198 ? -12.427 11.918  3.323   1.00 22.08 ? 215  ASN A CA  1 
ATOM   1097 C C   . ASN A 1 198 ? -10.979 12.065  3.784   1.00 20.43 ? 215  ASN A C   1 
ATOM   1098 O O   . ASN A 1 198 ? -10.210 12.753  3.142   1.00 20.10 ? 215  ASN A O   1 
ATOM   1099 C CB  . ASN A 1 198 ? -13.297 12.937  4.062   1.00 23.16 ? 215  ASN A CB  1 
ATOM   1100 C CG  . ASN A 1 198 ? -14.663 13.154  3.392   1.00 28.21 ? 215  ASN A CG  1 
ATOM   1101 O OD1 . ASN A 1 198 ? -14.761 13.131  2.162   1.00 34.70 ? 215  ASN A OD1 1 
ATOM   1102 N ND2 . ASN A 1 198 ? -15.707 13.343  4.182   1.00 29.23 ? 215  ASN A ND2 1 
ATOM   1103 N N   . HIS A 1 199 ? -10.626 11.432  4.894   1.00 19.33 ? 216  HIS A N   1 
ATOM   1104 C CA  . HIS A 1 199 ? -9.261  11.519  5.417   1.00 19.07 ? 216  HIS A CA  1 
ATOM   1105 C C   . HIS A 1 199 ? -8.240  10.883  4.475   1.00 18.82 ? 216  HIS A C   1 
ATOM   1106 O O   . HIS A 1 199 ? -7.243  11.506  4.139   1.00 19.16 ? 216  HIS A O   1 
ATOM   1107 C CB  . HIS A 1 199 ? -9.160  10.888  6.801   1.00 18.79 ? 216  HIS A CB  1 
ATOM   1108 C CG  . HIS A 1 199 ? -7.761  10.775  7.301   1.00 19.15 ? 216  HIS A CG  1 
ATOM   1109 N ND1 . HIS A 1 199 ? -7.020  11.867  7.698   1.00 18.50 ? 216  HIS A ND1 1 
ATOM   1110 C CD2 . HIS A 1 199 ? -6.948  9.696   7.438   1.00 20.47 ? 216  HIS A CD2 1 
ATOM   1111 C CE1 . HIS A 1 199 ? -5.811  11.469  8.059   1.00 20.84 ? 216  HIS A CE1 1 
ATOM   1112 N NE2 . HIS A 1 199 ? -5.746  10.152  7.922   1.00 21.70 ? 216  HIS A NE2 1 
ATOM   1113 N N   . TYR A 1 200 ? -8.511  9.660   4.022   1.00 18.65 ? 217  TYR A N   1 
ATOM   1114 C CA  . TYR A 1 200 ? -7.569  8.956   3.151   1.00 18.31 ? 217  TYR A CA  1 
ATOM   1115 C C   . TYR A 1 200 ? -7.493  9.586   1.757   1.00 18.30 ? 217  TYR A C   1 
ATOM   1116 O O   . TYR A 1 200 ? -6.432  9.590   1.138   1.00 17.71 ? 217  TYR A O   1 
ATOM   1117 C CB  . TYR A 1 200 ? -7.891  7.463   3.105   1.00 18.14 ? 217  TYR A CB  1 
ATOM   1118 C CG  . TYR A 1 200 ? -7.559  6.752   4.427   1.00 17.83 ? 217  TYR A CG  1 
ATOM   1119 C CD1 . TYR A 1 200 ? -6.390  7.060   5.143   1.00 16.23 ? 217  TYR A CD1 1 
ATOM   1120 C CD2 . TYR A 1 200 ? -8.408  5.793   4.945   1.00 16.48 ? 217  TYR A CD2 1 
ATOM   1121 C CE1 . TYR A 1 200 ? -6.069  6.409   6.335   1.00 15.86 ? 217  TYR A CE1 1 
ATOM   1122 C CE2 . TYR A 1 200 ? -8.086  5.110   6.124   1.00 17.92 ? 217  TYR A CE2 1 
ATOM   1123 C CZ  . TYR A 1 200 ? -6.931  5.439   6.813   1.00 16.28 ? 217  TYR A CZ  1 
ATOM   1124 O OH  . TYR A 1 200 ? -6.659  4.775   7.980   1.00 18.00 ? 217  TYR A OH  1 
ATOM   1125 N N   . GLN A 1 201 ? -8.601  10.152  1.280   1.00 18.81 ? 218  GLN A N   1 
ATOM   1126 C CA  . GLN A 1 201 ? -8.541  10.931  0.043   1.00 19.73 ? 218  GLN A CA  1 
ATOM   1127 C C   . GLN A 1 201 ? -7.652  12.180  0.200   1.00 18.82 ? 218  GLN A C   1 
ATOM   1128 O O   . GLN A 1 201 ? -6.873  12.531  -0.704  1.00 18.35 ? 218  GLN A O   1 
ATOM   1129 C CB  . GLN A 1 201 ? -9.943  11.311  -0.452  1.00 20.63 ? 218  GLN A CB  1 
ATOM   1130 C CG  . GLN A 1 201 ? -9.891  12.100  -1.743  1.00 25.82 ? 218  GLN A CG  1 
ATOM   1131 C CD  . GLN A 1 201 ? -11.243 12.242  -2.413  1.00 34.34 ? 218  GLN A CD  1 
ATOM   1132 O OE1 . GLN A 1 201 ? -12.275 12.291  -1.749  1.00 35.39 ? 218  GLN A OE1 1 
ATOM   1133 N NE2 . GLN A 1 201 ? -11.234 12.341  -3.748  1.00 36.96 ? 218  GLN A NE2 1 
ATOM   1134 N N   . ALA A 1 202 ? -7.758  12.821  1.358   1.00 18.49 ? 219  ALA A N   1 
ATOM   1135 C CA  . ALA A 1 202 ? -6.986  14.043  1.654   1.00 19.13 ? 219  ALA A CA  1 
ATOM   1136 C C   . ALA A 1 202 ? -5.487  13.754  1.777   1.00 19.10 ? 219  ALA A C   1 
ATOM   1137 O O   . ALA A 1 202 ? -4.656  14.497  1.256   1.00 20.42 ? 219  ALA A O   1 
ATOM   1138 C CB  . ALA A 1 202 ? -7.516  14.718  2.943   1.00 16.99 ? 219  ALA A CB  1 
ATOM   1139 N N   . VAL A 1 203 ? -5.139  12.686  2.480   1.00 19.25 ? 220  VAL A N   1 
ATOM   1140 C CA  . VAL A 1 203 ? -3.743  12.217  2.528   1.00 19.39 ? 220  VAL A CA  1 
ATOM   1141 C C   . VAL A 1 203 ? -3.139  12.011  1.121   1.00 20.43 ? 220  VAL A C   1 
ATOM   1142 O O   . VAL A 1 203 ? -2.038  12.493  0.870   1.00 20.28 ? 220  VAL A O   1 
ATOM   1143 C CB  . VAL A 1 203 ? -3.610  10.915  3.377   1.00 19.27 ? 220  VAL A CB  1 
ATOM   1144 C CG1 . VAL A 1 203 ? -2.170  10.394  3.380   1.00 18.55 ? 220  VAL A CG1 1 
ATOM   1145 C CG2 . VAL A 1 203 ? -4.049  11.192  4.813   1.00 17.58 ? 220  VAL A CG2 1 
ATOM   1146 N N   . CYS A 1 204 ? -3.843  11.301  0.219   1.00 20.46 ? 221  CYS A N   1 
ATOM   1147 C CA  . CYS A 1 204 ? -3.294  11.034  -1.115  1.00 21.38 ? 221  CYS A CA  1 
ATOM   1148 C C   . CYS A 1 204 ? -3.294  12.302  -1.986  1.00 22.24 ? 221  CYS A C   1 
ATOM   1149 O O   . CYS A 1 204 ? -2.386  12.502  -2.775  1.00 20.79 ? 221  CYS A O   1 
ATOM   1150 C CB  . CYS A 1 204 ? -4.040  9.888   -1.824  1.00 21.81 ? 221  CYS A CB  1 
ATOM   1151 S SG  . CYS A 1 204 ? -3.935  8.262   -0.959  1.00 23.15 ? 221  CYS A SG  1 
ATOM   1152 N N   . ARG A 1 205 ? -4.314  13.160  -1.826  1.00 23.17 ? 222  ARG A N   1 
ATOM   1153 C CA  . ARG A 1 205 ? -4.320  14.462  -2.472  1.00 24.65 ? 222  ARG A CA  1 
ATOM   1154 C C   . ARG A 1 205 ? -3.061  15.277  -2.086  1.00 25.22 ? 222  ARG A C   1 
ATOM   1155 O O   . ARG A 1 205 ? -2.415  15.875  -2.961  1.00 25.71 ? 222  ARG A O   1 
ATOM   1156 C CB  . ARG A 1 205 ? -5.608  15.234  -2.139  1.00 24.64 ? 222  ARG A CB  1 
ATOM   1157 C CG  . ARG A 1 205 ? -5.986  16.370  -3.134  1.00 28.53 ? 222  ARG A CG  1 
ATOM   1158 C CD  . ARG A 1 205 ? -7.426  16.945  -2.897  1.00 31.04 ? 222  ARG A CD  1 
ATOM   1159 N NE  . ARG A 1 205 ? -7.641  17.214  -1.484  1.00 34.28 ? 222  ARG A NE  1 
ATOM   1160 C CZ  . ARG A 1 205 ? -8.610  16.704  -0.720  1.00 35.74 ? 222  ARG A CZ  1 
ATOM   1161 N NH1 . ARG A 1 205 ? -9.557  15.919  -1.229  1.00 35.57 ? 222  ARG A NH1 1 
ATOM   1162 N NH2 . ARG A 1 205 ? -8.647  17.034  0.570   1.00 35.39 ? 222  ARG A NH2 1 
ATOM   1163 N N   . ALA A 1 206 ? -2.728  15.319  -0.791  1.00 25.24 ? 223  ALA A N   1 
ATOM   1164 C CA  . ALA A 1 206 ? -1.550  16.054  -0.324  1.00 25.60 ? 223  ALA A CA  1 
ATOM   1165 C C   . ALA A 1 206 ? -0.253  15.388  -0.846  1.00 26.55 ? 223  ALA A C   1 
ATOM   1166 O O   . ALA A 1 206 ? 0.723   16.071  -1.218  1.00 26.13 ? 223  ALA A O   1 
ATOM   1167 C CB  . ALA A 1 206 ? -1.530  16.129  1.180   1.00 23.99 ? 223  ALA A CB  1 
ATOM   1168 N N   . LEU A 1 207 ? -0.249  14.058  -0.878  1.00 26.74 ? 224  LEU A N   1 
ATOM   1169 C CA  . LEU A 1 207 ? 0.933   13.336  -1.336  1.00 27.33 ? 224  LEU A CA  1 
ATOM   1170 C C   . LEU A 1 207 ? 1.212   13.771  -2.787  1.00 27.27 ? 224  LEU A C   1 
ATOM   1171 O O   . LEU A 1 207 ? 2.360   14.124  -3.134  1.00 27.09 ? 224  LEU A O   1 
ATOM   1172 C CB  . LEU A 1 207 ? 0.756   11.821  -1.188  1.00 26.98 ? 224  LEU A CB  1 
ATOM   1173 C CG  . LEU A 1 207 ? 1.857   10.898  -1.749  1.00 29.54 ? 224  LEU A CG  1 
ATOM   1174 C CD1 . LEU A 1 207 ? 3.248   11.237  -1.174  1.00 28.97 ? 224  LEU A CD1 1 
ATOM   1175 C CD2 . LEU A 1 207 ? 1.520   9.414   -1.503  1.00 28.64 ? 224  LEU A CD2 1 
ATOM   1176 N N   . PHE A 1 208 ? 0.165   13.820  -3.604  1.00 26.47 ? 225  PHE A N   1 
ATOM   1177 C CA  . PHE A 1 208 ? 0.317   14.277  -4.994  1.00 27.75 ? 225  PHE A CA  1 
ATOM   1178 C C   . PHE A 1 208 ? 0.832   15.733  -5.161  1.00 29.06 ? 225  PHE A C   1 
ATOM   1179 O O   . PHE A 1 208 ? 1.763   15.973  -5.926  1.00 27.36 ? 225  PHE A O   1 
ATOM   1180 C CB  . PHE A 1 208 ? -0.993  14.136  -5.742  1.00 26.72 ? 225  PHE A CB  1 
ATOM   1181 C CG  . PHE A 1 208 ? -0.896  14.482  -7.196  1.00 26.76 ? 225  PHE A CG  1 
ATOM   1182 C CD1 . PHE A 1 208 ? -0.691  13.489  -8.144  1.00 26.62 ? 225  PHE A CD1 1 
ATOM   1183 C CD2 . PHE A 1 208 ? -1.029  15.810  -7.628  1.00 28.48 ? 225  PHE A CD2 1 
ATOM   1184 C CE1 . PHE A 1 208 ? -0.620  13.801  -9.503  1.00 25.86 ? 225  PHE A CE1 1 
ATOM   1185 C CE2 . PHE A 1 208 ? -0.948  16.133  -8.987  1.00 28.13 ? 225  PHE A CE2 1 
ATOM   1186 C CZ  . PHE A 1 208 ? -0.748  15.123  -9.923  1.00 27.67 ? 225  PHE A CZ  1 
ATOM   1187 N N   . ALA A 1 209 ? 0.179   16.686  -4.477  1.00 30.76 ? 226  ALA A N   1 
ATOM   1188 C CA  . ALA A 1 209 ? 0.485   18.119  -4.626  1.00 33.32 ? 226  ALA A CA  1 
ATOM   1189 C C   . ALA A 1 209 ? 1.925   18.415  -4.206  1.00 35.11 ? 226  ALA A C   1 
ATOM   1190 O O   . ALA A 1 209 ? 2.634   19.166  -4.858  1.00 35.60 ? 226  ALA A O   1 
ATOM   1191 C CB  . ALA A 1 209 ? -0.489  18.974  -3.814  1.00 32.29 ? 226  ALA A CB  1 
ATOM   1192 N N   . GLU A 1 210 ? 2.340   17.791  -3.117  1.00 37.55 ? 227  GLU A N   1 
ATOM   1193 C CA  . GLU A 1 210 ? 3.678   17.928  -2.587  1.00 40.12 ? 227  GLU A CA  1 
ATOM   1194 C C   . GLU A 1 210 ? 4.754   17.387  -3.527  1.00 41.09 ? 227  GLU A C   1 
ATOM   1195 O O   . GLU A 1 210 ? 5.817   17.994  -3.666  1.00 41.06 ? 227  GLU A O   1 
ATOM   1196 C CB  . GLU A 1 210 ? 3.737   17.172  -1.289  1.00 40.25 ? 227  GLU A CB  1 
ATOM   1197 C CG  . GLU A 1 210 ? 4.580   17.807  -0.254  1.00 46.18 ? 227  GLU A CG  1 
ATOM   1198 C CD  . GLU A 1 210 ? 3.999   17.582  1.119   1.00 52.30 ? 227  GLU A CD  1 
ATOM   1199 O OE1 . GLU A 1 210 ? 4.778   17.240  2.043   1.00 54.86 ? 227  GLU A OE1 1 
ATOM   1200 O OE2 . GLU A 1 210 ? 2.755   17.742  1.257   1.00 54.60 ? 227  GLU A OE2 1 
ATOM   1201 N N   . THR A 1 211 ? 4.483   16.240  -4.148  1.00 42.13 ? 228  THR A N   1 
ATOM   1202 C CA  . THR A 1 211 ? 5.426   15.612  -5.060  1.00 43.73 ? 228  THR A CA  1 
ATOM   1203 C C   . THR A 1 211 ? 5.572   16.441  -6.325  1.00 45.36 ? 228  THR A C   1 
ATOM   1204 O O   . THR A 1 211 ? 6.665   16.536  -6.886  1.00 44.88 ? 228  THR A O   1 
ATOM   1205 C CB  . THR A 1 211 ? 5.031   14.166  -5.417  1.00 43.32 ? 228  THR A CB  1 
ATOM   1206 O OG1 . THR A 1 211 ? 4.825   13.422  -4.220  1.00 43.30 ? 228  THR A OG1 1 
ATOM   1207 C CG2 . THR A 1 211 ? 6.142   13.486  -6.200  1.00 43.23 ? 228  THR A CG2 1 
ATOM   1208 N N   . MET A 1 212 ? 4.478   17.060  -6.750  1.00 47.59 ? 229  MET A N   1 
ATOM   1209 C CA  . MET A 1 212 ? 4.505   17.943  -7.909  1.00 50.33 ? 229  MET A CA  1 
ATOM   1210 C C   . MET A 1 212 ? 5.267   19.257  -7.697  1.00 51.87 ? 229  MET A C   1 
ATOM   1211 O O   . MET A 1 212 ? 5.708   19.872  -8.667  1.00 52.50 ? 229  MET A O   1 
ATOM   1212 C CB  . MET A 1 212 ? 3.095   18.192  -8.445  1.00 50.36 ? 229  MET A CB  1 
ATOM   1213 C CG  . MET A 1 212 ? 2.538   16.998  -9.192  1.00 52.29 ? 229  MET A CG  1 
ATOM   1214 S SD  . MET A 1 212 ? 3.178   16.758  -10.866 1.00 57.24 ? 229  MET A SD  1 
ATOM   1215 C CE  . MET A 1 212 ? 4.889   16.272  -10.619 1.00 57.68 ? 229  MET A CE  1 
ATOM   1216 N N   . GLU A 1 213 ? 5.439   19.675  -6.447  1.00 53.37 ? 230  GLU A N   1 
ATOM   1217 C CA  . GLU A 1 213 ? 6.255   20.850  -6.153  1.00 55.22 ? 230  GLU A CA  1 
ATOM   1218 C C   . GLU A 1 213 ? 7.761   20.615  -6.307  1.00 56.09 ? 230  GLU A C   1 
ATOM   1219 O O   . GLU A 1 213 ? 8.504   21.545  -6.648  1.00 56.26 ? 230  GLU A O   1 
ATOM   1220 C CB  . GLU A 1 213 ? 5.951   21.383  -4.761  1.00 55.63 ? 230  GLU A CB  1 
ATOM   1221 C CG  . GLU A 1 213 ? 4.605   22.065  -4.677  1.00 57.11 ? 230  GLU A CG  1 
ATOM   1222 C CD  . GLU A 1 213 ? 4.445   22.861  -3.409  1.00 60.08 ? 230  GLU A CD  1 
ATOM   1223 O OE1 . GLU A 1 213 ? 4.926   22.404  -2.338  1.00 61.04 ? 230  GLU A OE1 1 
ATOM   1224 O OE2 . GLU A 1 213 ? 3.817   23.944  -3.484  1.00 60.37 ? 230  GLU A OE2 1 
ATOM   1225 N N   . LEU A 1 214 ? 8.209   19.382  -6.057  1.00 56.83 ? 231  LEU A N   1 
ATOM   1226 C CA  . LEU A 1 214 ? 9.627   19.027  -6.218  1.00 57.23 ? 231  LEU A CA  1 
ATOM   1227 C C   . LEU A 1 214 ? 10.026  18.989  -7.700  1.00 57.59 ? 231  LEU A C   1 
ATOM   1228 O O   . LEU A 1 214 ? 9.289   18.464  -8.550  1.00 57.84 ? 231  LEU A O   1 
ATOM   1229 C CB  . LEU A 1 214 ? 9.955   17.682  -5.544  1.00 57.29 ? 231  LEU A CB  1 
ATOM   1230 C CG  . LEU A 1 214 ? 9.376   17.294  -4.168  1.00 57.47 ? 231  LEU A CG  1 
ATOM   1231 C CD1 . LEU A 1 214 ? 9.993   15.971  -3.666  1.00 57.82 ? 231  LEU A CD1 1 
ATOM   1232 C CD2 . LEU A 1 214 ? 9.522   18.390  -3.109  1.00 56.95 ? 231  LEU A CD2 1 
ATOM   1233 N N   . TYR B 2 4   ? 11.032  8.095   11.640  1.00 51.85 ? 1704 TYR B N   1 
ATOM   1234 C CA  . TYR B 2 4   ? 10.904  6.623   11.882  1.00 51.62 ? 1704 TYR B CA  1 
ATOM   1235 C C   . TYR B 2 4   ? 12.183  5.969   12.439  1.00 51.16 ? 1704 TYR B C   1 
ATOM   1236 O O   . TYR B 2 4   ? 13.297  6.393   12.144  1.00 50.86 ? 1704 TYR B O   1 
ATOM   1237 C CB  . TYR B 2 4   ? 10.431  5.899   10.601  1.00 51.81 ? 1704 TYR B CB  1 
ATOM   1238 C CG  . TYR B 2 4   ? 11.377  5.991   9.421   1.00 51.83 ? 1704 TYR B CG  1 
ATOM   1239 C CD1 . TYR B 2 4   ? 11.192  6.946   8.421   1.00 52.31 ? 1704 TYR B CD1 1 
ATOM   1240 C CD2 . TYR B 2 4   ? 12.449  5.107   9.297   1.00 53.64 ? 1704 TYR B CD2 1 
ATOM   1241 C CE1 . TYR B 2 4   ? 12.069  7.036   7.327   1.00 53.65 ? 1704 TYR B CE1 1 
ATOM   1242 C CE2 . TYR B 2 4   ? 13.336  5.178   8.212   1.00 55.35 ? 1704 TYR B CE2 1 
ATOM   1243 C CZ  . TYR B 2 4   ? 13.144  6.143   7.227   1.00 55.72 ? 1704 TYR B CZ  1 
ATOM   1244 O OH  . TYR B 2 4   ? 14.032  6.192   6.158   1.00 55.70 ? 1704 TYR B OH  1 
ATOM   1245 N N   . LYS B 2 5   ? 11.997  4.914   13.224  1.00 50.62 ? 1705 LYS B N   1 
ATOM   1246 C CA  . LYS B 2 5   ? 13.094  4.166   13.812  1.00 50.06 ? 1705 LYS B CA  1 
ATOM   1247 C C   . LYS B 2 5   ? 13.583  3.028   12.902  1.00 48.95 ? 1705 LYS B C   1 
ATOM   1248 O O   . LYS B 2 5   ? 12.786  2.245   12.364  1.00 48.29 ? 1705 LYS B O   1 
ATOM   1249 C CB  . LYS B 2 5   ? 12.659  3.612   15.170  1.00 50.68 ? 1705 LYS B CB  1 
ATOM   1250 C CG  . LYS B 2 5   ? 13.808  3.307   16.131  1.00 54.14 ? 1705 LYS B CG  1 
ATOM   1251 C CD  . LYS B 2 5   ? 13.310  2.620   17.426  1.00 59.29 ? 1705 LYS B CD  1 
ATOM   1252 C CE  . LYS B 2 5   ? 12.711  3.608   18.455  1.00 60.76 ? 1705 LYS B CE  1 
ATOM   1253 N NZ  . LYS B 2 5   ? 13.776  4.445   19.102  1.00 62.16 ? 1705 LYS B NZ  1 
ATOM   1254 N N   . ILE B 2 6   ? 14.903  2.954   12.742  1.00 47.48 ? 1706 ILE B N   1 
ATOM   1255 C CA  . ILE B 2 6   ? 15.553  1.859   12.052  1.00 46.32 ? 1706 ILE B CA  1 
ATOM   1256 C C   . ILE B 2 6   ? 16.239  0.956   13.082  1.00 45.40 ? 1706 ILE B C   1 
ATOM   1257 O O   . ILE B 2 6   ? 16.831  1.429   14.052  1.00 45.91 ? 1706 ILE B O   1 
ATOM   1258 C CB  . ILE B 2 6   ? 16.582  2.357   11.025  1.00 46.62 ? 1706 ILE B CB  1 
ATOM   1259 C CG1 . ILE B 2 6   ? 15.947  3.350   10.043  1.00 48.03 ? 1706 ILE B CG1 1 
ATOM   1260 C CG2 . ILE B 2 6   ? 17.164  1.191   10.227  1.00 47.30 ? 1706 ILE B CG2 1 
ATOM   1261 C CD1 . ILE B 2 6   ? 16.954  4.343   9.426   1.00 48.66 ? 1706 ILE B CD1 1 
ATOM   1262 N N   . LYS B 2 7   ? 16.122  -0.335  12.886  1.00 43.84 ? 1707 LYS B N   1 
ATOM   1263 C CA  . LYS B 2 7   ? 16.778  -1.306  13.744  1.00 42.38 ? 1707 LYS B CA  1 
ATOM   1264 C C   . LYS B 2 7   ? 17.394  -2.425  12.887  1.00 40.89 ? 1707 LYS B C   1 
ATOM   1265 O O   . LYS B 2 7   ? 17.073  -2.521  11.702  1.00 40.45 ? 1707 LYS B O   1 
ATOM   1266 C CB  . LYS B 2 7   ? 15.794  -1.835  14.791  1.00 42.58 ? 1707 LYS B CB  1 
ATOM   1267 C CG  . LYS B 2 7   ? 15.697  -1.032  16.063  1.00 44.73 ? 1707 LYS B CG  1 
ATOM   1268 C CD  . LYS B 2 7   ? 14.531  -1.463  16.961  1.00 48.56 ? 1707 LYS B CD  1 
ATOM   1269 C CE  . LYS B 2 7   ? 14.261  -0.404  18.010  1.00 50.35 ? 1707 LYS B CE  1 
ATOM   1270 N NZ  . LYS B 2 7   ? 13.198  -0.916  18.952  1.00 51.09 ? 1707 LYS B NZ  1 
ATOM   1271 N N   . PRO B 2 8   ? 18.315  -3.262  13.458  1.00 39.75 ? 1708 PRO B N   1 
ATOM   1272 C CA  . PRO B 2 8   ? 18.875  -4.391  12.678  1.00 38.83 ? 1708 PRO B CA  1 
ATOM   1273 C C   . PRO B 2 8   ? 17.770  -5.348  12.252  1.00 38.13 ? 1708 PRO B C   1 
ATOM   1274 O O   . PRO B 2 8   ? 16.828  -5.554  13.019  1.00 37.60 ? 1708 PRO B O   1 
ATOM   1275 C CB  . PRO B 2 8   ? 19.819  -5.099  13.670  1.00 39.03 ? 1708 PRO B CB  1 
ATOM   1276 C CG  . PRO B 2 8   ? 20.096  -4.118  14.761  1.00 39.15 ? 1708 PRO B CG  1 
ATOM   1277 C CD  . PRO B 2 8   ? 18.946  -3.123  14.790  1.00 39.79 ? 1708 PRO B CD  1 
ATOM   1278 N N   . ARG B 2 9   ? 17.882  -5.921  11.049  1.00 37.16 ? 1709 ARG B N   1 
ATOM   1279 C CA  . ARG B 2 9   ? 16.905  -6.871  10.552  1.00 36.95 ? 1709 ARG B CA  1 
ATOM   1280 C C   . ARG B 2 9   ? 16.716  -8.023  11.535  1.00 37.22 ? 1709 ARG B C   1 
ATOM   1281 O O   . ARG B 2 9   ? 17.685  -8.616  12.014  1.00 36.85 ? 1709 ARG B O   1 
ATOM   1282 C CB  . ARG B 2 9   ? 17.284  -7.425  9.166   1.00 37.24 ? 1709 ARG B CB  1 
ATOM   1283 C CG  . ARG B 2 9   ? 16.153  -8.227  8.528   1.00 37.21 ? 1709 ARG B CG  1 
ATOM   1284 C CD  . ARG B 2 9   ? 16.593  -9.344  7.588   1.00 38.10 ? 1709 ARG B CD  1 
ATOM   1285 N NE  . ARG B 2 9   ? 16.713  -8.871  6.229   1.00 41.54 ? 1709 ARG B NE  1 
ATOM   1286 C CZ  . ARG B 2 9   ? 16.423  -9.598  5.149   1.00 43.60 ? 1709 ARG B CZ  1 
ATOM   1287 N NH1 . ARG B 2 9   ? 15.991  -10.848 5.280   1.00 43.76 ? 1709 ARG B NH1 1 
ATOM   1288 N NH2 . ARG B 2 9   ? 16.544  -9.065  3.934   1.00 41.91 ? 1709 ARG B NH2 1 
ATOM   1289 N N   . HIS B 2 10  ? 15.455  -8.332  11.803  1.00 37.13 ? 1710 HIS B N   1 
ATOM   1290 C CA  . HIS B 2 10  ? 15.054  -9.360  12.752  1.00 37.91 ? 1710 HIS B CA  1 
ATOM   1291 C C   . HIS B 2 10  ? 14.993  -10.692 12.009  1.00 37.19 ? 1710 HIS B C   1 
ATOM   1292 O O   . HIS B 2 10  ? 14.441  -10.775 10.910  1.00 37.16 ? 1710 HIS B O   1 
ATOM   1293 C CB  . HIS B 2 10  ? 13.685  -8.955  13.335  1.00 38.93 ? 1710 HIS B CB  1 
ATOM   1294 C CG  . HIS B 2 10  ? 13.185  -9.815  14.458  1.00 42.80 ? 1710 HIS B CG  1 
ATOM   1295 N ND1 . HIS B 2 10  ? 13.882  -9.994  15.639  1.00 47.15 ? 1710 HIS B ND1 1 
ATOM   1296 C CD2 . HIS B 2 10  ? 12.013  -10.483 14.609  1.00 45.55 ? 1710 HIS B CD2 1 
ATOM   1297 C CE1 . HIS B 2 10  ? 13.179  -10.770 16.451  1.00 46.67 ? 1710 HIS B CE1 1 
ATOM   1298 N NE2 . HIS B 2 10  ? 12.041  -11.078 15.851  1.00 47.61 ? 1710 HIS B NE2 1 
ATOM   1299 N N   . ASP B 2 11  ? 15.617  -11.720 12.583  1.00 36.32 ? 1711 ASP B N   1 
ATOM   1300 C CA  . ASP B 2 11  ? 15.448  -13.094 12.120  1.00 35.29 ? 1711 ASP B CA  1 
ATOM   1301 C C   . ASP B 2 11  ? 13.957  -13.492 12.181  1.00 35.17 ? 1711 ASP B C   1 
ATOM   1302 O O   . ASP B 2 11  ? 13.321  -13.427 13.243  1.00 34.98 ? 1711 ASP B O   1 
ATOM   1303 C CB  . ASP B 2 11  ? 16.330  -14.054 12.951  1.00 35.14 ? 1711 ASP B CB  1 
ATOM   1304 C CG  . ASP B 2 11  ? 16.214  -15.506 12.506  1.00 33.91 ? 1711 ASP B CG  1 
ATOM   1305 O OD1 . ASP B 2 11  ? 16.135  -15.747 11.285  1.00 33.70 ? 1711 ASP B OD1 1 
ATOM   1306 O OD2 . ASP B 2 11  ? 16.210  -16.414 13.371  1.00 31.10 ? 1711 ASP B OD2 1 
ATOM   1307 N N   . SER B 2 12  ? 13.421  -13.875 11.024  1.00 34.99 ? 1712 SER B N   1 
ATOM   1308 C CA  . SER B 2 12  ? 11.988  -14.180 10.828  1.00 35.77 ? 1712 SER B CA  1 
ATOM   1309 C C   . SER B 2 12  ? 10.975  -13.096 11.269  1.00 34.94 ? 1712 SER B C   1 
ATOM   1310 O O   . SER B 2 12  ? 9.836   -13.416 11.627  1.00 35.90 ? 1712 SER B O   1 
ATOM   1311 C CB  . SER B 2 12  ? 11.624  -15.545 11.436  1.00 36.01 ? 1712 SER B CB  1 
ATOM   1312 O OG  . SER B 2 12  ? 11.680  -15.455 12.845  1.00 38.67 ? 1712 SER B OG  1 
ATOM   1313 N N   . GLY B 2 13  ? 11.375  -11.824 11.253  1.00 33.84 ? 1713 GLY B N   1 
ATOM   1314 C CA  . GLY B 2 13  ? 10.415  -10.734 11.435  1.00 31.15 ? 1713 GLY B CA  1 
ATOM   1315 C C   . GLY B 2 13  ? 9.781   -10.426 10.084  1.00 30.17 ? 1713 GLY B C   1 
ATOM   1316 O O   . GLY B 2 13  ? 10.045  -11.107 9.073   1.00 29.31 ? 1713 GLY B O   1 
ATOM   1317 N N   . ILE B 2 14  ? 8.955   -9.388  10.046  1.00 28.55 ? 1714 ILE B N   1 
ATOM   1318 C CA  . ILE B 2 14  ? 8.227   -9.069  8.827   1.00 27.50 ? 1714 ILE B CA  1 
ATOM   1319 C C   . ILE B 2 14  ? 9.104   -8.857  7.588   1.00 26.75 ? 1714 ILE B C   1 
ATOM   1320 O O   . ILE B 2 14  ? 8.806   -9.420  6.536   1.00 25.86 ? 1714 ILE B O   1 
ATOM   1321 C CB  . ILE B 2 14  ? 7.165   -7.935  9.030   1.00 27.23 ? 1714 ILE B CB  1 
ATOM   1322 C CG1 . ILE B 2 14  ? 6.315   -7.809  7.770   1.00 28.40 ? 1714 ILE B CG1 1 
ATOM   1323 C CG2 . ILE B 2 14  ? 7.824   -6.605  9.421   1.00 25.98 ? 1714 ILE B CG2 1 
ATOM   1324 C CD1 . ILE B 2 14  ? 4.861   -7.613  8.035   1.00 28.87 ? 1714 ILE B CD1 1 
ATOM   1325 N N   . LYS B 2 15  ? 10.197  -8.098  7.694   1.00 27.32 ? 1715 LYS B N   1 
ATOM   1326 C CA  . LYS B 2 15  ? 11.038  -7.898  6.498   1.00 28.27 ? 1715 LYS B CA  1 
ATOM   1327 C C   . LYS B 2 15  ? 11.513  -9.248  5.944   1.00 29.39 ? 1715 LYS B C   1 
ATOM   1328 O O   . LYS B 2 15  ? 11.505  -9.472  4.720   1.00 29.26 ? 1715 LYS B O   1 
ATOM   1329 C CB  . LYS B 2 15  ? 12.247  -7.009  6.763   1.00 27.38 ? 1715 LYS B CB  1 
ATOM   1330 C CG  . LYS B 2 15  ? 13.038  -6.700  5.479   1.00 26.68 ? 1715 LYS B CG  1 
ATOM   1331 C CD  . LYS B 2 15  ? 14.062  -5.602  5.696   1.00 24.74 ? 1715 LYS B CD  1 
ATOM   1332 C CE  . LYS B 2 15  ? 14.704  -5.167  4.395   1.00 23.61 ? 1715 LYS B CE  1 
ATOM   1333 N NZ  . LYS B 2 15  ? 15.403  -3.838  4.633   1.00 24.01 ? 1715 LYS B NZ  1 
ATOM   1334 N N   . ALA B 2 16  ? 11.901  -10.137 6.860   1.00 29.92 ? 1716 ALA B N   1 
ATOM   1335 C CA  . ALA B 2 16  ? 12.442  -11.427 6.496   1.00 31.48 ? 1716 ALA B CA  1 
ATOM   1336 C C   . ALA B 2 16  ? 11.375  -12.315 5.881   1.00 32.33 ? 1716 ALA B C   1 
ATOM   1337 O O   . ALA B 2 16  ? 11.634  -12.992 4.887   1.00 32.72 ? 1716 ALA B O   1 
ATOM   1338 C CB  . ALA B 2 16  ? 13.089  -12.112 7.714   1.00 31.39 ? 1716 ALA B CB  1 
ATOM   1339 N N   . LYS B 2 17  ? 10.178  -12.327 6.453   1.00 33.79 ? 1717 LYS B N   1 
ATOM   1340 C CA  . LYS B 2 17  ? 9.106   -13.118 5.853   1.00 35.84 ? 1717 LYS B CA  1 
ATOM   1341 C C   . LYS B 2 17  ? 8.744   -12.629 4.446   1.00 37.04 ? 1717 LYS B C   1 
ATOM   1342 O O   . LYS B 2 17  ? 8.476   -13.436 3.555   1.00 37.52 ? 1717 LYS B O   1 
ATOM   1343 C CB  . LYS B 2 17  ? 7.885   -13.205 6.762   1.00 35.63 ? 1717 LYS B CB  1 
ATOM   1344 C CG  . LYS B 2 17  ? 8.139   -14.025 8.049   1.00 35.89 ? 1717 LYS B CG  1 
ATOM   1345 C CD  . LYS B 2 17  ? 6.886   -14.107 8.957   1.00 35.43 ? 1717 LYS B CD  1 
ATOM   1346 C CE  . LYS B 2 17  ? 6.479   -12.733 9.543   1.00 35.03 ? 1717 LYS B CE  1 
ATOM   1347 N NZ  . LYS B 2 17  ? 5.212   -12.794 10.368  1.00 35.39 ? 1717 LYS B NZ  1 
ATOM   1348 N N   . ILE B 2 18  ? 8.782   -11.319 4.238   1.00 38.21 ? 1718 ILE B N   1 
ATOM   1349 C CA  . ILE B 2 18  ? 8.406   -10.744 2.946   1.00 39.90 ? 1718 ILE B CA  1 
ATOM   1350 C C   . ILE B 2 18  ? 9.475   -10.978 1.860   1.00 41.41 ? 1718 ILE B C   1 
ATOM   1351 O O   . ILE B 2 18  ? 9.145   -11.225 0.697   1.00 41.43 ? 1718 ILE B O   1 
ATOM   1352 C CB  . ILE B 2 18  ? 7.967   -9.250  3.108   1.00 39.66 ? 1718 ILE B CB  1 
ATOM   1353 C CG1 . ILE B 2 18  ? 6.501   -9.210  3.566   1.00 40.61 ? 1718 ILE B CG1 1 
ATOM   1354 C CG2 . ILE B 2 18  ? 8.167   -8.433  1.814   1.00 37.70 ? 1718 ILE B CG2 1 
ATOM   1355 C CD1 . ILE B 2 18  ? 6.154   -8.018  4.379   1.00 41.88 ? 1718 ILE B CD1 1 
ATOM   1356 N N   . SER B 2 19  ? 10.745  -10.931 2.241   1.00 43.20 ? 1719 SER B N   1 
ATOM   1357 C CA  . SER B 2 19  ? 11.836  -11.229 1.298   1.00 45.94 ? 1719 SER B CA  1 
ATOM   1358 C C   . SER B 2 19  ? 11.734  -12.622 0.686   1.00 47.36 ? 1719 SER B C   1 
ATOM   1359 O O   . SER B 2 19  ? 12.180  -12.841 -0.436  1.00 48.23 ? 1719 SER B O   1 
ATOM   1360 C CB  . SER B 2 19  ? 13.191  -11.069 1.973   1.00 45.38 ? 1719 SER B CB  1 
ATOM   1361 O OG  . SER B 2 19  ? 13.250  -9.821  2.641   1.00 46.69 ? 1719 SER B OG  1 
ATOM   1362 N N   . MET B 2 20  ? 11.125  -13.546 1.424   1.00 49.53 ? 1720 MET B N   1 
ATOM   1363 C CA  . MET B 2 20  ? 10.947  -14.935 0.994   1.00 51.56 ? 1720 MET B CA  1 
ATOM   1364 C C   . MET B 2 20  ? 9.737   -15.208 0.108   1.00 52.23 ? 1720 MET B C   1 
ATOM   1365 O O   . MET B 2 20  ? 9.535   -16.342 -0.324  1.00 52.91 ? 1720 MET B O   1 
ATOM   1366 C CB  . MET B 2 20  ? 10.845  -15.830 2.220   1.00 52.13 ? 1720 MET B CB  1 
ATOM   1367 C CG  . MET B 2 20  ? 12.059  -15.766 3.103   1.00 55.68 ? 1720 MET B CG  1 
ATOM   1368 S SD  . MET B 2 20  ? 12.209  -17.289 4.018   1.00 62.80 ? 1720 MET B SD  1 
ATOM   1369 C CE  . MET B 2 20  ? 13.097  -18.289 2.821   1.00 62.44 ? 1720 MET B CE  1 
ATOM   1370 N N   . LYS B 2 21  ? 8.917   -14.192 -0.135  1.00 53.25 ? 1721 LYS B N   1 
ATOM   1371 C CA  . LYS B 2 21  ? 7.710   -14.343 -0.945  1.00 53.82 ? 1721 LYS B CA  1 
ATOM   1372 C C   . LYS B 2 21  ? 8.018   -13.974 -2.383  1.00 54.77 ? 1721 LYS B C   1 
ATOM   1373 O O   . LYS B 2 21  ? 7.260   -14.326 -3.304  1.00 55.69 ? 1721 LYS B O   1 
ATOM   1374 C CB  . LYS B 2 21  ? 6.586   -13.421 -0.445  1.00 53.38 ? 1721 LYS B CB  1 
ATOM   1375 C CG  . LYS B 2 21  ? 6.024   -13.731 0.934   1.00 52.40 ? 1721 LYS B CG  1 
ATOM   1376 C CD  . LYS B 2 21  ? 5.067   -14.921 0.928   1.00 51.90 ? 1721 LYS B CD  1 
ATOM   1377 C CE  . LYS B 2 21  ? 3.683   -14.541 0.483   1.00 50.53 ? 1721 LYS B CE  1 
ATOM   1378 N NZ  . LYS B 2 21  ? 2.719   -15.619 0.838   1.00 50.62 ? 1721 LYS B NZ  1 
ATOM   1379 N N   . THR B 2 22  ? 9.118   -13.247 -2.563  1.00 55.21 ? 1722 THR B N   1 
ATOM   1380 C CA  . THR B 2 22  ? 9.470   -12.652 -3.849  1.00 55.98 ? 1722 THR B CA  1 
ATOM   1381 C C   . THR B 2 22  ? 10.717  -13.282 -4.485  1.00 56.08 ? 1722 THR B C   1 
ATOM   1382 O O   . THR B 2 22  ? 11.366  -14.153 -3.892  1.00 56.37 ? 1722 THR B O   1 
ATOM   1383 C CB  . THR B 2 22  ? 9.657   -11.117 -3.713  1.00 56.39 ? 1722 THR B CB  1 
ATOM   1384 O OG1 . THR B 2 22  ? 10.361  -10.814 -2.495  1.00 57.42 ? 1722 THR B OG1 1 
ATOM   1385 C CG2 . THR B 2 22  ? 8.299   -10.407 -3.709  1.00 56.29 ? 1722 THR B CG2 1 
HETATM 1386 O O   . HOH C 3 .   ? -9.254  5.534   -4.996  1.00 21.24 ? 1    HOH A O   1 
HETATM 1387 O O   . HOH C 3 .   ? 12.728  -9.111  9.485   1.00 28.40 ? 2    HOH A O   1 
HETATM 1388 O O   . HOH C 3 .   ? 9.594   -3.905  9.610   1.00 23.52 ? 3    HOH A O   1 
HETATM 1389 O O   . HOH C 3 .   ? 5.374   7.721   9.838   1.00 28.87 ? 4    HOH A O   1 
HETATM 1390 O O   . HOH C 3 .   ? 11.948  -2.037  6.666   1.00 28.26 ? 5    HOH A O   1 
HETATM 1391 O O   . HOH C 3 .   ? 0.365   12.916  2.473   1.00 28.72 ? 6    HOH A O   1 
HETATM 1392 O O   . HOH C 3 .   ? 7.388   3.353   10.828  1.00 25.14 ? 7    HOH A O   1 
HETATM 1393 O O   . HOH C 3 .   ? -4.187  -11.861 0.918   1.00 30.94 ? 8    HOH A O   1 
HETATM 1394 O O   . HOH C 3 .   ? -15.111 5.132   14.994  1.00 31.32 ? 9    HOH A O   1 
HETATM 1395 O O   . HOH C 3 .   ? -3.463  17.184  -5.171  1.00 28.72 ? 10   HOH A O   1 
HETATM 1396 O O   . HOH C 3 .   ? -10.934 10.565  12.739  1.00 27.56 ? 11   HOH A O   1 
HETATM 1397 O O   . HOH C 3 .   ? -7.890  0.273   -9.837  1.00 33.62 ? 12   HOH A O   1 
HETATM 1398 O O   . HOH C 3 .   ? -11.026 -14.605 -5.817  1.00 38.45 ? 13   HOH A O   1 
HETATM 1399 O O   . HOH C 3 .   ? -3.764  2.286   14.152  1.00 32.63 ? 14   HOH A O   1 
HETATM 1400 O O   . HOH C 3 .   ? -4.340  -3.387  11.640  1.00 31.24 ? 16   HOH A O   1 
HETATM 1401 O O   . HOH C 3 .   ? 0.373   -14.543 -6.725  1.00 36.23 ? 17   HOH A O   1 
HETATM 1402 O O   . HOH C 3 .   ? -12.067 7.707   -0.483  1.00 30.05 ? 238  HOH A O   1 
HETATM 1403 O O   . HOH C 3 .   ? -6.465  -1.555  12.003  1.00 31.87 ? 239  HOH A O   1 
HETATM 1404 O O   . HOH C 3 .   ? 0.886   -9.884  -14.951 1.00 38.38 ? 240  HOH A O   1 
HETATM 1405 O O   . HOH C 3 .   ? -14.543 -6.544  -1.246  1.00 34.31 ? 241  HOH A O   1 
HETATM 1406 O O   . HOH C 3 .   ? -6.922  -17.193 -0.748  1.00 30.44 ? 242  HOH A O   1 
HETATM 1407 O O   . HOH C 3 .   ? 2.477   8.635   9.626   1.00 41.17 ? 243  HOH A O   1 
HETATM 1408 O O   . HOH C 3 .   ? -6.347  -6.148  -10.037 1.00 35.04 ? 244  HOH A O   1 
HETATM 1409 O O   . HOH C 3 .   ? -15.429 10.806  5.454   1.00 32.12 ? 245  HOH A O   1 
HETATM 1410 O O   . HOH C 3 .   ? -0.077  7.014   11.155  1.00 32.37 ? 246  HOH A O   1 
HETATM 1411 O O   . HOH C 3 .   ? 6.361   4.772   -13.055 1.00 35.05 ? 247  HOH A O   1 
HETATM 1412 O O   . HOH C 3 .   ? -5.591  0.270   14.166  1.00 38.65 ? 248  HOH A O   1 
HETATM 1413 O O   . HOH C 3 .   ? -10.328 15.372  -3.793  1.00 55.66 ? 249  HOH A O   1 
HETATM 1414 O O   . HOH C 3 .   ? -12.120 1.290   -10.149 1.00 43.26 ? 250  HOH A O   1 
HETATM 1415 O O   . HOH C 3 .   ? 8.023   -3.615  11.975  1.00 33.68 ? 251  HOH A O   1 
HETATM 1416 O O   . HOH C 3 .   ? -0.584  -16.928 -1.651  1.00 37.47 ? 252  HOH A O   1 
HETATM 1417 O O   . HOH C 3 .   ? -18.282 0.180   -10.352 1.00 46.38 ? 253  HOH A O   1 
HETATM 1418 O O   . HOH C 3 .   ? -17.335 11.339  10.090  1.00 33.83 ? 254  HOH A O   1 
HETATM 1419 O O   . HOH C 3 .   ? 10.208  -7.339  12.372  1.00 48.81 ? 255  HOH A O   1 
HETATM 1420 O O   . HOH C 3 .   ? 12.337  -1.284  -0.708  1.00 39.94 ? 256  HOH A O   1 
HETATM 1421 O O   . HOH C 3 .   ? -3.584  18.843  -0.453  1.00 36.04 ? 257  HOH A O   1 
HETATM 1422 O O   . HOH C 3 .   ? -14.801 13.289  7.588   1.00 43.66 ? 258  HOH A O   1 
HETATM 1423 O O   . HOH C 3 .   ? 5.344   13.255  1.225   1.00 52.08 ? 259  HOH A O   1 
HETATM 1424 O O   . HOH C 3 .   ? -5.222  -19.903 -15.859 1.00 53.79 ? 260  HOH A O   1 
HETATM 1425 O O   . HOH C 3 .   ? 2.169   14.897  2.021   1.00 52.71 ? 261  HOH A O   1 
HETATM 1426 O O   . HOH C 3 .   ? -13.700 1.092   13.735  1.00 48.84 ? 262  HOH A O   1 
HETATM 1427 O O   . HOH C 3 .   ? -4.944  3.274   -13.880 1.00 41.87 ? 263  HOH A O   1 
HETATM 1428 O O   . HOH C 3 .   ? -0.878  2.441   13.981  1.00 44.85 ? 264  HOH A O   1 
HETATM 1429 O O   . HOH C 3 .   ? 10.961  22.766  -7.931  1.00 54.64 ? 265  HOH A O   1 
HETATM 1430 O O   . HOH C 3 .   ? -22.067 -6.442  -10.884 1.00 44.21 ? 266  HOH A O   1 
HETATM 1431 O O   . HOH C 3 .   ? -4.542  20.761  -8.536  1.00 48.53 ? 267  HOH A O   1 
HETATM 1432 O O   . HOH C 3 .   ? 6.845   11.209  0.857   1.00 62.51 ? 268  HOH A O   1 
HETATM 1433 O O   . HOH C 3 .   ? 0.559   18.916  -17.602 1.00 59.09 ? 269  HOH A O   1 
HETATM 1434 O O   . HOH C 3 .   ? 6.548   0.453   17.139  1.00 50.70 ? 270  HOH A O   1 
HETATM 1435 O O   . HOH C 3 .   ? 0.714   -9.193  12.705  1.00 56.99 ? 271  HOH A O   1 
HETATM 1436 O O   . HOH C 3 .   ? -3.648  -11.400 -14.237 1.00 42.42 ? 272  HOH A O   1 
HETATM 1437 O O   . HOH C 3 .   ? 8.757   -0.870  -12.122 1.00 60.72 ? 273  HOH A O   1 
HETATM 1438 O O   . HOH C 3 .   ? 3.394   -12.875 12.655  1.00 38.66 ? 274  HOH A O   1 
HETATM 1439 O O   . HOH C 3 .   ? -11.881 12.342  15.456  1.00 48.16 ? 275  HOH A O   1 
HETATM 1440 O O   . HOH C 3 .   ? 0.674   12.565  5.396   1.00 51.69 ? 276  HOH A O   1 
HETATM 1441 O O   . HOH C 3 .   ? -0.099  20.416  -10.664 1.00 54.06 ? 277  HOH A O   1 
HETATM 1442 O O   . HOH C 3 .   ? 1.529   21.067  -6.363  1.00 52.86 ? 278  HOH A O   1 
HETATM 1443 O O   . HOH C 3 .   ? -9.395  -12.140 -13.154 1.00 55.20 ? 279  HOH A O   1 
HETATM 1444 O O   . HOH C 3 .   ? -3.052  -15.176 -13.799 1.00 52.27 ? 280  HOH A O   1 
HETATM 1445 O O   . HOH C 3 .   ? -15.448 1.131   -3.852  1.00 53.37 ? 281  HOH A O   1 
HETATM 1446 O O   . HOH C 3 .   ? -12.271 -9.102  -7.959  1.00 30.00 ? 282  HOH A O   1 
HETATM 1447 O O   . HOH C 3 .   ? 1.202   -6.484  15.479  1.00 30.00 ? 283  HOH A O   1 
HETATM 1448 O O   . HOH C 3 .   ? 0.060   4.346   11.583  1.00 30.00 ? 284  HOH A O   1 
HETATM 1449 O O   . HOH C 3 .   ? 8.125   -8.297  12.911  1.00 30.00 ? 285  HOH A O   1 
HETATM 1450 O O   . HOH C 3 .   ? -17.858 -15.145 -9.598  1.00 30.00 ? 286  HOH A O   1 
HETATM 1451 O O   . HOH C 3 .   ? -1.422  -10.895 -12.672 1.00 30.00 ? 287  HOH A O   1 
HETATM 1452 O O   . HOH C 3 .   ? -11.909 4.634   -1.697  1.00 30.00 ? 288  HOH A O   1 
HETATM 1453 O O   . HOH C 3 .   ? -7.234  1.209   -12.959 1.00 30.00 ? 289  HOH A O   1 
HETATM 1454 O O   . HOH C 3 .   ? -0.387  -7.094  -13.240 1.00 30.00 ? 290  HOH A O   1 
HETATM 1455 O O   . HOH C 3 .   ? 2.600   0.114   -15.041 1.00 30.00 ? 291  HOH A O   1 
HETATM 1456 O O   . HOH C 3 .   ? 3.295   7.650   -14.352 1.00 30.00 ? 292  HOH A O   1 
HETATM 1457 O O   . HOH C 3 .   ? 3.779   17.370  4.323   1.00 30.00 ? 293  HOH A O   1 
HETATM 1458 O O   . HOH C 3 .   ? -17.825 -5.451  -1.430  1.00 30.00 ? 294  HOH A O   1 
HETATM 1459 O O   . HOH C 3 .   ? 14.580  6.419   -13.350 1.00 30.00 ? 295  HOH A O   1 
HETATM 1460 O O   . HOH C 3 .   ? 14.841  0.470   -14.447 1.00 30.00 ? 296  HOH A O   1 
HETATM 1461 O O   . HOH C 3 .   ? -4.735  -12.867 6.057   1.00 30.00 ? 297  HOH A O   1 
HETATM 1462 O O   . HOH C 3 .   ? -0.205  0.898   -17.636 1.00 30.00 ? 298  HOH A O   1 
HETATM 1463 O O   . HOH C 3 .   ? -8.170  -14.038 -13.004 1.00 30.00 ? 299  HOH A O   1 
HETATM 1464 O O   . HOH C 3 .   ? -3.520  4.569   -15.626 1.00 30.00 ? 300  HOH A O   1 
HETATM 1465 O O   . HOH D 3 .   ? 20.241  -8.485  11.626  1.00 34.20 ? 15   HOH B O   1 
HETATM 1466 O O   . HOH D 3 .   ? 14.790  -16.342 15.529  1.00 44.48 ? 37   HOH B O   1 
HETATM 1467 O O   . HOH D 3 .   ? 7.117   -15.649 3.954   1.00 45.69 ? 43   HOH B O   1 
HETATM 1468 O O   . HOH D 3 .   ? 8.914   -19.141 -0.627  1.00 30.00 ? 66   HOH B O   1 
HETATM 1469 O O   . HOH D 3 .   ? 16.549  4.405   14.622  1.00 30.00 ? 70   HOH B O   1 
HETATM 1470 O O   . HOH D 3 .   ? 16.113  -3.329  2.284   1.00 30.00 ? 74   HOH B O   1 
# 
